data_6GTO
# 
_entry.id   6GTO 
# 
_audit_conform.dict_name       mmcif_pdbx.dic 
_audit_conform.dict_version    5.392 
_audit_conform.dict_location   http://mmcif.pdb.org/dictionaries/ascii/mmcif_pdbx.dic 
# 
loop_
_database_2.database_id 
_database_2.database_code 
_database_2.pdbx_database_accession 
_database_2.pdbx_DOI 
PDB   6GTO         pdb_00006gto 10.2210/pdb6gto/pdb 
WWPDB D_1200010551 ?            ?                   
# 
loop_
_pdbx_audit_revision_history.ordinal 
_pdbx_audit_revision_history.data_content_type 
_pdbx_audit_revision_history.major_revision 
_pdbx_audit_revision_history.minor_revision 
_pdbx_audit_revision_history.revision_date 
1 'Structure model' 1 0 2019-03-06 
2 'Structure model' 1 1 2024-05-15 
# 
_pdbx_audit_revision_details.ordinal             1 
_pdbx_audit_revision_details.revision_ordinal    1 
_pdbx_audit_revision_details.data_content_type   'Structure model' 
_pdbx_audit_revision_details.provider            repository 
_pdbx_audit_revision_details.type                'Initial release' 
_pdbx_audit_revision_details.description         ? 
_pdbx_audit_revision_details.details             ? 
# 
loop_
_pdbx_audit_revision_group.ordinal 
_pdbx_audit_revision_group.revision_ordinal 
_pdbx_audit_revision_group.data_content_type 
_pdbx_audit_revision_group.group 
1 2 'Structure model' 'Data collection'     
2 2 'Structure model' 'Database references' 
# 
loop_
_pdbx_audit_revision_category.ordinal 
_pdbx_audit_revision_category.revision_ordinal 
_pdbx_audit_revision_category.data_content_type 
_pdbx_audit_revision_category.category 
1 2 'Structure model' chem_comp_atom 
2 2 'Structure model' chem_comp_bond 
3 2 'Structure model' database_2     
# 
loop_
_pdbx_audit_revision_item.ordinal 
_pdbx_audit_revision_item.revision_ordinal 
_pdbx_audit_revision_item.data_content_type 
_pdbx_audit_revision_item.item 
1 2 'Structure model' '_database_2.pdbx_DOI'                
2 2 'Structure model' '_database_2.pdbx_database_accession' 
# 
_pdbx_database_status.status_code                     REL 
_pdbx_database_status.status_code_sf                  REL 
_pdbx_database_status.status_code_mr                  ? 
_pdbx_database_status.entry_id                        6GTO 
_pdbx_database_status.recvd_initial_deposition_date   2018-06-18 
_pdbx_database_status.SG_entry                        N 
_pdbx_database_status.deposit_site                    PDBE 
_pdbx_database_status.process_site                    PDBE 
_pdbx_database_status.status_code_cs                  ? 
_pdbx_database_status.methods_development_category    ? 
_pdbx_database_status.pdb_format_compatible           Y 
_pdbx_database_status.status_code_nmr_data            ? 
# 
loop_
_audit_author.name 
_audit_author.pdbx_ordinal 
_audit_author.identifier_ORCID 
'Garcia-Pino, A.' 1 ? 
'Jurenas, D.'     2 ? 
# 
_citation.abstract                  ? 
_citation.abstract_id_CAS           ? 
_citation.book_id_ISBN              ? 
_citation.book_publisher            ? 
_citation.book_publisher_city       ? 
_citation.book_title                ? 
_citation.coordinate_linkage        ? 
_citation.country                   US 
_citation.database_id_Medline       ? 
_citation.details                   ? 
_citation.id                        primary 
_citation.journal_abbrev            'Nat. Chem. Biol.' 
_citation.journal_id_ASTM           ? 
_citation.journal_id_CSD            ? 
_citation.journal_id_ISSN           1552-4469 
_citation.journal_full              ? 
_citation.journal_issue             ? 
_citation.journal_volume            15 
_citation.language                  ? 
_citation.page_first                285 
_citation.page_last                 294 
_citation.title                     'Mechanism of regulation and neutralization of the AtaR-AtaT toxin-antitoxin system.' 
_citation.year                      2019 
_citation.database_id_CSD           ? 
_citation.pdbx_database_id_DOI      10.1038/s41589-018-0216-z 
_citation.pdbx_database_id_PubMed   30718814 
_citation.unpublished_flag          ? 
# 
loop_
_citation_author.citation_id 
_citation_author.name 
_citation_author.ordinal 
_citation_author.identifier_ORCID 
primary 'Jurenas, D.'      1 ?                   
primary 'Van Melderen, L.' 2 0000-0002-7778-1736 
primary 'Garcia-Pino, A.'  3 0000-0002-0634-0300 
# 
loop_
_entity.id 
_entity.type 
_entity.src_method 
_entity.pdbx_description 
_entity.formula_weight 
_entity.pdbx_number_of_molecules 
_entity.pdbx_ec 
_entity.pdbx_mutation 
_entity.pdbx_fragment 
_entity.details 
1 polymer     man 'DUF1778 domain-containing protein' 9925.330 1 ? ? ? ? 
2 non-polymer syn 'SODIUM ION'                        22.990   4 ? ? ? ? 
# 
_entity_name_com.entity_id   1 
_entity_name_com.name        'Toxin-antitoxin system,antitoxin component,ribbon-helix-helix fold protein,Ybl13' 
# 
_entity_poly.entity_id                      1 
_entity_poly.type                           'polypeptide(L)' 
_entity_poly.nstd_linkage                   no 
_entity_poly.nstd_monomer                   no 
_entity_poly.pdbx_seq_one_letter_code       
;MSAVKKQRIDLRLTDDDKSMIEEAAAISNQSVSQFMLNSASQRAAEVIEQHRRVILNEESWTRVMDALSNPPSPGEKLKR
AAKRLQGM
;
_entity_poly.pdbx_seq_one_letter_code_can   
;MSAVKKQRIDLRLTDDDKSMIEEAAAISNQSVSQFMLNSASQRAAEVIEQHRRVILNEESWTRVMDALSNPPSPGEKLKR
AAKRLQGM
;
_entity_poly.pdbx_strand_id                 A 
_entity_poly.pdbx_target_identifier         ? 
# 
_pdbx_entity_nonpoly.entity_id   2 
_pdbx_entity_nonpoly.name        'SODIUM ION' 
_pdbx_entity_nonpoly.comp_id     NA 
# 
loop_
_entity_poly_seq.entity_id 
_entity_poly_seq.num 
_entity_poly_seq.mon_id 
_entity_poly_seq.hetero 
1 1  MET n 
1 2  SER n 
1 3  ALA n 
1 4  VAL n 
1 5  LYS n 
1 6  LYS n 
1 7  GLN n 
1 8  ARG n 
1 9  ILE n 
1 10 ASP n 
1 11 LEU n 
1 12 ARG n 
1 13 LEU n 
1 14 THR n 
1 15 ASP n 
1 16 ASP n 
1 17 ASP n 
1 18 LYS n 
1 19 SER n 
1 20 MET n 
1 21 ILE n 
1 22 GLU n 
1 23 GLU n 
1 24 ALA n 
1 25 ALA n 
1 26 ALA n 
1 27 ILE n 
1 28 SER n 
1 29 ASN n 
1 30 GLN n 
1 31 SER n 
1 32 VAL n 
1 33 SER n 
1 34 GLN n 
1 35 PHE n 
1 36 MET n 
1 37 LEU n 
1 38 ASN n 
1 39 SER n 
1 40 ALA n 
1 41 SER n 
1 42 GLN n 
1 43 ARG n 
1 44 ALA n 
1 45 ALA n 
1 46 GLU n 
1 47 VAL n 
1 48 ILE n 
1 49 GLU n 
1 50 GLN n 
1 51 HIS n 
1 52 ARG n 
1 53 ARG n 
1 54 VAL n 
1 55 ILE n 
1 56 LEU n 
1 57 ASN n 
1 58 GLU n 
1 59 GLU n 
1 60 SER n 
1 61 TRP n 
1 62 THR n 
1 63 ARG n 
1 64 VAL n 
1 65 MET n 
1 66 ASP n 
1 67 ALA n 
1 68 LEU n 
1 69 SER n 
1 70 ASN n 
1 71 PRO n 
1 72 PRO n 
1 73 SER n 
1 74 PRO n 
1 75 GLY n 
1 76 GLU n 
1 77 LYS n 
1 78 LEU n 
1 79 LYS n 
1 80 ARG n 
1 81 ALA n 
1 82 ALA n 
1 83 LYS n 
1 84 ARG n 
1 85 LEU n 
1 86 GLN n 
1 87 GLY n 
1 88 MET n 
# 
_entity_src_gen.entity_id                          1 
_entity_src_gen.pdbx_src_id                        1 
_entity_src_gen.pdbx_alt_source_flag               sample 
_entity_src_gen.pdbx_seq_type                      'Biological sequence' 
_entity_src_gen.pdbx_beg_seq_num                   1 
_entity_src_gen.pdbx_end_seq_num                   88 
_entity_src_gen.gene_src_common_name               ? 
_entity_src_gen.gene_src_genus                     ? 
_entity_src_gen.pdbx_gene_src_gene                 
;ybl13, ybl13_1, A8G17_04185, AA102_09360, AC789_1c38270, ACN002_3543, ACN81_27750, ACU90_15595, AM270_07745, ARC77_13665, AU473_04475, B1K96_23180, B1K96_30445, BHS81_20640, BIZ41_06975, BK292_07330, BMT53_16880, BN17_33961, BTQ04_07040, BWP17_00645, COD46_18440, CR538_01655, CVH05_12360, ERS085366_00076, ERS085374_01548, ERS085383_01733, ERS085404_01502, RX35_03224
;
_entity_src_gen.gene_src_species                   ? 
_entity_src_gen.gene_src_strain                    ? 
_entity_src_gen.gene_src_tissue                    ? 
_entity_src_gen.gene_src_tissue_fraction           ? 
_entity_src_gen.gene_src_details                   ? 
_entity_src_gen.pdbx_gene_src_fragment             ? 
_entity_src_gen.pdbx_gene_src_scientific_name      'Escherichia coli' 
_entity_src_gen.pdbx_gene_src_ncbi_taxonomy_id     562 
_entity_src_gen.pdbx_gene_src_variant              ? 
_entity_src_gen.pdbx_gene_src_cell_line            ? 
_entity_src_gen.pdbx_gene_src_atcc                 ? 
_entity_src_gen.pdbx_gene_src_organ                ? 
_entity_src_gen.pdbx_gene_src_organelle            ? 
_entity_src_gen.pdbx_gene_src_cell                 ? 
_entity_src_gen.pdbx_gene_src_cellular_location    ? 
_entity_src_gen.host_org_common_name               ? 
_entity_src_gen.pdbx_host_org_scientific_name      
;Escherichia coli 'BL21-Gold(DE3)pLysS AG'
;
_entity_src_gen.pdbx_host_org_ncbi_taxonomy_id     866768 
_entity_src_gen.host_org_genus                     ? 
_entity_src_gen.pdbx_host_org_gene                 ? 
_entity_src_gen.pdbx_host_org_organ                ? 
_entity_src_gen.host_org_species                   ? 
_entity_src_gen.pdbx_host_org_tissue               ? 
_entity_src_gen.pdbx_host_org_tissue_fraction      ? 
_entity_src_gen.pdbx_host_org_strain               ? 
_entity_src_gen.pdbx_host_org_variant              ? 
_entity_src_gen.pdbx_host_org_cell_line            ? 
_entity_src_gen.pdbx_host_org_atcc                 ? 
_entity_src_gen.pdbx_host_org_culture_collection   ? 
_entity_src_gen.pdbx_host_org_cell                 ? 
_entity_src_gen.pdbx_host_org_organelle            ? 
_entity_src_gen.pdbx_host_org_cellular_location    ? 
_entity_src_gen.pdbx_host_org_vector_type          ? 
_entity_src_gen.pdbx_host_org_vector               ? 
_entity_src_gen.host_org_details                   ? 
_entity_src_gen.expression_system_id               ? 
_entity_src_gen.plasmid_name                       ? 
_entity_src_gen.plasmid_details                    ? 
_entity_src_gen.pdbx_description                   ? 
# 
loop_
_chem_comp.id 
_chem_comp.type 
_chem_comp.mon_nstd_flag 
_chem_comp.name 
_chem_comp.pdbx_synonyms 
_chem_comp.formula 
_chem_comp.formula_weight 
ALA 'L-peptide linking' y ALANINE         ? 'C3 H7 N O2'     89.093  
ARG 'L-peptide linking' y ARGININE        ? 'C6 H15 N4 O2 1' 175.209 
ASN 'L-peptide linking' y ASPARAGINE      ? 'C4 H8 N2 O3'    132.118 
ASP 'L-peptide linking' y 'ASPARTIC ACID' ? 'C4 H7 N O4'     133.103 
GLN 'L-peptide linking' y GLUTAMINE       ? 'C5 H10 N2 O3'   146.144 
GLU 'L-peptide linking' y 'GLUTAMIC ACID' ? 'C5 H9 N O4'     147.129 
GLY 'peptide linking'   y GLYCINE         ? 'C2 H5 N O2'     75.067  
HIS 'L-peptide linking' y HISTIDINE       ? 'C6 H10 N3 O2 1' 156.162 
ILE 'L-peptide linking' y ISOLEUCINE      ? 'C6 H13 N O2'    131.173 
LEU 'L-peptide linking' y LEUCINE         ? 'C6 H13 N O2'    131.173 
LYS 'L-peptide linking' y LYSINE          ? 'C6 H15 N2 O2 1' 147.195 
MET 'L-peptide linking' y METHIONINE      ? 'C5 H11 N O2 S'  149.211 
NA  non-polymer         . 'SODIUM ION'    ? 'Na 1'           22.990  
PHE 'L-peptide linking' y PHENYLALANINE   ? 'C9 H11 N O2'    165.189 
PRO 'L-peptide linking' y PROLINE         ? 'C5 H9 N O2'     115.130 
SER 'L-peptide linking' y SERINE          ? 'C3 H7 N O3'     105.093 
THR 'L-peptide linking' y THREONINE       ? 'C4 H9 N O3'     119.119 
TRP 'L-peptide linking' y TRYPTOPHAN      ? 'C11 H12 N2 O2'  204.225 
VAL 'L-peptide linking' y VALINE          ? 'C5 H11 N O2'    117.146 
# 
loop_
_pdbx_poly_seq_scheme.asym_id 
_pdbx_poly_seq_scheme.entity_id 
_pdbx_poly_seq_scheme.seq_id 
_pdbx_poly_seq_scheme.mon_id 
_pdbx_poly_seq_scheme.ndb_seq_num 
_pdbx_poly_seq_scheme.pdb_seq_num 
_pdbx_poly_seq_scheme.auth_seq_num 
_pdbx_poly_seq_scheme.pdb_mon_id 
_pdbx_poly_seq_scheme.auth_mon_id 
_pdbx_poly_seq_scheme.pdb_strand_id 
_pdbx_poly_seq_scheme.pdb_ins_code 
_pdbx_poly_seq_scheme.hetero 
A 1 1  MET 1  1  ?  ?   ?   A . n 
A 1 2  SER 2  2  ?  ?   ?   A . n 
A 1 3  ALA 3  3  ?  ?   ?   A . n 
A 1 4  VAL 4  4  ?  ?   ?   A . n 
A 1 5  LYS 5  5  ?  ?   ?   A . n 
A 1 6  LYS 6  6  ?  ?   ?   A . n 
A 1 7  GLN 7  7  ?  ?   ?   A . n 
A 1 8  ARG 8  8  ?  ?   ?   A . n 
A 1 9  ILE 9  9  9  ILE ILE A . n 
A 1 10 ASP 10 10 10 ASP ASP A . n 
A 1 11 LEU 11 11 11 LEU LEU A . n 
A 1 12 ARG 12 12 12 ARG ARG A . n 
A 1 13 LEU 13 13 13 LEU LEU A . n 
A 1 14 THR 14 14 14 THR THR A . n 
A 1 15 ASP 15 15 15 ASP ASP A . n 
A 1 16 ASP 16 16 16 ASP ASP A . n 
A 1 17 ASP 17 17 17 ASP ASP A . n 
A 1 18 LYS 18 18 18 LYS LYS A . n 
A 1 19 SER 19 19 19 SER SER A . n 
A 1 20 MET 20 20 20 MET MET A . n 
A 1 21 ILE 21 21 21 ILE ILE A . n 
A 1 22 GLU 22 22 22 GLU GLU A . n 
A 1 23 GLU 23 23 23 GLU GLU A . n 
A 1 24 ALA 24 24 24 ALA ALA A . n 
A 1 25 ALA 25 25 25 ALA ALA A . n 
A 1 26 ALA 26 26 26 ALA ALA A . n 
A 1 27 ILE 27 27 27 ILE ILE A . n 
A 1 28 SER 28 28 28 SER SER A . n 
A 1 29 ASN 29 29 29 ASN ASN A . n 
A 1 30 GLN 30 30 30 GLN GLN A . n 
A 1 31 SER 31 31 31 SER SER A . n 
A 1 32 VAL 32 32 32 VAL VAL A . n 
A 1 33 SER 33 33 33 SER SER A . n 
A 1 34 GLN 34 34 34 GLN GLN A . n 
A 1 35 PHE 35 35 35 PHE PHE A . n 
A 1 36 MET 36 36 36 MET MET A . n 
A 1 37 LEU 37 37 37 LEU LEU A . n 
A 1 38 ASN 38 38 38 ASN ASN A . n 
A 1 39 SER 39 39 39 SER SER A . n 
A 1 40 ALA 40 40 40 ALA ALA A . n 
A 1 41 SER 41 41 41 SER SER A . n 
A 1 42 GLN 42 42 42 GLN GLN A . n 
A 1 43 ARG 43 43 43 ARG ARG A . n 
A 1 44 ALA 44 44 44 ALA ALA A . n 
A 1 45 ALA 45 45 45 ALA ALA A . n 
A 1 46 GLU 46 46 46 GLU GLU A . n 
A 1 47 VAL 47 47 47 VAL VAL A . n 
A 1 48 ILE 48 48 48 ILE ILE A . n 
A 1 49 GLU 49 49 49 GLU GLU A . n 
A 1 50 GLN 50 50 50 GLN GLN A . n 
A 1 51 HIS 51 51 51 HIS HIS A . n 
A 1 52 ARG 52 52 52 ARG ARG A . n 
A 1 53 ARG 53 53 53 ARG ARG A . n 
A 1 54 VAL 54 54 54 VAL VAL A . n 
A 1 55 ILE 55 55 55 ILE ILE A . n 
A 1 56 LEU 56 56 56 LEU LEU A . n 
A 1 57 ASN 57 57 57 ASN ASN A . n 
A 1 58 GLU 58 58 58 GLU GLU A . n 
A 1 59 GLU 59 59 59 GLU GLU A . n 
A 1 60 SER 60 60 60 SER SER A . n 
A 1 61 TRP 61 61 61 TRP TRP A . n 
A 1 62 THR 62 62 62 THR THR A . n 
A 1 63 ARG 63 63 63 ARG ARG A . n 
A 1 64 VAL 64 64 64 VAL VAL A . n 
A 1 65 MET 65 65 65 MET MET A . n 
A 1 66 ASP 66 66 66 ASP ASP A . n 
A 1 67 ALA 67 67 67 ALA ALA A . n 
A 1 68 LEU 68 68 68 LEU LEU A . n 
A 1 69 SER 69 69 69 SER SER A . n 
A 1 70 ASN 70 70 70 ASN ASN A . n 
A 1 71 PRO 71 71 ?  ?   ?   A . n 
A 1 72 PRO 72 72 ?  ?   ?   A . n 
A 1 73 SER 73 73 ?  ?   ?   A . n 
A 1 74 PRO 74 74 ?  ?   ?   A . n 
A 1 75 GLY 75 75 ?  ?   ?   A . n 
A 1 76 GLU 76 76 ?  ?   ?   A . n 
A 1 77 LYS 77 77 ?  ?   ?   A . n 
A 1 78 LEU 78 78 ?  ?   ?   A . n 
A 1 79 LYS 79 79 ?  ?   ?   A . n 
A 1 80 ARG 80 80 ?  ?   ?   A . n 
A 1 81 ALA 81 81 ?  ?   ?   A . n 
A 1 82 ALA 82 82 ?  ?   ?   A . n 
A 1 83 LYS 83 83 ?  ?   ?   A . n 
A 1 84 ARG 84 84 ?  ?   ?   A . n 
A 1 85 LEU 85 85 ?  ?   ?   A . n 
A 1 86 GLN 86 86 ?  ?   ?   A . n 
A 1 87 GLY 87 87 ?  ?   ?   A . n 
A 1 88 MET 88 88 ?  ?   ?   A . n 
# 
loop_
_pdbx_nonpoly_scheme.asym_id 
_pdbx_nonpoly_scheme.entity_id 
_pdbx_nonpoly_scheme.mon_id 
_pdbx_nonpoly_scheme.ndb_seq_num 
_pdbx_nonpoly_scheme.pdb_seq_num 
_pdbx_nonpoly_scheme.auth_seq_num 
_pdbx_nonpoly_scheme.pdb_mon_id 
_pdbx_nonpoly_scheme.auth_mon_id 
_pdbx_nonpoly_scheme.pdb_strand_id 
_pdbx_nonpoly_scheme.pdb_ins_code 
B 2 NA 1 101 1 NA NA A . 
C 2 NA 1 102 2 NA NA A . 
D 2 NA 1 103 3 NA NA A . 
E 2 NA 1 104 4 NA NA A . 
# 
loop_
_pdbx_unobs_or_zero_occ_atoms.id 
_pdbx_unobs_or_zero_occ_atoms.PDB_model_num 
_pdbx_unobs_or_zero_occ_atoms.polymer_flag 
_pdbx_unobs_or_zero_occ_atoms.occupancy_flag 
_pdbx_unobs_or_zero_occ_atoms.auth_asym_id 
_pdbx_unobs_or_zero_occ_atoms.auth_comp_id 
_pdbx_unobs_or_zero_occ_atoms.auth_seq_id 
_pdbx_unobs_or_zero_occ_atoms.PDB_ins_code 
_pdbx_unobs_or_zero_occ_atoms.auth_atom_id 
_pdbx_unobs_or_zero_occ_atoms.label_alt_id 
_pdbx_unobs_or_zero_occ_atoms.label_asym_id 
_pdbx_unobs_or_zero_occ_atoms.label_comp_id 
_pdbx_unobs_or_zero_occ_atoms.label_seq_id 
_pdbx_unobs_or_zero_occ_atoms.label_atom_id 
1  1 Y 1 A ASP 10 ? CG  ? A ASP 10 CG  
2  1 Y 1 A ASP 10 ? OD1 ? A ASP 10 OD1 
3  1 Y 1 A ASP 10 ? OD2 ? A ASP 10 OD2 
4  1 Y 1 A LEU 11 ? CG  ? A LEU 11 CG  
5  1 Y 1 A LEU 11 ? CD1 ? A LEU 11 CD1 
6  1 Y 1 A LEU 11 ? CD2 ? A LEU 11 CD2 
7  1 Y 1 A ARG 12 ? CG  ? A ARG 12 CG  
8  1 Y 1 A ARG 12 ? CD  ? A ARG 12 CD  
9  1 Y 1 A ARG 12 ? NE  ? A ARG 12 NE  
10 1 Y 1 A ARG 12 ? CZ  ? A ARG 12 CZ  
11 1 Y 1 A ARG 12 ? NH1 ? A ARG 12 NH1 
12 1 Y 1 A ARG 12 ? NH2 ? A ARG 12 NH2 
13 1 Y 1 A LEU 13 ? CD1 ? A LEU 13 CD1 
14 1 Y 1 A LEU 13 ? CD2 ? A LEU 13 CD2 
15 1 Y 1 A LYS 18 ? CD  ? A LYS 18 CD  
16 1 Y 1 A LYS 18 ? CE  ? A LYS 18 CE  
17 1 Y 1 A LYS 18 ? NZ  ? A LYS 18 NZ  
18 1 Y 1 A SER 33 ? OG  ? A SER 33 OG  
19 1 Y 1 A GLU 58 ? CG  ? A GLU 58 CG  
20 1 Y 1 A GLU 58 ? CD  ? A GLU 58 CD  
21 1 Y 1 A GLU 58 ? OE1 ? A GLU 58 OE1 
22 1 Y 1 A GLU 58 ? OE2 ? A GLU 58 OE2 
23 1 Y 1 A GLU 59 ? CG  ? A GLU 59 CG  
24 1 Y 1 A GLU 59 ? CD  ? A GLU 59 CD  
25 1 Y 1 A GLU 59 ? OE1 ? A GLU 59 OE1 
26 1 Y 1 A GLU 59 ? OE2 ? A GLU 59 OE2 
27 1 Y 1 A ARG 63 ? CD  ? A ARG 63 CD  
28 1 Y 1 A ARG 63 ? NE  ? A ARG 63 NE  
29 1 Y 1 A ARG 63 ? CZ  ? A ARG 63 CZ  
30 1 Y 1 A ARG 63 ? NH1 ? A ARG 63 NH1 
31 1 Y 1 A ARG 63 ? NH2 ? A ARG 63 NH2 
32 1 Y 1 A ASP 66 ? CG  ? A ASP 66 CG  
33 1 Y 1 A ASP 66 ? OD1 ? A ASP 66 OD1 
34 1 Y 1 A ASP 66 ? OD2 ? A ASP 66 OD2 
35 1 Y 1 A LEU 68 ? CG  ? A LEU 68 CG  
36 1 Y 1 A LEU 68 ? CD1 ? A LEU 68 CD1 
37 1 Y 1 A LEU 68 ? CD2 ? A LEU 68 CD2 
# 
loop_
_software.citation_id 
_software.classification 
_software.compiler_name 
_software.compiler_version 
_software.contact_author 
_software.contact_author_email 
_software.date 
_software.description 
_software.dependencies 
_software.hardware 
_software.language 
_software.location 
_software.mods 
_software.name 
_software.os 
_software.os_version 
_software.type 
_software.version 
_software.pdbx_ordinal 
? refinement       ? ? ? ? ? ? ? ? ? ? ? BUSTER ? ? ? 2.10.3 1 
? 'data reduction' ? ? ? ? ? ? ? ? ? ? ? XDS    ? ? ? .      2 
? 'data scaling'   ? ? ? ? ? ? ? ? ? ? ? XDS    ? ? ? .      3 
? phasing          ? ? ? ? ? ? ? ? ? ? ? PHASER ? ? ? .      4 
# 
_cell.angle_alpha                  90.00 
_cell.angle_alpha_esd              ? 
_cell.angle_beta                   90.00 
_cell.angle_beta_esd               ? 
_cell.angle_gamma                  120.00 
_cell.angle_gamma_esd              ? 
_cell.entry_id                     6GTO 
_cell.details                      ? 
_cell.formula_units_Z              ? 
_cell.length_a                     56.000 
_cell.length_a_esd                 ? 
_cell.length_b                     56.000 
_cell.length_b_esd                 ? 
_cell.length_c                     165.810 
_cell.length_c_esd                 ? 
_cell.volume                       ? 
_cell.volume_esd                   ? 
_cell.Z_PDB                        12 
_cell.reciprocal_angle_alpha       ? 
_cell.reciprocal_angle_beta        ? 
_cell.reciprocal_angle_gamma       ? 
_cell.reciprocal_angle_alpha_esd   ? 
_cell.reciprocal_angle_beta_esd    ? 
_cell.reciprocal_angle_gamma_esd   ? 
_cell.reciprocal_length_a          ? 
_cell.reciprocal_length_b          ? 
_cell.reciprocal_length_c          ? 
_cell.reciprocal_length_a_esd      ? 
_cell.reciprocal_length_b_esd      ? 
_cell.reciprocal_length_c_esd      ? 
_cell.pdbx_unique_axis             ? 
# 
_symmetry.entry_id                         6GTO 
_symmetry.cell_setting                     ? 
_symmetry.Int_Tables_number                178 
_symmetry.space_group_name_Hall            ? 
_symmetry.space_group_name_H-M             'P 61 2 2' 
_symmetry.pdbx_full_space_group_name_H-M   ? 
# 
_exptl.absorpt_coefficient_mu     ? 
_exptl.absorpt_correction_T_max   ? 
_exptl.absorpt_correction_T_min   ? 
_exptl.absorpt_correction_type    ? 
_exptl.absorpt_process_details    ? 
_exptl.entry_id                   6GTO 
_exptl.crystals_number            1 
_exptl.details                    ? 
_exptl.method                     'X-RAY DIFFRACTION' 
_exptl.method_details             ? 
# 
_exptl_crystal.colour                      ? 
_exptl_crystal.density_diffrn              ? 
_exptl_crystal.density_Matthews            3.78 
_exptl_crystal.density_method              ? 
_exptl_crystal.density_percent_sol         67.47 
_exptl_crystal.description                 ? 
_exptl_crystal.F_000                       ? 
_exptl_crystal.id                          1 
_exptl_crystal.preparation                 ? 
_exptl_crystal.size_max                    ? 
_exptl_crystal.size_mid                    ? 
_exptl_crystal.size_min                    ? 
_exptl_crystal.size_rad                    ? 
_exptl_crystal.colour_lustre               ? 
_exptl_crystal.colour_modifier             ? 
_exptl_crystal.colour_primary              ? 
_exptl_crystal.density_meas                ? 
_exptl_crystal.density_meas_esd            ? 
_exptl_crystal.density_meas_gt             ? 
_exptl_crystal.density_meas_lt             ? 
_exptl_crystal.density_meas_temp           ? 
_exptl_crystal.density_meas_temp_esd       ? 
_exptl_crystal.density_meas_temp_gt        ? 
_exptl_crystal.density_meas_temp_lt        ? 
_exptl_crystal.pdbx_crystal_image_url      ? 
_exptl_crystal.pdbx_crystal_image_format   ? 
_exptl_crystal.pdbx_mosaicity              ? 
_exptl_crystal.pdbx_mosaicity_esd          ? 
# 
_exptl_crystal_grow.apparatus       ? 
_exptl_crystal_grow.atmosphere      ? 
_exptl_crystal_grow.crystal_id      1 
_exptl_crystal_grow.details         ? 
_exptl_crystal_grow.method          'VAPOR DIFFUSION, SITTING DROP' 
_exptl_crystal_grow.method_ref      ? 
_exptl_crystal_grow.pH              7.0 
_exptl_crystal_grow.pressure        ? 
_exptl_crystal_grow.pressure_esd    ? 
_exptl_crystal_grow.seeding         ? 
_exptl_crystal_grow.seeding_ref     ? 
_exptl_crystal_grow.temp            298 
_exptl_crystal_grow.temp_details    ? 
_exptl_crystal_grow.temp_esd        ? 
_exptl_crystal_grow.time            ? 
_exptl_crystal_grow.pdbx_details    '35%(v/v) 1,4-dioxane' 
_exptl_crystal_grow.pdbx_pH_range   ? 
# 
_diffrn.ambient_environment    ? 
_diffrn.ambient_temp           100 
_diffrn.ambient_temp_details   ? 
_diffrn.ambient_temp_esd       ? 
_diffrn.crystal_id             1 
_diffrn.crystal_support        ? 
_diffrn.crystal_treatment      ? 
_diffrn.details                ? 
_diffrn.id                     1 
_diffrn.ambient_pressure       ? 
_diffrn.ambient_pressure_esd   ? 
_diffrn.ambient_pressure_gt    ? 
_diffrn.ambient_pressure_lt    ? 
_diffrn.ambient_temp_gt        ? 
_diffrn.ambient_temp_lt        ? 
# 
_diffrn_detector.details                      ? 
_diffrn_detector.detector                     PIXEL 
_diffrn_detector.diffrn_id                    1 
_diffrn_detector.type                         'DECTRIS PILATUS 6M' 
_diffrn_detector.area_resol_mean              ? 
_diffrn_detector.dtime                        ? 
_diffrn_detector.pdbx_frames_total            ? 
_diffrn_detector.pdbx_collection_time_total   ? 
_diffrn_detector.pdbx_collection_date         2015-05-18 
# 
_diffrn_radiation.collimation                      ? 
_diffrn_radiation.diffrn_id                        1 
_diffrn_radiation.filter_edge                      ? 
_diffrn_radiation.inhomogeneity                    ? 
_diffrn_radiation.monochromator                    ? 
_diffrn_radiation.polarisn_norm                    ? 
_diffrn_radiation.polarisn_ratio                   ? 
_diffrn_radiation.probe                            ? 
_diffrn_radiation.type                             ? 
_diffrn_radiation.xray_symbol                      ? 
_diffrn_radiation.wavelength_id                    1 
_diffrn_radiation.pdbx_monochromatic_or_laue_m_l   M 
_diffrn_radiation.pdbx_wavelength_list             ? 
_diffrn_radiation.pdbx_wavelength                  ? 
_diffrn_radiation.pdbx_diffrn_protocol             'SINGLE WAVELENGTH' 
_diffrn_radiation.pdbx_analyzer                    ? 
_diffrn_radiation.pdbx_scattering_type             x-ray 
# 
_diffrn_radiation_wavelength.id           1 
_diffrn_radiation_wavelength.wavelength   0.9793 
_diffrn_radiation_wavelength.wt           1.0 
# 
_diffrn_source.current                     ? 
_diffrn_source.details                     ? 
_diffrn_source.diffrn_id                   1 
_diffrn_source.power                       ? 
_diffrn_source.size                        ? 
_diffrn_source.source                      SYNCHROTRON 
_diffrn_source.target                      ? 
_diffrn_source.type                        'SOLEIL BEAMLINE PROXIMA 1' 
_diffrn_source.voltage                     ? 
_diffrn_source.take-off_angle              ? 
_diffrn_source.pdbx_wavelength_list        0.9793 
_diffrn_source.pdbx_wavelength             ? 
_diffrn_source.pdbx_synchrotron_beamline   'PROXIMA 1' 
_diffrn_source.pdbx_synchrotron_site       SOLEIL 
# 
_reflns.B_iso_Wilson_estimate            117.70 
_reflns.entry_id                         6GTO 
_reflns.data_reduction_details           ? 
_reflns.data_reduction_method            ? 
_reflns.d_resolution_high                2.97 
_reflns.d_resolution_low                 41.86 
_reflns.details                          ? 
_reflns.limit_h_max                      ? 
_reflns.limit_h_min                      ? 
_reflns.limit_k_max                      ? 
_reflns.limit_k_min                      ? 
_reflns.limit_l_max                      ? 
_reflns.limit_l_min                      ? 
_reflns.number_all                       ? 
_reflns.number_obs                       3575 
_reflns.observed_criterion               ? 
_reflns.observed_criterion_F_max         ? 
_reflns.observed_criterion_F_min         ? 
_reflns.observed_criterion_I_max         ? 
_reflns.observed_criterion_I_min         ? 
_reflns.observed_criterion_sigma_F       ? 
_reflns.observed_criterion_sigma_I       ? 
_reflns.percent_possible_obs             99.61 
_reflns.R_free_details                   ? 
_reflns.Rmerge_F_all                     ? 
_reflns.Rmerge_F_obs                     ? 
_reflns.Friedel_coverage                 ? 
_reflns.number_gt                        ? 
_reflns.threshold_expression             ? 
_reflns.pdbx_redundancy                  5.5 
_reflns.pdbx_Rmerge_I_obs                0.056 
_reflns.pdbx_Rmerge_I_all                ? 
_reflns.pdbx_Rsym_value                  ? 
_reflns.pdbx_netI_over_av_sigmaI         ? 
_reflns.pdbx_netI_over_sigmaI            9.58 
_reflns.pdbx_res_netI_over_av_sigmaI_2   ? 
_reflns.pdbx_res_netI_over_sigmaI_2      ? 
_reflns.pdbx_chi_squared                 ? 
_reflns.pdbx_scaling_rejects             ? 
_reflns.pdbx_d_res_high_opt              ? 
_reflns.pdbx_d_res_low_opt               ? 
_reflns.pdbx_d_res_opt_method            ? 
_reflns.phase_calculation_details        ? 
_reflns.pdbx_Rrim_I_all                  ? 
_reflns.pdbx_Rpim_I_all                  ? 
_reflns.pdbx_d_opt                       ? 
_reflns.pdbx_number_measured_all         ? 
_reflns.pdbx_diffrn_id                   1 
_reflns.pdbx_ordinal                     1 
_reflns.pdbx_CC_half                     ? 
_reflns.pdbx_R_split                     ? 
# 
_reflns_shell.d_res_high                  2.97 
_reflns_shell.d_res_low                   3.08 
_reflns_shell.meanI_over_sigI_all         ? 
_reflns_shell.meanI_over_sigI_obs         ? 
_reflns_shell.number_measured_all         ? 
_reflns_shell.number_measured_obs         ? 
_reflns_shell.number_possible             ? 
_reflns_shell.number_unique_all           ? 
_reflns_shell.number_unique_obs           ? 
_reflns_shell.percent_possible_all        99.42 
_reflns_shell.percent_possible_obs        ? 
_reflns_shell.Rmerge_F_all                ? 
_reflns_shell.Rmerge_F_obs                ? 
_reflns_shell.Rmerge_I_all                ? 
_reflns_shell.Rmerge_I_obs                1.482 
_reflns_shell.meanI_over_sigI_gt          ? 
_reflns_shell.meanI_over_uI_all           ? 
_reflns_shell.meanI_over_uI_gt            ? 
_reflns_shell.number_measured_gt          ? 
_reflns_shell.number_unique_gt            ? 
_reflns_shell.percent_possible_gt         ? 
_reflns_shell.Rmerge_F_gt                 ? 
_reflns_shell.Rmerge_I_gt                 ? 
_reflns_shell.pdbx_redundancy             ? 
_reflns_shell.pdbx_Rsym_value             ? 
_reflns_shell.pdbx_chi_squared            ? 
_reflns_shell.pdbx_netI_over_sigmaI_all   ? 
_reflns_shell.pdbx_netI_over_sigmaI_obs   ? 
_reflns_shell.pdbx_Rrim_I_all             ? 
_reflns_shell.pdbx_Rpim_I_all             ? 
_reflns_shell.pdbx_rejects                ? 
_reflns_shell.pdbx_ordinal                1 
_reflns_shell.pdbx_diffrn_id              1 
_reflns_shell.pdbx_CC_half                0.538 
_reflns_shell.pdbx_R_split                ? 
# 
_refine.aniso_B[1][1]                            -6.58550 
_refine.aniso_B[1][2]                            0.00000 
_refine.aniso_B[1][3]                            0.00000 
_refine.aniso_B[2][2]                            -6.58550 
_refine.aniso_B[2][3]                            0.00000 
_refine.aniso_B[3][3]                            13.17100 
_refine.B_iso_max                                ? 
_refine.B_iso_mean                               134.29 
_refine.B_iso_min                                ? 
_refine.correlation_coeff_Fo_to_Fc               0.930 
_refine.correlation_coeff_Fo_to_Fc_free          0.893 
_refine.details                                  ? 
_refine.diff_density_max                         ? 
_refine.diff_density_max_esd                     ? 
_refine.diff_density_min                         ? 
_refine.diff_density_min_esd                     ? 
_refine.diff_density_rms                         ? 
_refine.diff_density_rms_esd                     ? 
_refine.entry_id                                 6GTO 
_refine.pdbx_refine_id                           'X-RAY DIFFRACTION' 
_refine.ls_abs_structure_details                 ? 
_refine.ls_abs_structure_Flack                   ? 
_refine.ls_abs_structure_Flack_esd               ? 
_refine.ls_abs_structure_Rogers                  ? 
_refine.ls_abs_structure_Rogers_esd              ? 
_refine.ls_d_res_high                            2.97 
_refine.ls_d_res_low                             41.86 
_refine.ls_extinction_coef                       ? 
_refine.ls_extinction_coef_esd                   ? 
_refine.ls_extinction_expression                 ? 
_refine.ls_extinction_method                     ? 
_refine.ls_goodness_of_fit_all                   ? 
_refine.ls_goodness_of_fit_all_esd               ? 
_refine.ls_goodness_of_fit_obs                   ? 
_refine.ls_goodness_of_fit_obs_esd               ? 
_refine.ls_hydrogen_treatment                    ? 
_refine.ls_matrix_type                           ? 
_refine.ls_number_constraints                    ? 
_refine.ls_number_parameters                     ? 
_refine.ls_number_reflns_all                     ? 
_refine.ls_number_reflns_obs                     3576 
_refine.ls_number_reflns_R_free                  179 
_refine.ls_number_reflns_R_work                  ? 
_refine.ls_number_restraints                     ? 
_refine.ls_percent_reflns_obs                    99.7 
_refine.ls_percent_reflns_R_free                 5.010 
_refine.ls_R_factor_all                          ? 
_refine.ls_R_factor_obs                          0.236 
_refine.ls_R_factor_R_free                       0.266 
_refine.ls_R_factor_R_free_error                 ? 
_refine.ls_R_factor_R_free_error_details         ? 
_refine.ls_R_factor_R_work                       0.234 
_refine.ls_R_Fsqd_factor_obs                     ? 
_refine.ls_R_I_factor_obs                        ? 
_refine.ls_redundancy_reflns_all                 ? 
_refine.ls_redundancy_reflns_obs                 ? 
_refine.ls_restrained_S_all                      ? 
_refine.ls_restrained_S_obs                      ? 
_refine.ls_shift_over_esd_max                    ? 
_refine.ls_shift_over_esd_mean                   ? 
_refine.ls_structure_factor_coef                 ? 
_refine.ls_weighting_details                     ? 
_refine.ls_weighting_scheme                      ? 
_refine.ls_wR_factor_all                         ? 
_refine.ls_wR_factor_obs                         ? 
_refine.ls_wR_factor_R_free                      ? 
_refine.ls_wR_factor_R_work                      ? 
_refine.occupancy_max                            ? 
_refine.occupancy_min                            ? 
_refine.solvent_model_details                    ? 
_refine.solvent_model_param_bsol                 ? 
_refine.solvent_model_param_ksol                 ? 
_refine.ls_R_factor_gt                           ? 
_refine.ls_goodness_of_fit_gt                    ? 
_refine.ls_goodness_of_fit_ref                   ? 
_refine.ls_shift_over_su_max                     ? 
_refine.ls_shift_over_su_max_lt                  ? 
_refine.ls_shift_over_su_mean                    ? 
_refine.ls_shift_over_su_mean_lt                 ? 
_refine.pdbx_ls_sigma_I                          ? 
_refine.pdbx_ls_sigma_F                          0.000 
_refine.pdbx_ls_sigma_Fsqd                       ? 
_refine.pdbx_data_cutoff_high_absF               ? 
_refine.pdbx_data_cutoff_high_rms_absF           ? 
_refine.pdbx_data_cutoff_low_absF                ? 
_refine.pdbx_isotropic_thermal_model             ? 
_refine.pdbx_ls_cross_valid_method               THROUGHOUT 
_refine.pdbx_method_to_determine_struct          'MOLECULAR REPLACEMENT' 
_refine.pdbx_starting_model                      ? 
_refine.pdbx_stereochemistry_target_values       ? 
_refine.pdbx_R_Free_selection_details            RANDOM 
_refine.pdbx_stereochem_target_val_spec_case     ? 
_refine.pdbx_overall_ESU_R                       ? 
_refine.pdbx_overall_ESU_R_Free                  ? 
_refine.pdbx_solvent_vdw_probe_radii             ? 
_refine.pdbx_solvent_ion_probe_radii             ? 
_refine.pdbx_solvent_shrinkage_radii             ? 
_refine.pdbx_real_space_R                        ? 
_refine.pdbx_density_correlation                 ? 
_refine.pdbx_pd_number_of_powder_patterns        ? 
_refine.pdbx_pd_number_of_points                 ? 
_refine.pdbx_pd_meas_number_of_points            ? 
_refine.pdbx_pd_proc_ls_prof_R_factor            ? 
_refine.pdbx_pd_proc_ls_prof_wR_factor           ? 
_refine.pdbx_pd_Marquardt_correlation_coeff      ? 
_refine.pdbx_pd_Fsqrd_R_factor                   ? 
_refine.pdbx_pd_ls_matrix_band_width             ? 
_refine.pdbx_overall_phase_error                 ? 
_refine.pdbx_overall_SU_R_free_Cruickshank_DPI   0.283 
_refine.pdbx_overall_SU_R_free_Blow_DPI          0.295 
_refine.pdbx_overall_SU_R_Blow_DPI               0.400 
_refine.pdbx_TLS_residual_ADP_flag               ? 
_refine.pdbx_diffrn_id                           1 
_refine.overall_SU_B                             ? 
_refine.overall_SU_ML                            ? 
_refine.overall_SU_R_Cruickshank_DPI             0.359 
_refine.overall_SU_R_free                        ? 
_refine.overall_FOM_free_R_set                   ? 
_refine.overall_FOM_work_R_set                   ? 
_refine.pdbx_average_fsc_overall                 ? 
_refine.pdbx_average_fsc_work                    ? 
_refine.pdbx_average_fsc_free                    ? 
# 
_refine_analyze.entry_id                        6GTO 
_refine_analyze.pdbx_refine_id                  'X-RAY DIFFRACTION' 
_refine_analyze.Luzzati_coordinate_error_free   ? 
_refine_analyze.Luzzati_coordinate_error_obs    0.56 
_refine_analyze.Luzzati_d_res_low_free          ? 
_refine_analyze.Luzzati_d_res_low_obs           ? 
_refine_analyze.Luzzati_sigma_a_free            ? 
_refine_analyze.Luzzati_sigma_a_free_details    ? 
_refine_analyze.Luzzati_sigma_a_obs             ? 
_refine_analyze.Luzzati_sigma_a_obs_details     ? 
_refine_analyze.number_disordered_residues      ? 
_refine_analyze.occupancy_sum_hydrogen          ? 
_refine_analyze.occupancy_sum_non_hydrogen      ? 
_refine_analyze.RG_d_res_high                   ? 
_refine_analyze.RG_d_res_low                    ? 
_refine_analyze.RG_free                         ? 
_refine_analyze.RG_work                         ? 
_refine_analyze.RG_free_work_ratio              ? 
_refine_analyze.pdbx_Luzzati_d_res_high_obs     ? 
# 
_refine_hist.pdbx_refine_id                   'X-RAY DIFFRACTION' 
_refine_hist.cycle_id                         1 
_refine_hist.pdbx_number_atoms_protein        460 
_refine_hist.pdbx_number_atoms_nucleic_acid   0 
_refine_hist.pdbx_number_atoms_ligand         4 
_refine_hist.number_atoms_solvent             0 
_refine_hist.number_atoms_total               464 
_refine_hist.d_res_high                       2.97 
_refine_hist.d_res_low                        41.86 
# 
loop_
_refine_ls_restr.pdbx_refine_id 
_refine_ls_restr.criterion 
_refine_ls_restr.dev_ideal 
_refine_ls_restr.dev_ideal_target 
_refine_ls_restr.number 
_refine_ls_restr.rejects 
_refine_ls_restr.type 
_refine_ls_restr.weight 
_refine_ls_restr.pdbx_restraint_function 
'X-RAY DIFFRACTION' ? 0.010 ? 463 ? t_bond_d                  2.00  HARMONIC     
'X-RAY DIFFRACTION' ? 1.20  ? 627 ? t_angle_deg               2.00  HARMONIC     
'X-RAY DIFFRACTION' ? ?     ? 164 ? t_dihedral_angle_d        2.00  SINUSOIDAL   
'X-RAY DIFFRACTION' ? ?     ? ?   ? t_incorr_chiral_ct        ?     ?            
'X-RAY DIFFRACTION' ? ?     ? ?   ? t_pseud_angle             ?     ?            
'X-RAY DIFFRACTION' ? ?     ? ?   ? t_trig_c_planes           ?     ?            
'X-RAY DIFFRACTION' ? ?     ? 83  ? t_gen_planes              5.00  HARMONIC     
'X-RAY DIFFRACTION' ? ?     ? 463 ? t_it                      20.00 HARMONIC     
'X-RAY DIFFRACTION' ? ?     ? 1   ? t_nbd                     5.00  SEMIHARMONIC 
'X-RAY DIFFRACTION' ? 2.15  ? ?   ? t_omega_torsion           ?     ?            
'X-RAY DIFFRACTION' ? 19.05 ? ?   ? t_other_torsion           ?     ?            
'X-RAY DIFFRACTION' ? ?     ? ?   ? t_improper_torsion        ?     ?            
'X-RAY DIFFRACTION' ? ?     ? 69  ? t_chiral_improper_torsion 5.00  SEMIHARMONIC 
'X-RAY DIFFRACTION' ? ?     ? ?   ? t_sum_occupancies         ?     ?            
'X-RAY DIFFRACTION' ? ?     ? ?   ? t_utility_distance        ?     ?            
'X-RAY DIFFRACTION' ? ?     ? ?   ? t_utility_angle           ?     ?            
'X-RAY DIFFRACTION' ? ?     ? ?   ? t_utility_torsion         ?     ?            
'X-RAY DIFFRACTION' ? ?     ? 537 ? t_ideal_dist_contact      4.00  SEMIHARMONIC 
# 
_refine_ls_shell.pdbx_refine_id                   'X-RAY DIFFRACTION' 
_refine_ls_shell.d_res_high                       2.97 
_refine_ls_shell.d_res_low                        3.32 
_refine_ls_shell.number_reflns_all                976 
_refine_ls_shell.number_reflns_obs                ? 
_refine_ls_shell.number_reflns_R_free             ? 
_refine_ls_shell.number_reflns_R_work             927 
_refine_ls_shell.percent_reflns_obs               99.80 
_refine_ls_shell.percent_reflns_R_free            5.02 
_refine_ls_shell.R_factor_all                     0.2414 
_refine_ls_shell.R_factor_obs                     ? 
_refine_ls_shell.R_factor_R_free                  0.1966 
_refine_ls_shell.R_factor_R_free_error            ? 
_refine_ls_shell.R_factor_R_work                  0.2439 
_refine_ls_shell.redundancy_reflns_all            ? 
_refine_ls_shell.redundancy_reflns_obs            ? 
_refine_ls_shell.wR_factor_all                    ? 
_refine_ls_shell.wR_factor_obs                    ? 
_refine_ls_shell.wR_factor_R_free                 ? 
_refine_ls_shell.wR_factor_R_work                 ? 
_refine_ls_shell.pdbx_total_number_of_bins_used   5 
_refine_ls_shell.pdbx_phase_error                 ? 
_refine_ls_shell.pdbx_fsc_work                    ? 
_refine_ls_shell.pdbx_fsc_free                    ? 
# 
_struct.entry_id                     6GTO 
_struct.title                        'Structure of the AtaR antitoxin' 
_struct.pdbx_model_details           ? 
_struct.pdbx_formula_weight          ? 
_struct.pdbx_formula_weight_method   ? 
_struct.pdbx_model_type_details      ? 
_struct.pdbx_CASP_flag               N 
# 
_struct_keywords.entry_id        6GTO 
_struct_keywords.text            'antitoxin, transcription factor, ribbon-helix-helix, RHH, bacterial repressor, TRANSCRIPTION' 
_struct_keywords.pdbx_keywords   TRANSCRIPTION 
# 
loop_
_struct_asym.id 
_struct_asym.pdbx_blank_PDB_chainid_flag 
_struct_asym.pdbx_modified 
_struct_asym.entity_id 
_struct_asym.details 
A N N 1 ? 
B N N 2 ? 
C N N 2 ? 
D N N 2 ? 
E N N 2 ? 
# 
_struct_ref.id                         1 
_struct_ref.db_name                    UNP 
_struct_ref.db_code                    J7QA90_ECOLX 
_struct_ref.pdbx_db_accession          J7QA90 
_struct_ref.pdbx_db_isoform            ? 
_struct_ref.entity_id                  1 
_struct_ref.pdbx_seq_one_letter_code   
;MSAVKKQRIDLRLTDDDKSMIEEAAAISNQSVSQFMLNSASQRAAEVIEQHRRVILNEESWTRVMDALSNPPSPGEKLKR
AAKRLQGM
;
_struct_ref.pdbx_align_begin           1 
# 
_struct_ref_seq.align_id                      1 
_struct_ref_seq.ref_id                        1 
_struct_ref_seq.pdbx_PDB_id_code              6GTO 
_struct_ref_seq.pdbx_strand_id                A 
_struct_ref_seq.seq_align_beg                 1 
_struct_ref_seq.pdbx_seq_align_beg_ins_code   ? 
_struct_ref_seq.seq_align_end                 88 
_struct_ref_seq.pdbx_seq_align_end_ins_code   ? 
_struct_ref_seq.pdbx_db_accession             J7QA90 
_struct_ref_seq.db_align_beg                  1 
_struct_ref_seq.pdbx_db_align_beg_ins_code    ? 
_struct_ref_seq.db_align_end                  88 
_struct_ref_seq.pdbx_db_align_end_ins_code    ? 
_struct_ref_seq.pdbx_auth_seq_align_beg       1 
_struct_ref_seq.pdbx_auth_seq_align_end       88 
# 
_pdbx_struct_assembly.id                   1 
_pdbx_struct_assembly.details              author_and_software_defined_assembly 
_pdbx_struct_assembly.method_details       PISA 
_pdbx_struct_assembly.oligomeric_details   dimeric 
_pdbx_struct_assembly.oligomeric_count     2 
# 
loop_
_pdbx_struct_assembly_prop.biol_id 
_pdbx_struct_assembly_prop.type 
_pdbx_struct_assembly_prop.value 
_pdbx_struct_assembly_prop.details 
1 'ABSA (A^2)' 3260 ? 
1 MORE         -81  ? 
1 'SSA (A^2)'  8720 ? 
# 
_pdbx_struct_assembly_gen.assembly_id       1 
_pdbx_struct_assembly_gen.oper_expression   1,2 
_pdbx_struct_assembly_gen.asym_id_list      A,B,C,D,E 
# 
_pdbx_struct_assembly_auth_evidence.id                     1 
_pdbx_struct_assembly_auth_evidence.assembly_id            1 
_pdbx_struct_assembly_auth_evidence.experimental_support   'gel filtration' 
_pdbx_struct_assembly_auth_evidence.details                ? 
# 
loop_
_pdbx_struct_oper_list.id 
_pdbx_struct_oper_list.type 
_pdbx_struct_oper_list.name 
_pdbx_struct_oper_list.symmetry_operation 
_pdbx_struct_oper_list.matrix[1][1] 
_pdbx_struct_oper_list.matrix[1][2] 
_pdbx_struct_oper_list.matrix[1][3] 
_pdbx_struct_oper_list.vector[1] 
_pdbx_struct_oper_list.matrix[2][1] 
_pdbx_struct_oper_list.matrix[2][2] 
_pdbx_struct_oper_list.matrix[2][3] 
_pdbx_struct_oper_list.vector[2] 
_pdbx_struct_oper_list.matrix[3][1] 
_pdbx_struct_oper_list.matrix[3][2] 
_pdbx_struct_oper_list.matrix[3][3] 
_pdbx_struct_oper_list.vector[3] 
1 'identity operation'         1_555  x,y,z            1.0000000000  0.0000000000  0.0000000000  0.0000000000 0.0000000000  1.0000000000 0.0000000000 0.0000000000  0.0000000000  0.0000000000 1.0000000000  0.0000000000  
2 'crystal symmetry operation' 10_665 -y+1,-x+1,-z+5/6 -0.9141198115 -0.3922933727 -0.1024249969 2.1145378544 -0.3922933727 0.7919626509 0.4678686455 -2.7297906944 -0.1024249969 0.4678686455 -0.8778428394 12.2282230521 
# 
loop_
_struct_conf.conf_type_id 
_struct_conf.id 
_struct_conf.pdbx_PDB_helix_id 
_struct_conf.beg_label_comp_id 
_struct_conf.beg_label_asym_id 
_struct_conf.beg_label_seq_id 
_struct_conf.pdbx_beg_PDB_ins_code 
_struct_conf.end_label_comp_id 
_struct_conf.end_label_asym_id 
_struct_conf.end_label_seq_id 
_struct_conf.pdbx_end_PDB_ins_code 
_struct_conf.beg_auth_comp_id 
_struct_conf.beg_auth_asym_id 
_struct_conf.beg_auth_seq_id 
_struct_conf.end_auth_comp_id 
_struct_conf.end_auth_asym_id 
_struct_conf.end_auth_seq_id 
_struct_conf.pdbx_PDB_helix_class 
_struct_conf.details 
_struct_conf.pdbx_PDB_helix_length 
HELX_P HELX_P1 AA1 THR A 14 ? ASN A 29 ? THR A 14 ASN A 29 1 ? 16 
HELX_P HELX_P2 AA2 SER A 31 ? ASN A 70 ? SER A 31 ASN A 70 1 ? 40 
# 
_struct_conf_type.id          HELX_P 
_struct_conf_type.criteria    ? 
_struct_conf_type.reference   ? 
# 
_struct_conn.id                            metalc1 
_struct_conn.conn_type_id                  metalc 
_struct_conn.pdbx_leaving_atom_flag        ? 
_struct_conn.pdbx_PDB_id                   ? 
_struct_conn.ptnr1_label_asym_id           A 
_struct_conn.ptnr1_label_comp_id           GLN 
_struct_conn.ptnr1_label_seq_id            30 
_struct_conn.ptnr1_label_atom_id           OE1 
_struct_conn.pdbx_ptnr1_label_alt_id       ? 
_struct_conn.pdbx_ptnr1_PDB_ins_code       ? 
_struct_conn.pdbx_ptnr1_standard_comp_id   ? 
_struct_conn.ptnr1_symmetry                1_555 
_struct_conn.ptnr2_label_asym_id           C 
_struct_conn.ptnr2_label_comp_id           NA 
_struct_conn.ptnr2_label_seq_id            . 
_struct_conn.ptnr2_label_atom_id           NA 
_struct_conn.pdbx_ptnr2_label_alt_id       ? 
_struct_conn.pdbx_ptnr2_PDB_ins_code       ? 
_struct_conn.ptnr1_auth_asym_id            A 
_struct_conn.ptnr1_auth_comp_id            GLN 
_struct_conn.ptnr1_auth_seq_id             30 
_struct_conn.ptnr2_auth_asym_id            A 
_struct_conn.ptnr2_auth_comp_id            NA 
_struct_conn.ptnr2_auth_seq_id             102 
_struct_conn.ptnr2_symmetry                1_555 
_struct_conn.pdbx_ptnr3_label_atom_id      ? 
_struct_conn.pdbx_ptnr3_label_seq_id       ? 
_struct_conn.pdbx_ptnr3_label_comp_id      ? 
_struct_conn.pdbx_ptnr3_label_asym_id      ? 
_struct_conn.pdbx_ptnr3_label_alt_id       ? 
_struct_conn.pdbx_ptnr3_PDB_ins_code       ? 
_struct_conn.details                       ? 
_struct_conn.pdbx_dist_value               2.750 
_struct_conn.pdbx_value_order              ? 
_struct_conn.pdbx_role                     ? 
# 
_struct_conn_type.id          metalc 
_struct_conn_type.criteria    ? 
_struct_conn_type.reference   ? 
# 
loop_
_struct_site.id 
_struct_site.pdbx_evidence_code 
_struct_site.pdbx_auth_asym_id 
_struct_site.pdbx_auth_comp_id 
_struct_site.pdbx_auth_seq_id 
_struct_site.pdbx_auth_ins_code 
_struct_site.pdbx_num_residues 
_struct_site.details 
AC1 Software A NA 102 ? 2 'binding site for residue NA A 102' 
AC2 Software A NA 103 ? 2 'binding site for residue NA A 103' 
AC3 Software A NA 104 ? 1 'binding site for residue NA A 104' 
# 
loop_
_struct_site_gen.id 
_struct_site_gen.site_id 
_struct_site_gen.pdbx_num_res 
_struct_site_gen.label_comp_id 
_struct_site_gen.label_asym_id 
_struct_site_gen.label_seq_id 
_struct_site_gen.pdbx_auth_ins_code 
_struct_site_gen.auth_comp_id 
_struct_site_gen.auth_asym_id 
_struct_site_gen.auth_seq_id 
_struct_site_gen.label_atom_id 
_struct_site_gen.label_alt_id 
_struct_site_gen.symmetry 
_struct_site_gen.details 
1 AC1 2 GLN A 30 ? GLN A 30 . ? 1_555  ? 
2 AC1 2 ARG A 43 ? ARG A 43 . ? 10_665 ? 
3 AC2 2 ASP A 16 ? ASP A 16 . ? 1_555  ? 
4 AC2 2 MET A 20 ? MET A 20 . ? 1_555  ? 
5 AC3 1 SER A 19 ? SER A 19 . ? 1_555  ? 
# 
_pdbx_refine_tls.pdbx_refine_id   'X-RAY DIFFRACTION' 
_pdbx_refine_tls.id               1 
_pdbx_refine_tls.details          ? 
_pdbx_refine_tls.method           refined 
_pdbx_refine_tls.origin_x         0.0601 
_pdbx_refine_tls.origin_y         -0.4224 
_pdbx_refine_tls.origin_z         -0.1071 
_pdbx_refine_tls.T[1][1]          0.0405 
_pdbx_refine_tls.T[2][2]          -0.3104 
_pdbx_refine_tls.T[3][3]          -0.3915 
_pdbx_refine_tls.T[1][2]          -0.0568 
_pdbx_refine_tls.T[1][3]          0.1390 
_pdbx_refine_tls.T[2][3]          0.0502 
_pdbx_refine_tls.L[1][1]          1.3860 
_pdbx_refine_tls.L[2][2]          3.8868 
_pdbx_refine_tls.L[3][3]          10.4863 
_pdbx_refine_tls.L[1][2]          -0.6118 
_pdbx_refine_tls.L[1][3]          -1.0225 
_pdbx_refine_tls.L[2][3]          3.2094 
_pdbx_refine_tls.S[1][1]          -0.3353 
_pdbx_refine_tls.S[1][2]          -0.0073 
_pdbx_refine_tls.S[1][3]          -0.2302 
_pdbx_refine_tls.S[2][1]          -0.3245 
_pdbx_refine_tls.S[2][2]          0.3574 
_pdbx_refine_tls.S[2][3]          0.0291 
_pdbx_refine_tls.S[3][1]          -0.1548 
_pdbx_refine_tls.S[3][2]          0.1642 
_pdbx_refine_tls.S[3][3]          -0.0221 
# 
_pdbx_refine_tls_group.pdbx_refine_id      'X-RAY DIFFRACTION' 
_pdbx_refine_tls_group.id                  1 
_pdbx_refine_tls_group.refine_tls_id       1 
_pdbx_refine_tls_group.beg_auth_asym_id    ? 
_pdbx_refine_tls_group.beg_auth_seq_id     ? 
_pdbx_refine_tls_group.beg_label_asym_id   ? 
_pdbx_refine_tls_group.beg_label_seq_id    ? 
_pdbx_refine_tls_group.end_auth_asym_id    ? 
_pdbx_refine_tls_group.end_auth_seq_id     ? 
_pdbx_refine_tls_group.end_label_asym_id   ? 
_pdbx_refine_tls_group.end_label_seq_id    ? 
_pdbx_refine_tls_group.selection           ? 
_pdbx_refine_tls_group.selection_details   '{ A|* }' 
# 
loop_
_pdbx_unobs_or_zero_occ_residues.id 
_pdbx_unobs_or_zero_occ_residues.PDB_model_num 
_pdbx_unobs_or_zero_occ_residues.polymer_flag 
_pdbx_unobs_or_zero_occ_residues.occupancy_flag 
_pdbx_unobs_or_zero_occ_residues.auth_asym_id 
_pdbx_unobs_or_zero_occ_residues.auth_comp_id 
_pdbx_unobs_or_zero_occ_residues.auth_seq_id 
_pdbx_unobs_or_zero_occ_residues.PDB_ins_code 
_pdbx_unobs_or_zero_occ_residues.label_asym_id 
_pdbx_unobs_or_zero_occ_residues.label_comp_id 
_pdbx_unobs_or_zero_occ_residues.label_seq_id 
1  1 Y 1 A MET 1  ? A MET 1  
2  1 Y 1 A SER 2  ? A SER 2  
3  1 Y 1 A ALA 3  ? A ALA 3  
4  1 Y 1 A VAL 4  ? A VAL 4  
5  1 Y 1 A LYS 5  ? A LYS 5  
6  1 Y 1 A LYS 6  ? A LYS 6  
7  1 Y 1 A GLN 7  ? A GLN 7  
8  1 Y 1 A ARG 8  ? A ARG 8  
9  1 Y 1 A PRO 71 ? A PRO 71 
10 1 Y 1 A PRO 72 ? A PRO 72 
11 1 Y 1 A SER 73 ? A SER 73 
12 1 Y 1 A PRO 74 ? A PRO 74 
13 1 Y 1 A GLY 75 ? A GLY 75 
14 1 Y 1 A GLU 76 ? A GLU 76 
15 1 Y 1 A LYS 77 ? A LYS 77 
16 1 Y 1 A LEU 78 ? A LEU 78 
17 1 Y 1 A LYS 79 ? A LYS 79 
18 1 Y 1 A ARG 80 ? A ARG 80 
19 1 Y 1 A ALA 81 ? A ALA 81 
20 1 Y 1 A ALA 82 ? A ALA 82 
21 1 Y 1 A LYS 83 ? A LYS 83 
22 1 Y 1 A ARG 84 ? A ARG 84 
23 1 Y 1 A LEU 85 ? A LEU 85 
24 1 Y 1 A GLN 86 ? A GLN 86 
25 1 Y 1 A GLY 87 ? A GLY 87 
26 1 Y 1 A MET 88 ? A MET 88 
# 
loop_
_chem_comp_atom.comp_id 
_chem_comp_atom.atom_id 
_chem_comp_atom.type_symbol 
_chem_comp_atom.pdbx_aromatic_flag 
_chem_comp_atom.pdbx_stereo_config 
_chem_comp_atom.pdbx_ordinal 
ALA N    N  N N 1   
ALA CA   C  N S 2   
ALA C    C  N N 3   
ALA O    O  N N 4   
ALA CB   C  N N 5   
ALA OXT  O  N N 6   
ALA H    H  N N 7   
ALA H2   H  N N 8   
ALA HA   H  N N 9   
ALA HB1  H  N N 10  
ALA HB2  H  N N 11  
ALA HB3  H  N N 12  
ALA HXT  H  N N 13  
ARG N    N  N N 14  
ARG CA   C  N S 15  
ARG C    C  N N 16  
ARG O    O  N N 17  
ARG CB   C  N N 18  
ARG CG   C  N N 19  
ARG CD   C  N N 20  
ARG NE   N  N N 21  
ARG CZ   C  N N 22  
ARG NH1  N  N N 23  
ARG NH2  N  N N 24  
ARG OXT  O  N N 25  
ARG H    H  N N 26  
ARG H2   H  N N 27  
ARG HA   H  N N 28  
ARG HB2  H  N N 29  
ARG HB3  H  N N 30  
ARG HG2  H  N N 31  
ARG HG3  H  N N 32  
ARG HD2  H  N N 33  
ARG HD3  H  N N 34  
ARG HE   H  N N 35  
ARG HH11 H  N N 36  
ARG HH12 H  N N 37  
ARG HH21 H  N N 38  
ARG HH22 H  N N 39  
ARG HXT  H  N N 40  
ASN N    N  N N 41  
ASN CA   C  N S 42  
ASN C    C  N N 43  
ASN O    O  N N 44  
ASN CB   C  N N 45  
ASN CG   C  N N 46  
ASN OD1  O  N N 47  
ASN ND2  N  N N 48  
ASN OXT  O  N N 49  
ASN H    H  N N 50  
ASN H2   H  N N 51  
ASN HA   H  N N 52  
ASN HB2  H  N N 53  
ASN HB3  H  N N 54  
ASN HD21 H  N N 55  
ASN HD22 H  N N 56  
ASN HXT  H  N N 57  
ASP N    N  N N 58  
ASP CA   C  N S 59  
ASP C    C  N N 60  
ASP O    O  N N 61  
ASP CB   C  N N 62  
ASP CG   C  N N 63  
ASP OD1  O  N N 64  
ASP OD2  O  N N 65  
ASP OXT  O  N N 66  
ASP H    H  N N 67  
ASP H2   H  N N 68  
ASP HA   H  N N 69  
ASP HB2  H  N N 70  
ASP HB3  H  N N 71  
ASP HD2  H  N N 72  
ASP HXT  H  N N 73  
GLN N    N  N N 74  
GLN CA   C  N S 75  
GLN C    C  N N 76  
GLN O    O  N N 77  
GLN CB   C  N N 78  
GLN CG   C  N N 79  
GLN CD   C  N N 80  
GLN OE1  O  N N 81  
GLN NE2  N  N N 82  
GLN OXT  O  N N 83  
GLN H    H  N N 84  
GLN H2   H  N N 85  
GLN HA   H  N N 86  
GLN HB2  H  N N 87  
GLN HB3  H  N N 88  
GLN HG2  H  N N 89  
GLN HG3  H  N N 90  
GLN HE21 H  N N 91  
GLN HE22 H  N N 92  
GLN HXT  H  N N 93  
GLU N    N  N N 94  
GLU CA   C  N S 95  
GLU C    C  N N 96  
GLU O    O  N N 97  
GLU CB   C  N N 98  
GLU CG   C  N N 99  
GLU CD   C  N N 100 
GLU OE1  O  N N 101 
GLU OE2  O  N N 102 
GLU OXT  O  N N 103 
GLU H    H  N N 104 
GLU H2   H  N N 105 
GLU HA   H  N N 106 
GLU HB2  H  N N 107 
GLU HB3  H  N N 108 
GLU HG2  H  N N 109 
GLU HG3  H  N N 110 
GLU HE2  H  N N 111 
GLU HXT  H  N N 112 
GLY N    N  N N 113 
GLY CA   C  N N 114 
GLY C    C  N N 115 
GLY O    O  N N 116 
GLY OXT  O  N N 117 
GLY H    H  N N 118 
GLY H2   H  N N 119 
GLY HA2  H  N N 120 
GLY HA3  H  N N 121 
GLY HXT  H  N N 122 
HIS N    N  N N 123 
HIS CA   C  N S 124 
HIS C    C  N N 125 
HIS O    O  N N 126 
HIS CB   C  N N 127 
HIS CG   C  Y N 128 
HIS ND1  N  Y N 129 
HIS CD2  C  Y N 130 
HIS CE1  C  Y N 131 
HIS NE2  N  Y N 132 
HIS OXT  O  N N 133 
HIS H    H  N N 134 
HIS H2   H  N N 135 
HIS HA   H  N N 136 
HIS HB2  H  N N 137 
HIS HB3  H  N N 138 
HIS HD1  H  N N 139 
HIS HD2  H  N N 140 
HIS HE1  H  N N 141 
HIS HE2  H  N N 142 
HIS HXT  H  N N 143 
ILE N    N  N N 144 
ILE CA   C  N S 145 
ILE C    C  N N 146 
ILE O    O  N N 147 
ILE CB   C  N S 148 
ILE CG1  C  N N 149 
ILE CG2  C  N N 150 
ILE CD1  C  N N 151 
ILE OXT  O  N N 152 
ILE H    H  N N 153 
ILE H2   H  N N 154 
ILE HA   H  N N 155 
ILE HB   H  N N 156 
ILE HG12 H  N N 157 
ILE HG13 H  N N 158 
ILE HG21 H  N N 159 
ILE HG22 H  N N 160 
ILE HG23 H  N N 161 
ILE HD11 H  N N 162 
ILE HD12 H  N N 163 
ILE HD13 H  N N 164 
ILE HXT  H  N N 165 
LEU N    N  N N 166 
LEU CA   C  N S 167 
LEU C    C  N N 168 
LEU O    O  N N 169 
LEU CB   C  N N 170 
LEU CG   C  N N 171 
LEU CD1  C  N N 172 
LEU CD2  C  N N 173 
LEU OXT  O  N N 174 
LEU H    H  N N 175 
LEU H2   H  N N 176 
LEU HA   H  N N 177 
LEU HB2  H  N N 178 
LEU HB3  H  N N 179 
LEU HG   H  N N 180 
LEU HD11 H  N N 181 
LEU HD12 H  N N 182 
LEU HD13 H  N N 183 
LEU HD21 H  N N 184 
LEU HD22 H  N N 185 
LEU HD23 H  N N 186 
LEU HXT  H  N N 187 
LYS N    N  N N 188 
LYS CA   C  N S 189 
LYS C    C  N N 190 
LYS O    O  N N 191 
LYS CB   C  N N 192 
LYS CG   C  N N 193 
LYS CD   C  N N 194 
LYS CE   C  N N 195 
LYS NZ   N  N N 196 
LYS OXT  O  N N 197 
LYS H    H  N N 198 
LYS H2   H  N N 199 
LYS HA   H  N N 200 
LYS HB2  H  N N 201 
LYS HB3  H  N N 202 
LYS HG2  H  N N 203 
LYS HG3  H  N N 204 
LYS HD2  H  N N 205 
LYS HD3  H  N N 206 
LYS HE2  H  N N 207 
LYS HE3  H  N N 208 
LYS HZ1  H  N N 209 
LYS HZ2  H  N N 210 
LYS HZ3  H  N N 211 
LYS HXT  H  N N 212 
MET N    N  N N 213 
MET CA   C  N S 214 
MET C    C  N N 215 
MET O    O  N N 216 
MET CB   C  N N 217 
MET CG   C  N N 218 
MET SD   S  N N 219 
MET CE   C  N N 220 
MET OXT  O  N N 221 
MET H    H  N N 222 
MET H2   H  N N 223 
MET HA   H  N N 224 
MET HB2  H  N N 225 
MET HB3  H  N N 226 
MET HG2  H  N N 227 
MET HG3  H  N N 228 
MET HE1  H  N N 229 
MET HE2  H  N N 230 
MET HE3  H  N N 231 
MET HXT  H  N N 232 
NA  NA   NA N N 233 
PHE N    N  N N 234 
PHE CA   C  N S 235 
PHE C    C  N N 236 
PHE O    O  N N 237 
PHE CB   C  N N 238 
PHE CG   C  Y N 239 
PHE CD1  C  Y N 240 
PHE CD2  C  Y N 241 
PHE CE1  C  Y N 242 
PHE CE2  C  Y N 243 
PHE CZ   C  Y N 244 
PHE OXT  O  N N 245 
PHE H    H  N N 246 
PHE H2   H  N N 247 
PHE HA   H  N N 248 
PHE HB2  H  N N 249 
PHE HB3  H  N N 250 
PHE HD1  H  N N 251 
PHE HD2  H  N N 252 
PHE HE1  H  N N 253 
PHE HE2  H  N N 254 
PHE HZ   H  N N 255 
PHE HXT  H  N N 256 
PRO N    N  N N 257 
PRO CA   C  N S 258 
PRO C    C  N N 259 
PRO O    O  N N 260 
PRO CB   C  N N 261 
PRO CG   C  N N 262 
PRO CD   C  N N 263 
PRO OXT  O  N N 264 
PRO H    H  N N 265 
PRO HA   H  N N 266 
PRO HB2  H  N N 267 
PRO HB3  H  N N 268 
PRO HG2  H  N N 269 
PRO HG3  H  N N 270 
PRO HD2  H  N N 271 
PRO HD3  H  N N 272 
PRO HXT  H  N N 273 
SER N    N  N N 274 
SER CA   C  N S 275 
SER C    C  N N 276 
SER O    O  N N 277 
SER CB   C  N N 278 
SER OG   O  N N 279 
SER OXT  O  N N 280 
SER H    H  N N 281 
SER H2   H  N N 282 
SER HA   H  N N 283 
SER HB2  H  N N 284 
SER HB3  H  N N 285 
SER HG   H  N N 286 
SER HXT  H  N N 287 
THR N    N  N N 288 
THR CA   C  N S 289 
THR C    C  N N 290 
THR O    O  N N 291 
THR CB   C  N R 292 
THR OG1  O  N N 293 
THR CG2  C  N N 294 
THR OXT  O  N N 295 
THR H    H  N N 296 
THR H2   H  N N 297 
THR HA   H  N N 298 
THR HB   H  N N 299 
THR HG1  H  N N 300 
THR HG21 H  N N 301 
THR HG22 H  N N 302 
THR HG23 H  N N 303 
THR HXT  H  N N 304 
TRP N    N  N N 305 
TRP CA   C  N S 306 
TRP C    C  N N 307 
TRP O    O  N N 308 
TRP CB   C  N N 309 
TRP CG   C  Y N 310 
TRP CD1  C  Y N 311 
TRP CD2  C  Y N 312 
TRP NE1  N  Y N 313 
TRP CE2  C  Y N 314 
TRP CE3  C  Y N 315 
TRP CZ2  C  Y N 316 
TRP CZ3  C  Y N 317 
TRP CH2  C  Y N 318 
TRP OXT  O  N N 319 
TRP H    H  N N 320 
TRP H2   H  N N 321 
TRP HA   H  N N 322 
TRP HB2  H  N N 323 
TRP HB3  H  N N 324 
TRP HD1  H  N N 325 
TRP HE1  H  N N 326 
TRP HE3  H  N N 327 
TRP HZ2  H  N N 328 
TRP HZ3  H  N N 329 
TRP HH2  H  N N 330 
TRP HXT  H  N N 331 
VAL N    N  N N 332 
VAL CA   C  N S 333 
VAL C    C  N N 334 
VAL O    O  N N 335 
VAL CB   C  N N 336 
VAL CG1  C  N N 337 
VAL CG2  C  N N 338 
VAL OXT  O  N N 339 
VAL H    H  N N 340 
VAL H2   H  N N 341 
VAL HA   H  N N 342 
VAL HB   H  N N 343 
VAL HG11 H  N N 344 
VAL HG12 H  N N 345 
VAL HG13 H  N N 346 
VAL HG21 H  N N 347 
VAL HG22 H  N N 348 
VAL HG23 H  N N 349 
VAL HXT  H  N N 350 
# 
loop_
_chem_comp_bond.comp_id 
_chem_comp_bond.atom_id_1 
_chem_comp_bond.atom_id_2 
_chem_comp_bond.value_order 
_chem_comp_bond.pdbx_aromatic_flag 
_chem_comp_bond.pdbx_stereo_config 
_chem_comp_bond.pdbx_ordinal 
ALA N   CA   sing N N 1   
ALA N   H    sing N N 2   
ALA N   H2   sing N N 3   
ALA CA  C    sing N N 4   
ALA CA  CB   sing N N 5   
ALA CA  HA   sing N N 6   
ALA C   O    doub N N 7   
ALA C   OXT  sing N N 8   
ALA CB  HB1  sing N N 9   
ALA CB  HB2  sing N N 10  
ALA CB  HB3  sing N N 11  
ALA OXT HXT  sing N N 12  
ARG N   CA   sing N N 13  
ARG N   H    sing N N 14  
ARG N   H2   sing N N 15  
ARG CA  C    sing N N 16  
ARG CA  CB   sing N N 17  
ARG CA  HA   sing N N 18  
ARG C   O    doub N N 19  
ARG C   OXT  sing N N 20  
ARG CB  CG   sing N N 21  
ARG CB  HB2  sing N N 22  
ARG CB  HB3  sing N N 23  
ARG CG  CD   sing N N 24  
ARG CG  HG2  sing N N 25  
ARG CG  HG3  sing N N 26  
ARG CD  NE   sing N N 27  
ARG CD  HD2  sing N N 28  
ARG CD  HD3  sing N N 29  
ARG NE  CZ   sing N N 30  
ARG NE  HE   sing N N 31  
ARG CZ  NH1  sing N N 32  
ARG CZ  NH2  doub N N 33  
ARG NH1 HH11 sing N N 34  
ARG NH1 HH12 sing N N 35  
ARG NH2 HH21 sing N N 36  
ARG NH2 HH22 sing N N 37  
ARG OXT HXT  sing N N 38  
ASN N   CA   sing N N 39  
ASN N   H    sing N N 40  
ASN N   H2   sing N N 41  
ASN CA  C    sing N N 42  
ASN CA  CB   sing N N 43  
ASN CA  HA   sing N N 44  
ASN C   O    doub N N 45  
ASN C   OXT  sing N N 46  
ASN CB  CG   sing N N 47  
ASN CB  HB2  sing N N 48  
ASN CB  HB3  sing N N 49  
ASN CG  OD1  doub N N 50  
ASN CG  ND2  sing N N 51  
ASN ND2 HD21 sing N N 52  
ASN ND2 HD22 sing N N 53  
ASN OXT HXT  sing N N 54  
ASP N   CA   sing N N 55  
ASP N   H    sing N N 56  
ASP N   H2   sing N N 57  
ASP CA  C    sing N N 58  
ASP CA  CB   sing N N 59  
ASP CA  HA   sing N N 60  
ASP C   O    doub N N 61  
ASP C   OXT  sing N N 62  
ASP CB  CG   sing N N 63  
ASP CB  HB2  sing N N 64  
ASP CB  HB3  sing N N 65  
ASP CG  OD1  doub N N 66  
ASP CG  OD2  sing N N 67  
ASP OD2 HD2  sing N N 68  
ASP OXT HXT  sing N N 69  
GLN N   CA   sing N N 70  
GLN N   H    sing N N 71  
GLN N   H2   sing N N 72  
GLN CA  C    sing N N 73  
GLN CA  CB   sing N N 74  
GLN CA  HA   sing N N 75  
GLN C   O    doub N N 76  
GLN C   OXT  sing N N 77  
GLN CB  CG   sing N N 78  
GLN CB  HB2  sing N N 79  
GLN CB  HB3  sing N N 80  
GLN CG  CD   sing N N 81  
GLN CG  HG2  sing N N 82  
GLN CG  HG3  sing N N 83  
GLN CD  OE1  doub N N 84  
GLN CD  NE2  sing N N 85  
GLN NE2 HE21 sing N N 86  
GLN NE2 HE22 sing N N 87  
GLN OXT HXT  sing N N 88  
GLU N   CA   sing N N 89  
GLU N   H    sing N N 90  
GLU N   H2   sing N N 91  
GLU CA  C    sing N N 92  
GLU CA  CB   sing N N 93  
GLU CA  HA   sing N N 94  
GLU C   O    doub N N 95  
GLU C   OXT  sing N N 96  
GLU CB  CG   sing N N 97  
GLU CB  HB2  sing N N 98  
GLU CB  HB3  sing N N 99  
GLU CG  CD   sing N N 100 
GLU CG  HG2  sing N N 101 
GLU CG  HG3  sing N N 102 
GLU CD  OE1  doub N N 103 
GLU CD  OE2  sing N N 104 
GLU OE2 HE2  sing N N 105 
GLU OXT HXT  sing N N 106 
GLY N   CA   sing N N 107 
GLY N   H    sing N N 108 
GLY N   H2   sing N N 109 
GLY CA  C    sing N N 110 
GLY CA  HA2  sing N N 111 
GLY CA  HA3  sing N N 112 
GLY C   O    doub N N 113 
GLY C   OXT  sing N N 114 
GLY OXT HXT  sing N N 115 
HIS N   CA   sing N N 116 
HIS N   H    sing N N 117 
HIS N   H2   sing N N 118 
HIS CA  C    sing N N 119 
HIS CA  CB   sing N N 120 
HIS CA  HA   sing N N 121 
HIS C   O    doub N N 122 
HIS C   OXT  sing N N 123 
HIS CB  CG   sing N N 124 
HIS CB  HB2  sing N N 125 
HIS CB  HB3  sing N N 126 
HIS CG  ND1  sing Y N 127 
HIS CG  CD2  doub Y N 128 
HIS ND1 CE1  doub Y N 129 
HIS ND1 HD1  sing N N 130 
HIS CD2 NE2  sing Y N 131 
HIS CD2 HD2  sing N N 132 
HIS CE1 NE2  sing Y N 133 
HIS CE1 HE1  sing N N 134 
HIS NE2 HE2  sing N N 135 
HIS OXT HXT  sing N N 136 
ILE N   CA   sing N N 137 
ILE N   H    sing N N 138 
ILE N   H2   sing N N 139 
ILE CA  C    sing N N 140 
ILE CA  CB   sing N N 141 
ILE CA  HA   sing N N 142 
ILE C   O    doub N N 143 
ILE C   OXT  sing N N 144 
ILE CB  CG1  sing N N 145 
ILE CB  CG2  sing N N 146 
ILE CB  HB   sing N N 147 
ILE CG1 CD1  sing N N 148 
ILE CG1 HG12 sing N N 149 
ILE CG1 HG13 sing N N 150 
ILE CG2 HG21 sing N N 151 
ILE CG2 HG22 sing N N 152 
ILE CG2 HG23 sing N N 153 
ILE CD1 HD11 sing N N 154 
ILE CD1 HD12 sing N N 155 
ILE CD1 HD13 sing N N 156 
ILE OXT HXT  sing N N 157 
LEU N   CA   sing N N 158 
LEU N   H    sing N N 159 
LEU N   H2   sing N N 160 
LEU CA  C    sing N N 161 
LEU CA  CB   sing N N 162 
LEU CA  HA   sing N N 163 
LEU C   O    doub N N 164 
LEU C   OXT  sing N N 165 
LEU CB  CG   sing N N 166 
LEU CB  HB2  sing N N 167 
LEU CB  HB3  sing N N 168 
LEU CG  CD1  sing N N 169 
LEU CG  CD2  sing N N 170 
LEU CG  HG   sing N N 171 
LEU CD1 HD11 sing N N 172 
LEU CD1 HD12 sing N N 173 
LEU CD1 HD13 sing N N 174 
LEU CD2 HD21 sing N N 175 
LEU CD2 HD22 sing N N 176 
LEU CD2 HD23 sing N N 177 
LEU OXT HXT  sing N N 178 
LYS N   CA   sing N N 179 
LYS N   H    sing N N 180 
LYS N   H2   sing N N 181 
LYS CA  C    sing N N 182 
LYS CA  CB   sing N N 183 
LYS CA  HA   sing N N 184 
LYS C   O    doub N N 185 
LYS C   OXT  sing N N 186 
LYS CB  CG   sing N N 187 
LYS CB  HB2  sing N N 188 
LYS CB  HB3  sing N N 189 
LYS CG  CD   sing N N 190 
LYS CG  HG2  sing N N 191 
LYS CG  HG3  sing N N 192 
LYS CD  CE   sing N N 193 
LYS CD  HD2  sing N N 194 
LYS CD  HD3  sing N N 195 
LYS CE  NZ   sing N N 196 
LYS CE  HE2  sing N N 197 
LYS CE  HE3  sing N N 198 
LYS NZ  HZ1  sing N N 199 
LYS NZ  HZ2  sing N N 200 
LYS NZ  HZ3  sing N N 201 
LYS OXT HXT  sing N N 202 
MET N   CA   sing N N 203 
MET N   H    sing N N 204 
MET N   H2   sing N N 205 
MET CA  C    sing N N 206 
MET CA  CB   sing N N 207 
MET CA  HA   sing N N 208 
MET C   O    doub N N 209 
MET C   OXT  sing N N 210 
MET CB  CG   sing N N 211 
MET CB  HB2  sing N N 212 
MET CB  HB3  sing N N 213 
MET CG  SD   sing N N 214 
MET CG  HG2  sing N N 215 
MET CG  HG3  sing N N 216 
MET SD  CE   sing N N 217 
MET CE  HE1  sing N N 218 
MET CE  HE2  sing N N 219 
MET CE  HE3  sing N N 220 
MET OXT HXT  sing N N 221 
PHE N   CA   sing N N 222 
PHE N   H    sing N N 223 
PHE N   H2   sing N N 224 
PHE CA  C    sing N N 225 
PHE CA  CB   sing N N 226 
PHE CA  HA   sing N N 227 
PHE C   O    doub N N 228 
PHE C   OXT  sing N N 229 
PHE CB  CG   sing N N 230 
PHE CB  HB2  sing N N 231 
PHE CB  HB3  sing N N 232 
PHE CG  CD1  doub Y N 233 
PHE CG  CD2  sing Y N 234 
PHE CD1 CE1  sing Y N 235 
PHE CD1 HD1  sing N N 236 
PHE CD2 CE2  doub Y N 237 
PHE CD2 HD2  sing N N 238 
PHE CE1 CZ   doub Y N 239 
PHE CE1 HE1  sing N N 240 
PHE CE2 CZ   sing Y N 241 
PHE CE2 HE2  sing N N 242 
PHE CZ  HZ   sing N N 243 
PHE OXT HXT  sing N N 244 
PRO N   CA   sing N N 245 
PRO N   CD   sing N N 246 
PRO N   H    sing N N 247 
PRO CA  C    sing N N 248 
PRO CA  CB   sing N N 249 
PRO CA  HA   sing N N 250 
PRO C   O    doub N N 251 
PRO C   OXT  sing N N 252 
PRO CB  CG   sing N N 253 
PRO CB  HB2  sing N N 254 
PRO CB  HB3  sing N N 255 
PRO CG  CD   sing N N 256 
PRO CG  HG2  sing N N 257 
PRO CG  HG3  sing N N 258 
PRO CD  HD2  sing N N 259 
PRO CD  HD3  sing N N 260 
PRO OXT HXT  sing N N 261 
SER N   CA   sing N N 262 
SER N   H    sing N N 263 
SER N   H2   sing N N 264 
SER CA  C    sing N N 265 
SER CA  CB   sing N N 266 
SER CA  HA   sing N N 267 
SER C   O    doub N N 268 
SER C   OXT  sing N N 269 
SER CB  OG   sing N N 270 
SER CB  HB2  sing N N 271 
SER CB  HB3  sing N N 272 
SER OG  HG   sing N N 273 
SER OXT HXT  sing N N 274 
THR N   CA   sing N N 275 
THR N   H    sing N N 276 
THR N   H2   sing N N 277 
THR CA  C    sing N N 278 
THR CA  CB   sing N N 279 
THR CA  HA   sing N N 280 
THR C   O    doub N N 281 
THR C   OXT  sing N N 282 
THR CB  OG1  sing N N 283 
THR CB  CG2  sing N N 284 
THR CB  HB   sing N N 285 
THR OG1 HG1  sing N N 286 
THR CG2 HG21 sing N N 287 
THR CG2 HG22 sing N N 288 
THR CG2 HG23 sing N N 289 
THR OXT HXT  sing N N 290 
TRP N   CA   sing N N 291 
TRP N   H    sing N N 292 
TRP N   H2   sing N N 293 
TRP CA  C    sing N N 294 
TRP CA  CB   sing N N 295 
TRP CA  HA   sing N N 296 
TRP C   O    doub N N 297 
TRP C   OXT  sing N N 298 
TRP CB  CG   sing N N 299 
TRP CB  HB2  sing N N 300 
TRP CB  HB3  sing N N 301 
TRP CG  CD1  doub Y N 302 
TRP CG  CD2  sing Y N 303 
TRP CD1 NE1  sing Y N 304 
TRP CD1 HD1  sing N N 305 
TRP CD2 CE2  doub Y N 306 
TRP CD2 CE3  sing Y N 307 
TRP NE1 CE2  sing Y N 308 
TRP NE1 HE1  sing N N 309 
TRP CE2 CZ2  sing Y N 310 
TRP CE3 CZ3  doub Y N 311 
TRP CE3 HE3  sing N N 312 
TRP CZ2 CH2  doub Y N 313 
TRP CZ2 HZ2  sing N N 314 
TRP CZ3 CH2  sing Y N 315 
TRP CZ3 HZ3  sing N N 316 
TRP CH2 HH2  sing N N 317 
TRP OXT HXT  sing N N 318 
VAL N   CA   sing N N 319 
VAL N   H    sing N N 320 
VAL N   H2   sing N N 321 
VAL CA  C    sing N N 322 
VAL CA  CB   sing N N 323 
VAL CA  HA   sing N N 324 
VAL C   O    doub N N 325 
VAL C   OXT  sing N N 326 
VAL CB  CG1  sing N N 327 
VAL CB  CG2  sing N N 328 
VAL CB  HB   sing N N 329 
VAL CG1 HG11 sing N N 330 
VAL CG1 HG12 sing N N 331 
VAL CG1 HG13 sing N N 332 
VAL CG2 HG21 sing N N 333 
VAL CG2 HG22 sing N N 334 
VAL CG2 HG23 sing N N 335 
VAL OXT HXT  sing N N 336 
# 
_atom_sites.entry_id                    6GTO 
_atom_sites.fract_transf_matrix[1][1]   0.01293526 
_atom_sites.fract_transf_matrix[1][2]   0.01512870 
_atom_sites.fract_transf_matrix[1][3]   -0.00538238 
_atom_sites.fract_transf_matrix[2][1]   0.01720825 
_atom_sites.fract_transf_matrix[2][2]   -0.00438900 
_atom_sites.fract_transf_matrix[2][3]   -0.01047842 
_atom_sites.fract_transf_matrix[3][1]   -0.00298344 
_atom_sites.fract_transf_matrix[3][2]   0.00070299 
_atom_sites.fract_transf_matrix[3][3]   -0.00519402 
_atom_sites.fract_transf_vector[1]      0.687506 
_atom_sites.fract_transf_vector[2]      0.392263 
_atom_sites.fract_transf_vector[3]      0.452537 
# 
loop_
_atom_type.symbol 
C  
N  
NA 
O  
S  
# 
loop_
_atom_site.group_PDB 
_atom_site.id 
_atom_site.type_symbol 
_atom_site.label_atom_id 
_atom_site.label_alt_id 
_atom_site.label_comp_id 
_atom_site.label_asym_id 
_atom_site.label_entity_id 
_atom_site.label_seq_id 
_atom_site.pdbx_PDB_ins_code 
_atom_site.Cartn_x 
_atom_site.Cartn_y 
_atom_site.Cartn_z 
_atom_site.occupancy 
_atom_site.B_iso_or_equiv 
_atom_site.pdbx_formal_charge 
_atom_site.auth_seq_id 
_atom_site.auth_comp_id 
_atom_site.auth_asym_id 
_atom_site.auth_atom_id 
_atom_site.pdbx_PDB_model_num 
ATOM   1   N  N   . ILE A 1 9  ? -11.659 14.237  0.927   1.00 184.39 ? 9   ILE A N   1 
ATOM   2   C  CA  . ILE A 1 9  ? -12.927 14.948  1.121   1.00 188.74 ? 9   ILE A CA  1 
ATOM   3   C  C   . ILE A 1 9  ? -13.343 14.841  2.611   1.00 191.86 ? 9   ILE A C   1 
ATOM   4   O  O   . ILE A 1 9  ? -13.226 15.820  3.357   1.00 192.37 ? 9   ILE A O   1 
ATOM   5   C  CB  . ILE A 1 9  ? -14.054 14.490  0.114   1.00 194.42 ? 9   ILE A CB  1 
ATOM   6   C  CG1 . ILE A 1 9  ? -13.549 14.436  -1.343  1.00 194.95 ? 9   ILE A CG1 1 
ATOM   7   C  CG2 . ILE A 1 9  ? -15.308 15.374  0.216   1.00 201.05 ? 9   ILE A CG2 1 
ATOM   8   C  CD1 . ILE A 1 9  ? -14.172 13.333  -2.184  1.00 200.53 ? 9   ILE A CD1 1 
ATOM   9   N  N   . ASP A 1 10 ? -13.797 13.635  3.033   1.00 186.55 ? 10  ASP A N   1 
ATOM   10  C  CA  . ASP A 1 10 ? -14.256 13.317  4.392   1.00 185.19 ? 10  ASP A CA  1 
ATOM   11  C  C   . ASP A 1 10 ? -13.553 12.066  4.944   1.00 180.28 ? 10  ASP A C   1 
ATOM   12  O  O   . ASP A 1 10 ? -14.002 10.941  4.694   1.00 179.59 ? 10  ASP A O   1 
ATOM   13  C  CB  . ASP A 1 10 ? -15.785 13.130  4.415   1.00 191.99 ? 10  ASP A CB  1 
ATOM   14  N  N   . LEU A 1 11 ? -12.450 12.277  5.693   1.00 169.61 ? 11  LEU A N   1 
ATOM   15  C  CA  . LEU A 1 11 ? -11.642 11.215  6.279   1.00 162.75 ? 11  LEU A CA  1 
ATOM   16  C  C   . LEU A 1 11 ? -12.448 10.403  7.311   1.00 163.61 ? 11  LEU A C   1 
ATOM   17  O  O   . LEU A 1 11 ? -13.129 10.987  8.165   1.00 165.50 ? 11  LEU A O   1 
ATOM   18  C  CB  . LEU A 1 11 ? -10.352 11.800  6.871   1.00 160.15 ? 11  LEU A CB  1 
ATOM   19  N  N   . ARG A 1 12 ? -12.426 9.076   7.228   1.00 155.46 ? 12  ARG A N   1 
ATOM   20  C  CA  . ARG A 1 12 ? -13.199 8.281   8.186   1.00 154.16 ? 12  ARG A CA  1 
ATOM   21  C  C   . ARG A 1 12 ? -12.402 7.266   9.008   1.00 151.36 ? 12  ARG A C   1 
ATOM   22  O  O   . ARG A 1 12 ? -11.707 6.419   8.455   1.00 148.57 ? 12  ARG A O   1 
ATOM   23  C  CB  . ARG A 1 12 ? -14.343 7.566   7.464   1.00 155.48 ? 12  ARG A CB  1 
ATOM   24  N  N   . LEU A 1 13 ? -12.511 7.363   10.333  1.00 144.93 ? 13  LEU A N   1 
ATOM   25  C  CA  . LEU A 1 13 ? -11.845 6.434   11.246  1.00 140.38 ? 13  LEU A CA  1 
ATOM   26  C  C   . LEU A 1 13 ? -12.780 5.955   12.359  1.00 146.20 ? 13  LEU A C   1 
ATOM   27  O  O   . LEU A 1 13 ? -13.425 6.764   13.020  1.00 147.82 ? 13  LEU A O   1 
ATOM   28  C  CB  . LEU A 1 13 ? -10.602 7.081   11.855  1.00 136.88 ? 13  LEU A CB  1 
ATOM   29  C  CG  . LEU A 1 13 ? -9.390  6.168   12.045  1.00 137.24 ? 13  LEU A CG  1 
ATOM   30  N  N   . THR A 1 14 ? -12.850 4.646   12.569  1.00 142.26 ? 14  THR A N   1 
ATOM   31  C  CA  . THR A 1 14 ? -13.693 4.081   13.621  1.00 144.16 ? 14  THR A CA  1 
ATOM   32  C  C   . THR A 1 14 ? -13.098 4.282   15.010  1.00 147.66 ? 14  THR A C   1 
ATOM   33  O  O   . THR A 1 14 ? -11.883 4.222   15.174  1.00 144.44 ? 14  THR A O   1 
ATOM   34  C  CB  . THR A 1 14 ? -13.906 2.577   13.413  1.00 149.02 ? 14  THR A CB  1 
ATOM   35  O  OG1 . THR A 1 14 ? -13.956 2.291   12.012  1.00 146.34 ? 14  THR A OG1 1 
ATOM   36  C  CG2 . THR A 1 14 ? -15.201 2.134   14.063  1.00 151.61 ? 14  THR A CG2 1 
ATOM   37  N  N   . ASP A 1 15 ? -13.941 4.504   16.013  1.00 148.15 ? 15  ASP A N   1 
ATOM   38  C  CA  . ASP A 1 15 ? -13.426 4.668   17.379  1.00 148.23 ? 15  ASP A CA  1 
ATOM   39  C  C   . ASP A 1 15 ? -12.678 3.400   17.819  1.00 150.09 ? 15  ASP A C   1 
ATOM   40  O  O   . ASP A 1 15 ? -11.816 3.463   18.695  1.00 148.66 ? 15  ASP A O   1 
ATOM   41  C  CB  . ASP A 1 15 ? -14.570 4.959   18.373  1.00 154.82 ? 15  ASP A CB  1 
ATOM   42  C  CG  . ASP A 1 15 ? -15.207 6.335   18.254  1.00 175.34 ? 15  ASP A CG  1 
ATOM   43  O  OD1 . ASP A 1 15 ? -14.604 7.220   17.590  1.00 178.80 ? 15  ASP A OD1 1 
ATOM   44  O  OD2 . ASP A 1 15 ? -16.326 6.521   18.797  1.00 182.62 ? 15  ASP A OD2 1 
ATOM   45  N  N   . ASP A 1 16 ? -13.015 2.259   17.200  1.00 146.50 ? 16  ASP A N   1 
ATOM   46  C  CA  . ASP A 1 16 ? -12.447 0.945   17.491  1.00 145.41 ? 16  ASP A CA  1 
ATOM   47  C  C   . ASP A 1 16 ? -11.188 0.685   16.677  1.00 141.51 ? 16  ASP A C   1 
ATOM   48  O  O   . ASP A 1 16 ? -10.451 -0.258  16.958  1.00 140.13 ? 16  ASP A O   1 
ATOM   49  C  CB  . ASP A 1 16 ? -13.512 -0.141  17.276  1.00 151.89 ? 16  ASP A CB  1 
ATOM   50  C  CG  . ASP A 1 16 ? -14.860 0.199   17.913  1.00 173.74 ? 16  ASP A CG  1 
ATOM   51  O  OD1 . ASP A 1 16 ? -14.979 0.081   19.168  1.00 176.08 ? 16  ASP A OD1 1 
ATOM   52  O  OD2 . ASP A 1 16 ? -15.792 0.597   17.162  1.00 184.07 ? 16  ASP A OD2 1 
ATOM   53  N  N   . ASP A 1 17 ? -10.941 1.543   15.680  1.00 134.12 ? 17  ASP A N   1 
ATOM   54  C  CA  . ASP A 1 17 ? -9.760  1.533   14.818  1.00 129.93 ? 17  ASP A CA  1 
ATOM   55  C  C   . ASP A 1 17 ? -8.739  2.530   15.370  1.00 126.51 ? 17  ASP A C   1 
ATOM   56  O  O   . ASP A 1 17 ? -7.537  2.325   15.224  1.00 122.98 ? 17  ASP A O   1 
ATOM   57  C  CB  . ASP A 1 17 ? -10.140 1.890   13.365  1.00 132.53 ? 17  ASP A CB  1 
ATOM   58  C  CG  . ASP A 1 17 ? -10.572 0.712   12.492  1.00 153.47 ? 17  ASP A CG  1 
ATOM   59  O  OD1 . ASP A 1 17 ? -9.876  -0.339  12.511  1.00 155.00 ? 17  ASP A OD1 1 
ATOM   60  O  OD2 . ASP A 1 17 ? -11.584 0.853   11.760  1.00 163.03 ? 17  ASP A OD2 1 
ATOM   61  N  N   . LYS A 1 18 ? -9.232  3.609   16.016  1.00 121.78 ? 18  LYS A N   1 
ATOM   62  C  CA  . LYS A 1 18 ? -8.417  4.644   16.658  1.00 119.12 ? 18  LYS A CA  1 
ATOM   63  C  C   . LYS A 1 18 ? -7.724  4.004   17.855  1.00 122.38 ? 18  LYS A C   1 
ATOM   64  O  O   . LYS A 1 18 ? -6.601  4.367   18.177  1.00 120.61 ? 18  LYS A O   1 
ATOM   65  C  CB  . LYS A 1 18 ? -9.291  5.836   17.111  1.00 121.70 ? 18  LYS A CB  1 
ATOM   66  C  CG  . LYS A 1 18 ? -9.683  6.820   16.011  1.00 122.81 ? 18  LYS A CG  1 
ATOM   67  N  N   . SER A 1 19 ? -8.383  3.018   18.476  1.00 121.07 ? 19  SER A N   1 
ATOM   68  C  CA  . SER A 1 19 ? -7.851  2.286   19.611  1.00 122.42 ? 19  SER A CA  1 
ATOM   69  C  C   . SER A 1 19 ? -6.726  1.380   19.162  1.00 125.12 ? 19  SER A C   1 
ATOM   70  O  O   . SER A 1 19 ? -5.655  1.425   19.765  1.00 125.16 ? 19  SER A O   1 
ATOM   71  C  CB  . SER A 1 19 ? -8.954  1.492   20.302  1.00 130.94 ? 19  SER A CB  1 
ATOM   72  O  OG  . SER A 1 19 ? -9.902  2.365   20.900  1.00 145.36 ? 19  SER A OG  1 
ATOM   73  N  N   . MET A 1 20 ? -6.944  0.606   18.074  1.00 120.59 ? 20  MET A N   1 
ATOM   74  C  CA  . MET A 1 20 ? -5.951  -0.292  17.473  1.00 119.46 ? 20  MET A CA  1 
ATOM   75  C  C   . MET A 1 20 ? -4.640  0.437   17.187  1.00 118.05 ? 20  MET A C   1 
ATOM   76  O  O   . MET A 1 20 ? -3.579  -0.105  17.464  1.00 117.68 ? 20  MET A O   1 
ATOM   77  C  CB  . MET A 1 20 ? -6.469  -0.838  16.146  1.00 122.31 ? 20  MET A CB  1 
ATOM   78  C  CG  . MET A 1 20 ? -7.323  -2.048  16.258  1.00 129.79 ? 20  MET A CG  1 
ATOM   79  S  SD  . MET A 1 20 ? -7.603  -2.686  14.578  1.00 135.29 ? 20  MET A SD  1 
ATOM   80  C  CE  . MET A 1 20 ? -8.763  -4.048  14.973  1.00 136.61 ? 20  MET A CE  1 
ATOM   81  N  N   . ILE A 1 21 ? -4.722  1.659   16.618  1.00 111.26 ? 21  ILE A N   1 
ATOM   82  C  CA  . ILE A 1 21 ? -3.567  2.497   16.288  1.00 108.61 ? 21  ILE A CA  1 
ATOM   83  C  C   . ILE A 1 21 ? -2.843  2.939   17.571  1.00 114.44 ? 21  ILE A C   1 
ATOM   84  O  O   . ILE A 1 21 ? -1.628  2.791   17.634  1.00 115.45 ? 21  ILE A O   1 
ATOM   85  C  CB  . ILE A 1 21 ? -3.910  3.671   15.325  1.00 109.56 ? 21  ILE A CB  1 
ATOM   86  C  CG1 . ILE A 1 21 ? -4.691  3.151   14.102  1.00 109.24 ? 21  ILE A CG1 1 
ATOM   87  C  CG2 . ILE A 1 21 ? -2.639  4.415   14.886  1.00 108.22 ? 21  ILE A CG2 1 
ATOM   88  C  CD1 . ILE A 1 21 ? -5.134  4.178   13.096  1.00 115.23 ? 21  ILE A CD1 1 
ATOM   89  N  N   . GLU A 1 22 ? -3.574  3.406   18.603  1.00 111.34 ? 22  GLU A N   1 
ATOM   90  C  CA  . GLU A 1 22 ? -2.972  3.799   19.884  1.00 112.38 ? 22  GLU A CA  1 
ATOM   91  C  C   . GLU A 1 22 ? -2.235  2.608   20.539  1.00 117.26 ? 22  GLU A C   1 
ATOM   92  O  O   . GLU A 1 22 ? -1.121  2.767   21.046  1.00 117.80 ? 22  GLU A O   1 
ATOM   93  C  CB  . GLU A 1 22 ? -4.049  4.313   20.836  1.00 115.28 ? 22  GLU A CB  1 
ATOM   94  C  CG  . GLU A 1 22 ? -4.625  5.664   20.462  1.00 127.80 ? 22  GLU A CG  1 
ATOM   95  C  CD  . GLU A 1 22 ? -5.795  6.121   21.315  1.00 157.62 ? 22  GLU A CD  1 
ATOM   96  O  OE1 . GLU A 1 22 ? -6.728  5.318   21.553  1.00 160.30 ? 22  GLU A OE1 1 
ATOM   97  O  OE2 . GLU A 1 22 ? -5.782  7.299   21.734  1.00 155.04 ? 22  GLU A OE2 1 
ATOM   98  N  N   . GLU A 1 23 ? -2.860  1.420   20.488  1.00 113.80 ? 23  GLU A N   1 
ATOM   99  C  CA  . GLU A 1 23 ? -2.358  0.154   21.012  1.00 114.99 ? 23  GLU A CA  1 
ATOM   100 C  C   . GLU A 1 23 ? -1.116  -0.316  20.256  1.00 114.42 ? 23  GLU A C   1 
ATOM   101 O  O   . GLU A 1 23 ? -0.121  -0.651  20.887  1.00 114.92 ? 23  GLU A O   1 
ATOM   102 C  CB  . GLU A 1 23 ? -3.468  -0.916  20.932  1.00 118.46 ? 23  GLU A CB  1 
ATOM   103 C  CG  . GLU A 1 23 ? -3.266  -2.101  21.871  1.00 141.48 ? 23  GLU A CG  1 
ATOM   104 C  CD  . GLU A 1 23 ? -4.268  -3.246  21.807  1.00 179.98 ? 23  GLU A CD  1 
ATOM   105 O  OE1 . GLU A 1 23 ? -4.064  -4.246  22.540  1.00 186.70 ? 23  GLU A OE1 1 
ATOM   106 O  OE2 . GLU A 1 23 ? -5.247  -3.153  21.032  1.00 173.88 ? 23  GLU A OE2 1 
ATOM   107 N  N   . ALA A 1 24 ? -1.181  -0.354  18.912  1.00 107.63 ? 24  ALA A N   1 
ATOM   108 C  CA  . ALA A 1 24 ? -0.083  -0.799  18.056  1.00 105.92 ? 24  ALA A CA  1 
ATOM   109 C  C   . ALA A 1 24 ? 1.093   0.149   18.092  1.00 109.30 ? 24  ALA A C   1 
ATOM   110 O  O   . ALA A 1 24 ? 2.231   -0.309  18.001  1.00 109.80 ? 24  ALA A O   1 
ATOM   111 C  CB  . ALA A 1 24 ? -0.561  -0.983  16.642  1.00 104.57 ? 24  ALA A CB  1 
ATOM   112 N  N   . ALA A 1 25 ? 0.836   1.464   18.264  1.00 104.97 ? 25  ALA A N   1 
ATOM   113 C  CA  . ALA A 1 25 ? 1.913   2.446   18.378  1.00 105.36 ? 25  ALA A CA  1 
ATOM   114 C  C   . ALA A 1 25 ? 2.650   2.184   19.695  1.00 112.77 ? 25  ALA A C   1 
ATOM   115 O  O   . ALA A 1 25 ? 3.880   2.173   19.713  1.00 115.42 ? 25  ALA A O   1 
ATOM   116 C  CB  . ALA A 1 25 ? 1.365   3.863   18.342  1.00 105.00 ? 25  ALA A CB  1 
ATOM   117 N  N   . ALA A 1 26 ? 1.899   1.880   20.768  1.00 108.69 ? 26  ALA A N   1 
ATOM   118 C  CA  . ALA A 1 26 ? 2.469   1.546   22.064  1.00 110.54 ? 26  ALA A CA  1 
ATOM   119 C  C   . ALA A 1 26 ? 3.372   0.313   21.957  1.00 115.44 ? 26  ALA A C   1 
ATOM   120 O  O   . ALA A 1 26 ? 4.520   0.393   22.390  1.00 117.95 ? 26  ALA A O   1 
ATOM   121 C  CB  . ALA A 1 26 ? 1.361   1.309   23.067  1.00 112.08 ? 26  ALA A CB  1 
ATOM   122 N  N   . ILE A 1 27 ? 2.883   -0.790  21.322  1.00 110.31 ? 27  ILE A N   1 
ATOM   123 C  CA  . ILE A 1 27 ? 3.620   -2.048  21.072  1.00 111.76 ? 27  ILE A CA  1 
ATOM   124 C  C   . ILE A 1 27 ? 4.948   -1.778  20.341  1.00 120.66 ? 27  ILE A C   1 
ATOM   125 O  O   . ILE A 1 27 ? 5.992   -2.307  20.740  1.00 123.63 ? 27  ILE A O   1 
ATOM   126 C  CB  . ILE A 1 27 ? 2.736   -3.048  20.282  1.00 112.57 ? 27  ILE A CB  1 
ATOM   127 C  CG1 . ILE A 1 27 ? 1.589   -3.553  21.137  1.00 113.95 ? 27  ILE A CG1 1 
ATOM   128 C  CG2 . ILE A 1 27 ? 3.544   -4.213  19.731  1.00 114.15 ? 27  ILE A CG2 1 
ATOM   129 C  CD1 . ILE A 1 27 ? 0.453   -4.050  20.376  1.00 123.13 ? 27  ILE A CD1 1 
ATOM   130 N  N   . SER A 1 28 ? 4.884   -0.940  19.277  1.00 117.38 ? 28  SER A N   1 
ATOM   131 C  CA  . SER A 1 28 ? 5.994   -0.521  18.421  1.00 118.51 ? 28  SER A CA  1 
ATOM   132 C  C   . SER A 1 28 ? 6.922   0.488   19.101  1.00 127.14 ? 28  SER A C   1 
ATOM   133 O  O   . SER A 1 28 ? 7.995   0.772   18.569  1.00 128.39 ? 28  SER A O   1 
ATOM   134 C  CB  . SER A 1 28 ? 5.443   0.091   17.142  1.00 119.98 ? 28  SER A CB  1 
ATOM   135 O  OG  . SER A 1 28 ? 4.492   -0.775  16.547  1.00 130.96 ? 28  SER A OG  1 
ATOM   136 N  N   . ASN A 1 29 ? 6.509   1.020   20.274  1.00 126.38 ? 29  ASN A N   1 
ATOM   137 C  CA  . ASN A 1 29 ? 7.219   2.006   21.101  1.00 129.17 ? 29  ASN A CA  1 
ATOM   138 C  C   . ASN A 1 29 ? 7.518   3.295   20.307  1.00 131.92 ? 29  ASN A C   1 
ATOM   139 O  O   . ASN A 1 29 ? 8.635   3.814   20.335  1.00 134.82 ? 29  ASN A O   1 
ATOM   140 C  CB  . ASN A 1 29 ? 8.465   1.399   21.793  1.00 137.63 ? 29  ASN A CB  1 
ATOM   141 C  CG  . ASN A 1 29 ? 8.136   0.289   22.784  1.00 175.81 ? 29  ASN A CG  1 
ATOM   142 O  OD1 . ASN A 1 29 ? 7.375   0.469   23.752  1.00 173.04 ? 29  ASN A OD1 1 
ATOM   143 N  ND2 . ASN A 1 29 ? 8.713   -0.889  22.569  1.00 171.46 ? 29  ASN A ND2 1 
ATOM   144 N  N   . GLN A 1 30 ? 6.480   3.786   19.594  1.00 124.10 ? 30  GLN A N   1 
ATOM   145 C  CA  . GLN A 1 30 ? 6.444   4.993   18.755  1.00 122.16 ? 30  GLN A CA  1 
ATOM   146 C  C   . GLN A 1 30 ? 5.196   5.827   19.097  1.00 123.85 ? 30  GLN A C   1 
ATOM   147 O  O   . GLN A 1 30 ? 4.250   5.304   19.699  1.00 122.74 ? 30  GLN A O   1 
ATOM   148 C  CB  . GLN A 1 30 ? 6.317   4.626   17.270  1.00 121.17 ? 30  GLN A CB  1 
ATOM   149 C  CG  . GLN A 1 30 ? 7.297   3.625   16.728  1.00 134.10 ? 30  GLN A CG  1 
ATOM   150 C  CD  . GLN A 1 30 ? 7.137   3.595   15.238  1.00 158.62 ? 30  GLN A CD  1 
ATOM   151 O  OE1 . GLN A 1 30 ? 6.243   2.939   14.691  1.00 153.30 ? 30  GLN A OE1 1 
ATOM   152 N  NE2 . GLN A 1 30 ? 7.986   4.339   14.550  1.00 156.57 ? 30  GLN A NE2 1 
ATOM   153 N  N   . SER A 1 31 ? 5.163   7.101   18.653  1.00 119.55 ? 31  SER A N   1 
ATOM   154 C  CA  . SER A 1 31 ? 3.990   7.950   18.846  1.00 118.28 ? 31  SER A CA  1 
ATOM   155 C  C   . SER A 1 31 ? 2.953   7.551   17.793  1.00 121.36 ? 31  SER A C   1 
ATOM   156 O  O   . SER A 1 31 ? 3.327   6.958   16.774  1.00 121.16 ? 31  SER A O   1 
ATOM   157 C  CB  . SER A 1 31 ? 4.359   9.424   18.715  1.00 123.10 ? 31  SER A CB  1 
ATOM   158 O  OG  . SER A 1 31 ? 4.904   9.733   17.444  1.00 131.27 ? 31  SER A OG  1 
ATOM   159 N  N   . VAL A 1 32 ? 1.658   7.853   18.031  1.00 116.92 ? 32  VAL A N   1 
ATOM   160 C  CA  . VAL A 1 32 ? 0.573   7.517   17.096  1.00 114.60 ? 32  VAL A CA  1 
ATOM   161 C  C   . VAL A 1 32 ? 0.843   8.156   15.727  1.00 120.98 ? 32  VAL A C   1 
ATOM   162 O  O   . VAL A 1 32 ? 0.584   7.528   14.700  1.00 120.91 ? 32  VAL A O   1 
ATOM   163 C  CB  . VAL A 1 32 ? -0.826  7.866   17.663  1.00 117.48 ? 32  VAL A CB  1 
ATOM   164 C  CG1 . VAL A 1 32 ? -1.919  7.638   16.639  1.00 115.87 ? 32  VAL A CG1 1 
ATOM   165 C  CG2 . VAL A 1 32 ? -1.124  7.057   18.915  1.00 118.19 ? 32  VAL A CG2 1 
ATOM   166 N  N   . SER A 1 33 ? 1.433   9.369   15.723  1.00 119.10 ? 33  SER A N   1 
ATOM   167 C  CA  . SER A 1 33 ? 1.773   10.113  14.507  1.00 118.85 ? 33  SER A CA  1 
ATOM   168 C  C   . SER A 1 33 ? 2.939   9.480   13.778  1.00 119.97 ? 33  SER A C   1 
ATOM   169 O  O   . SER A 1 33 ? 2.869   9.345   12.557  1.00 118.42 ? 33  SER A O   1 
ATOM   170 C  CB  . SER A 1 33 ? 2.077   11.570  14.834  1.00 126.09 ? 33  SER A CB  1 
ATOM   171 N  N   . GLN A 1 34 ? 3.998   9.067   14.511  1.00 116.18 ? 34  GLN A N   1 
ATOM   172 C  CA  . GLN A 1 34 ? 5.151   8.418   13.890  1.00 116.48 ? 34  GLN A CA  1 
ATOM   173 C  C   . GLN A 1 34 ? 4.773   7.061   13.334  1.00 117.69 ? 34  GLN A C   1 
ATOM   174 O  O   . GLN A 1 34 ? 5.250   6.704   12.262  1.00 117.67 ? 34  GLN A O   1 
ATOM   175 C  CB  . GLN A 1 34 ? 6.348   8.311   14.844  1.00 120.63 ? 34  GLN A CB  1 
ATOM   176 C  CG  . GLN A 1 34 ? 7.693   8.039   14.144  1.00 141.30 ? 34  GLN A CG  1 
ATOM   177 C  CD  . GLN A 1 34 ? 7.994   8.969   12.984  1.00 161.25 ? 34  GLN A CD  1 
ATOM   178 O  OE1 . GLN A 1 34 ? 8.204   8.531   11.852  1.00 156.32 ? 34  GLN A OE1 1 
ATOM   179 N  NE2 . GLN A 1 34 ? 8.021   10.275  13.230  1.00 155.72 ? 34  GLN A NE2 1 
ATOM   180 N  N   . PHE A 1 35 ? 3.893   6.323   14.035  1.00 111.82 ? 35  PHE A N   1 
ATOM   181 C  CA  . PHE A 1 35 ? 3.413   5.025   13.587  1.00 109.81 ? 35  PHE A CA  1 
ATOM   182 C  C   . PHE A 1 35 ? 2.656   5.178   12.285  1.00 115.07 ? 35  PHE A C   1 
ATOM   183 O  O   . PHE A 1 35 ? 2.935   4.435   11.350  1.00 115.22 ? 35  PHE A O   1 
ATOM   184 C  CB  . PHE A 1 35 ? 2.510   4.389   14.639  1.00 110.64 ? 35  PHE A CB  1 
ATOM   185 C  CG  . PHE A 1 35 ? 1.964   3.046   14.230  1.00 110.75 ? 35  PHE A CG  1 
ATOM   186 C  CD1 . PHE A 1 35 ? 2.733   1.896   14.359  1.00 114.65 ? 35  PHE A CD1 1 
ATOM   187 C  CD2 . PHE A 1 35 ? 0.672   2.925   13.729  1.00 110.87 ? 35  PHE A CD2 1 
ATOM   188 C  CE1 . PHE A 1 35 ? 2.227   0.655   13.974  1.00 115.37 ? 35  PHE A CE1 1 
ATOM   189 C  CE2 . PHE A 1 35 ? 0.163   1.681   13.351  1.00 113.18 ? 35  PHE A CE2 1 
ATOM   190 C  CZ  . PHE A 1 35 ? 0.943   0.555   13.474  1.00 112.56 ? 35  PHE A CZ  1 
ATOM   191 N  N   . MET A 1 36 ? 1.710   6.141   12.226  1.00 112.69 ? 36  MET A N   1 
ATOM   192 C  CA  . MET A 1 36 ? 0.882   6.453   11.058  1.00 112.49 ? 36  MET A CA  1 
ATOM   193 C  C   . MET A 1 36 ? 1.720   6.793   9.831   1.00 113.16 ? 36  MET A C   1 
ATOM   194 O  O   . MET A 1 36 ? 1.444   6.261   8.759   1.00 112.30 ? 36  MET A O   1 
ATOM   195 C  CB  . MET A 1 36 ? -0.066  7.609   11.362  1.00 116.71 ? 36  MET A CB  1 
ATOM   196 C  CG  . MET A 1 36 ? -1.335  7.201   12.088  1.00 122.42 ? 36  MET A CG  1 
ATOM   197 S  SD  . MET A 1 36 ? -2.529  8.576   12.222  1.00 130.47 ? 36  MET A SD  1 
ATOM   198 C  CE  . MET A 1 36 ? -2.577  9.172   10.401  1.00 127.62 ? 36  MET A CE  1 
ATOM   199 N  N   . LEU A 1 37 ? 2.746   7.664   9.985   1.00 108.22 ? 37  LEU A N   1 
ATOM   200 C  CA  . LEU A 1 37 ? 3.644   8.062   8.898   1.00 107.12 ? 37  LEU A CA  1 
ATOM   201 C  C   . LEU A 1 37 ? 4.423   6.857   8.458   1.00 109.65 ? 37  LEU A C   1 
ATOM   202 O  O   . LEU A 1 37 ? 4.307   6.478   7.308   1.00 108.22 ? 37  LEU A O   1 
ATOM   203 C  CB  . LEU A 1 37 ? 4.603   9.181   9.320   1.00 109.27 ? 37  LEU A CB  1 
ATOM   204 C  CG  . LEU A 1 37 ? 3.998   10.535  9.661   1.00 114.64 ? 37  LEU A CG  1 
ATOM   205 C  CD1 . LEU A 1 37 ? 5.063   11.480  10.129  1.00 117.64 ? 37  LEU A CD1 1 
ATOM   206 C  CD2 . LEU A 1 37 ? 3.310   11.144  8.473   1.00 117.77 ? 37  LEU A CD2 1 
ATOM   207 N  N   . ASN A 1 38 ? 5.130   6.192   9.387   1.00 107.87 ? 38  ASN A N   1 
ATOM   208 C  CA  . ASN A 1 38 ? 5.906   4.976   9.129   1.00 108.70 ? 38  ASN A CA  1 
ATOM   209 C  C   . ASN A 1 38 ? 5.121   3.909   8.364   1.00 111.91 ? 38  ASN A C   1 
ATOM   210 O  O   . ASN A 1 38 ? 5.596   3.459   7.319   1.00 112.50 ? 38  ASN A O   1 
ATOM   211 C  CB  . ASN A 1 38 ? 6.509   4.406   10.421  1.00 110.57 ? 38  ASN A CB  1 
ATOM   212 C  CG  . ASN A 1 38 ? 7.754   5.125   10.893  1.00 144.96 ? 38  ASN A CG  1 
ATOM   213 O  OD1 . ASN A 1 38 ? 8.422   4.683   11.832  1.00 144.43 ? 38  ASN A OD1 1 
ATOM   214 N  ND2 . ASN A 1 38 ? 8.110   6.242   10.250  1.00 139.02 ? 38  ASN A ND2 1 
ATOM   215 N  N   . SER A 1 39 ? 3.915   3.538   8.847   1.00 106.65 ? 39  SER A N   1 
ATOM   216 C  CA  . SER A 1 39 ? 3.077   2.555   8.159   1.00 105.01 ? 39  SER A CA  1 
ATOM   217 C  C   . SER A 1 39 ? 2.636   3.049   6.743   1.00 107.30 ? 39  SER A C   1 
ATOM   218 O  O   . SER A 1 39 ? 2.815   2.317   5.766   1.00 106.52 ? 39  SER A O   1 
ATOM   219 C  CB  . SER A 1 39 ? 1.910   2.102   9.034   1.00 107.68 ? 39  SER A CB  1 
ATOM   220 O  OG  . SER A 1 39 ? 1.244   3.156   9.702   1.00 116.24 ? 39  SER A OG  1 
ATOM   221 N  N   . ALA A 1 40 ? 2.194   4.312   6.617   1.00 103.12 ? 40  ALA A N   1 
ATOM   222 C  CA  . ALA A 1 40 ? 1.844   4.893   5.322   1.00 102.84 ? 40  ALA A CA  1 
ATOM   223 C  C   . ALA A 1 40 ? 3.036   4.859   4.355   1.00 108.79 ? 40  ALA A C   1 
ATOM   224 O  O   . ALA A 1 40 ? 2.876   4.524   3.189   1.00 108.05 ? 40  ALA A O   1 
ATOM   225 C  CB  . ALA A 1 40 ? 1.385   6.321   5.511   1.00 104.33 ? 40  ALA A CB  1 
ATOM   226 N  N   . SER A 1 41 ? 4.231   5.178   4.863   1.00 108.17 ? 41  SER A N   1 
ATOM   227 C  CA  . SER A 1 41 ? 5.498   5.213   4.140   1.00 110.08 ? 41  SER A CA  1 
ATOM   228 C  C   . SER A 1 41 ? 5.888   3.848   3.597   1.00 113.94 ? 41  SER A C   1 
ATOM   229 O  O   . SER A 1 41 ? 6.316   3.769   2.454   1.00 114.76 ? 41  SER A O   1 
ATOM   230 C  CB  . SER A 1 41 ? 6.597   5.765   5.047   1.00 116.35 ? 41  SER A CB  1 
ATOM   231 O  OG  . SER A 1 41 ? 7.903   5.547   4.543   1.00 130.67 ? 41  SER A OG  1 
ATOM   232 N  N   . GLN A 1 42 ? 5.761   2.783   4.413   1.00 110.15 ? 42  GLN A N   1 
ATOM   233 C  CA  . GLN A 1 42 ? 6.140   1.433   4.002   1.00 110.26 ? 42  GLN A CA  1 
ATOM   234 C  C   . GLN A 1 42 ? 5.058   0.738   3.200   1.00 112.14 ? 42  GLN A C   1 
ATOM   235 O  O   . GLN A 1 42 ? 5.395   -0.070  2.329   1.00 113.62 ? 42  GLN A O   1 
ATOM   236 C  CB  . GLN A 1 42 ? 6.631   0.567   5.171   1.00 112.70 ? 42  GLN A CB  1 
ATOM   237 C  CG  . GLN A 1 42 ? 5.636   0.312   6.284   1.00 126.90 ? 42  GLN A CG  1 
ATOM   238 C  CD  . GLN A 1 42 ? 6.315   -0.396  7.428   1.00 148.39 ? 42  GLN A CD  1 
ATOM   239 O  OE1 . GLN A 1 42 ? 6.472   -1.625  7.419   1.00 148.61 ? 42  GLN A OE1 1 
ATOM   240 N  NE2 . GLN A 1 42 ? 6.741   0.364   8.433   1.00 132.50 ? 42  GLN A NE2 1 
ATOM   241 N  N   . ARG A 1 43 ? 3.771   1.064   3.450   1.00 104.74 ? 43  ARG A N   1 
ATOM   242 C  CA  . ARG A 1 43 ? 2.679   0.486   2.668   1.00 102.40 ? 43  ARG A CA  1 
ATOM   243 C  C   . ARG A 1 43 ? 2.661   1.125   1.277   1.00 106.05 ? 43  ARG A C   1 
ATOM   244 O  O   . ARG A 1 43 ? 2.268   0.459   0.327   1.00 105.91 ? 43  ARG A O   1 
ATOM   245 C  CB  . ARG A 1 43 ? 1.341   0.617   3.390   1.00 100.96 ? 43  ARG A CB  1 
ATOM   246 C  CG  . ARG A 1 43 ? 0.127   0.369   2.528   1.00 116.06 ? 43  ARG A CG  1 
ATOM   247 C  CD  . ARG A 1 43 ? -0.344  -1.077  2.467   1.00 136.01 ? 43  ARG A CD  1 
ATOM   248 N  NE  . ARG A 1 43 ? -1.345  -1.281  1.406   1.00 154.48 ? 43  ARG A NE  1 
ATOM   249 C  CZ  . ARG A 1 43 ? -2.530  -0.662  1.326   1.00 171.05 ? 43  ARG A CZ  1 
ATOM   250 N  NH1 . ARG A 1 43 ? -2.890  0.234   2.246   1.00 147.64 ? 43  ARG A NH1 1 
ATOM   251 N  NH2 . ARG A 1 43 ? -3.357  -0.925  0.319   1.00 164.51 ? 43  ARG A NH2 1 
ATOM   252 N  N   . ALA A 1 44 ? 3.145   2.392   1.150   1.00 102.33 ? 44  ALA A N   1 
ATOM   253 C  CA  . ALA A 1 44 ? 3.278   3.102   -0.123  1.00 102.01 ? 44  ALA A CA  1 
ATOM   254 C  C   . ALA A 1 44 ? 4.231   2.333   -1.018  1.00 105.39 ? 44  ALA A C   1 
ATOM   255 O  O   . ALA A 1 44 ? 3.910   2.117   -2.173  1.00 104.65 ? 44  ALA A O   1 
ATOM   256 C  CB  . ALA A 1 44 ? 3.801   4.508   0.100   1.00 104.25 ? 44  ALA A CB  1 
ATOM   257 N  N   . ALA A 1 45 ? 5.358   1.850   -0.457  1.00 103.34 ? 45  ALA A N   1 
ATOM   258 C  CA  . ALA A 1 45 ? 6.366   1.033   -1.129  1.00 105.11 ? 45  ALA A CA  1 
ATOM   259 C  C   . ALA A 1 45 ? 5.763   -0.264  -1.681  1.00 109.09 ? 45  ALA A C   1 
ATOM   260 O  O   . ALA A 1 45 ? 5.919   -0.558  -2.867  1.00 108.34 ? 45  ALA A O   1 
ATOM   261 C  CB  . ALA A 1 45 ? 7.491   0.712   -0.162  1.00 107.48 ? 45  ALA A CB  1 
ATOM   262 N  N   . GLU A 1 46 ? 5.050   -1.017  -0.820  1.00 106.83 ? 46  GLU A N   1 
ATOM   263 C  CA  . GLU A 1 46 ? 4.378   -2.277  -1.169  1.00 107.47 ? 46  GLU A CA  1 
ATOM   264 C  C   . GLU A 1 46 ? 3.479   -2.098  -2.395  1.00 110.24 ? 46  GLU A C   1 
ATOM   265 O  O   . GLU A 1 46 ? 3.547   -2.914  -3.304  1.00 112.74 ? 46  GLU A O   1 
ATOM   266 C  CB  . GLU A 1 46 ? 3.521   -2.798  0.010   1.00 108.70 ? 46  GLU A CB  1 
ATOM   267 C  CG  . GLU A 1 46 ? 4.281   -3.254  1.249   1.00 127.00 ? 46  GLU A CG  1 
ATOM   268 C  CD  . GLU A 1 46 ? 3.449   -3.428  2.513   1.00 167.10 ? 46  GLU A CD  1 
ATOM   269 O  OE1 . GLU A 1 46 ? 2.219   -3.645  2.399   1.00 169.34 ? 46  GLU A OE1 1 
ATOM   270 O  OE2 . GLU A 1 46 ? 4.031   -3.349  3.622   1.00 169.66 ? 46  GLU A OE2 1 
ATOM   271 N  N   . VAL A 1 47 ? 2.656   -1.025  -2.401  1.00 102.95 ? 47  VAL A N   1 
ATOM   272 C  CA  . VAL A 1 47 ? 1.669   -0.642  -3.411  1.00 101.59 ? 47  VAL A CA  1 
ATOM   273 C  C   . VAL A 1 47 ? 2.326   -0.302  -4.736  1.00 107.90 ? 47  VAL A C   1 
ATOM   274 O  O   . VAL A 1 47 ? 1.807   -0.696  -5.780  1.00 107.68 ? 47  VAL A O   1 
ATOM   275 C  CB  . VAL A 1 47 ? 0.789   0.516   -2.879  1.00 104.33 ? 47  VAL A CB  1 
ATOM   276 C  CG1 . VAL A 1 47 ? -0.030  1.157   -3.981  1.00 105.32 ? 47  VAL A CG1 1 
ATOM   277 C  CG2 . VAL A 1 47 ? -0.123  0.045   -1.765  1.00 103.07 ? 47  VAL A CG2 1 
ATOM   278 N  N   . ILE A 1 48 ? 3.441   0.452   -4.684  1.00 107.43 ? 48  ILE A N   1 
ATOM   279 C  CA  . ILE A 1 48 ? 4.267   0.885   -5.824  1.00 109.76 ? 48  ILE A CA  1 
ATOM   280 C  C   . ILE A 1 48 ? 4.786   -0.371  -6.545  1.00 118.40 ? 48  ILE A C   1 
ATOM   281 O  O   . ILE A 1 48 ? 4.608   -0.486  -7.759  1.00 119.13 ? 48  ILE A O   1 
ATOM   282 C  CB  . ILE A 1 48 ? 5.471   1.766   -5.337  1.00 113.87 ? 48  ILE A CB  1 
ATOM   283 C  CG1 . ILE A 1 48 ? 5.054   3.165   -4.759  1.00 113.35 ? 48  ILE A CG1 1 
ATOM   284 C  CG2 . ILE A 1 48 ? 6.554   1.913   -6.399  1.00 117.41 ? 48  ILE A CG2 1 
ATOM   285 C  CD1 . ILE A 1 48 ? 4.184   4.068   -5.526  1.00 116.27 ? 48  ILE A CD1 1 
ATOM   286 N  N   . GLU A 1 49 ? 5.437   -1.302  -5.788  1.00 117.68 ? 49  GLU A N   1 
ATOM   287 C  CA  . GLU A 1 49 ? 5.995   -2.547  -6.326  1.00 119.36 ? 49  GLU A CA  1 
ATOM   288 C  C   . GLU A 1 49 ? 4.906   -3.437  -6.885  1.00 123.84 ? 49  GLU A C   1 
ATOM   289 O  O   . GLU A 1 49 ? 5.080   -3.966  -7.977  1.00 125.48 ? 49  GLU A O   1 
ATOM   290 C  CB  . GLU A 1 49 ? 6.876   -3.292  -5.302  1.00 121.77 ? 49  GLU A CB  1 
ATOM   291 C  CG  . GLU A 1 49 ? 7.736   -4.413  -5.892  1.00 137.95 ? 49  GLU A CG  1 
ATOM   292 C  CD  . GLU A 1 49 ? 8.622   -4.111  -7.097  1.00 173.93 ? 49  GLU A CD  1 
ATOM   293 O  OE1 . GLU A 1 49 ? 9.179   -2.990  -7.175  1.00 177.88 ? 49  GLU A OE1 1 
ATOM   294 O  OE2 . GLU A 1 49 ? 8.769   -5.009  -7.961  1.00 171.48 ? 49  GLU A OE2 1 
ATOM   295 N  N   . GLN A 1 50 ? 3.774   -3.561  -6.176  1.00 119.37 ? 50  GLN A N   1 
ATOM   296 C  CA  . GLN A 1 50 ? 2.627   -4.342  -6.628  1.00 119.56 ? 50  GLN A CA  1 
ATOM   297 C  C   . GLN A 1 50 ? 2.210   -3.872  -8.035  1.00 122.98 ? 50  GLN A C   1 
ATOM   298 O  O   . GLN A 1 50 ? 2.268   -4.658  -8.980  1.00 124.24 ? 50  GLN A O   1 
ATOM   299 C  CB  . GLN A 1 50 ? 1.471   -4.260  -5.595  1.00 120.55 ? 50  GLN A CB  1 
ATOM   300 C  CG  . GLN A 1 50 ? 0.048   -4.582  -6.100  1.00 150.80 ? 50  GLN A CG  1 
ATOM   301 C  CD  . GLN A 1 50 ? -0.180  -5.993  -6.625  1.00 182.52 ? 50  GLN A CD  1 
ATOM   302 O  OE1 . GLN A 1 50 ? 0.588   -6.940  -6.367  1.00 179.91 ? 50  GLN A OE1 1 
ATOM   303 N  NE2 . GLN A 1 50 ? -1.272  -6.162  -7.370  1.00 177.58 ? 50  GLN A NE2 1 
ATOM   304 N  N   . HIS A 1 51 ? 1.907   -2.581  -8.176  1.00 117.50 ? 51  HIS A N   1 
ATOM   305 C  CA  . HIS A 1 51 ? 1.508   -1.954  -9.424  1.00 118.01 ? 51  HIS A CA  1 
ATOM   306 C  C   . HIS A 1 51 ? 2.591   -2.043  -10.500 1.00 122.26 ? 51  HIS A C   1 
ATOM   307 O  O   . HIS A 1 51 ? 2.260   -2.243  -11.667 1.00 123.73 ? 51  HIS A O   1 
ATOM   308 C  CB  . HIS A 1 51 ? 1.155   -0.509  -9.139  1.00 119.28 ? 51  HIS A CB  1 
ATOM   309 C  CG  . HIS A 1 51 ? 0.692   0.251   -10.325 1.00 124.78 ? 51  HIS A CG  1 
ATOM   310 N  ND1 . HIS A 1 51 ? 1.529   1.133   -10.979 1.00 128.36 ? 51  HIS A ND1 1 
ATOM   311 C  CD2 . HIS A 1 51 ? -0.520  0.258   -10.925 1.00 127.73 ? 51  HIS A CD2 1 
ATOM   312 C  CE1 . HIS A 1 51 ? 0.804   1.651   -11.956 1.00 129.79 ? 51  HIS A CE1 1 
ATOM   313 N  NE2 . HIS A 1 51 ? -0.436  1.154   -11.963 1.00 129.81 ? 51  HIS A NE2 1 
ATOM   314 N  N   . ARG A 1 52 ? 3.876   -1.915  -10.117 1.00 117.87 ? 52  ARG A N   1 
ATOM   315 C  CA  . ARG A 1 52 ? 5.002   -2.041  -11.051 1.00 118.96 ? 52  ARG A CA  1 
ATOM   316 C  C   . ARG A 1 52 ? 4.928   -3.412  -11.713 1.00 121.65 ? 52  ARG A C   1 
ATOM   317 O  O   . ARG A 1 52 ? 4.970   -3.504  -12.929 1.00 122.09 ? 52  ARG A O   1 
ATOM   318 C  CB  . ARG A 1 52 ? 6.348   -1.872  -10.323 1.00 120.46 ? 52  ARG A CB  1 
ATOM   319 C  CG  . ARG A 1 52 ? 7.556   -2.007  -11.239 1.00 135.21 ? 52  ARG A CG  1 
ATOM   320 C  CD  . ARG A 1 52 ? 8.832   -2.241  -10.464 1.00 149.01 ? 52  ARG A CD  1 
ATOM   321 N  NE  . ARG A 1 52 ? 9.231   -3.648  -10.489 1.00 160.48 ? 52  ARG A NE  1 
ATOM   322 C  CZ  . ARG A 1 52 ? 9.991   -4.199  -11.432 1.00 178.96 ? 52  ARG A CZ  1 
ATOM   323 N  NH1 . ARG A 1 52 ? 10.431  -3.470  -12.453 1.00 164.30 ? 52  ARG A NH1 1 
ATOM   324 N  NH2 . ARG A 1 52 ? 10.312  -5.483  -11.365 1.00 170.39 ? 52  ARG A NH2 1 
ATOM   325 N  N   . ARG A 1 53 ? 4.759   -4.459  -10.902 1.00 117.40 ? 53  ARG A N   1 
ATOM   326 C  CA  . ARG A 1 53 ? 4.632   -5.838  -11.340 1.00 117.96 ? 53  ARG A CA  1 
ATOM   327 C  C   . ARG A 1 53 ? 3.388   -6.061  -12.227 1.00 122.00 ? 53  ARG A C   1 
ATOM   328 O  O   . ARG A 1 53 ? 3.504   -6.761  -13.238 1.00 123.79 ? 53  ARG A O   1 
ATOM   329 C  CB  . ARG A 1 53 ? 4.651   -6.797  -10.134 1.00 116.91 ? 53  ARG A CB  1 
ATOM   330 C  CG  . ARG A 1 53 ? 6.048   -7.037  -9.554  1.00 130.03 ? 53  ARG A CG  1 
ATOM   331 C  CD  . ARG A 1 53 ? 6.029   -8.077  -8.436  1.00 150.78 ? 53  ARG A CD  1 
ATOM   332 N  NE  . ARG A 1 53 ? 5.782   -7.481  -7.116  1.00 169.48 ? 53  ARG A NE  1 
ATOM   333 C  CZ  . ARG A 1 53 ? 4.645   -7.588  -6.426  1.00 186.48 ? 53  ARG A CZ  1 
ATOM   334 N  NH1 . ARG A 1 53 ? 3.625   -8.289  -6.913  1.00 176.08 ? 53  ARG A NH1 1 
ATOM   335 N  NH2 . ARG A 1 53 ? 4.522   -6.997  -5.243  1.00 170.69 ? 53  ARG A NH2 1 
ATOM   336 N  N   . VAL A 1 54 ? 2.224   -5.449  -11.886 1.00 116.03 ? 54  VAL A N   1 
ATOM   337 C  CA  . VAL A 1 54 ? 1.001   -5.626  -12.683 1.00 115.79 ? 54  VAL A CA  1 
ATOM   338 C  C   . VAL A 1 54 ? 1.143   -4.953  -14.055 1.00 121.86 ? 54  VAL A C   1 
ATOM   339 O  O   . VAL A 1 54 ? 0.672   -5.506  -15.050 1.00 122.86 ? 54  VAL A O   1 
ATOM   340 C  CB  . VAL A 1 54 ? -0.349  -5.273  -11.981 1.00 118.20 ? 54  VAL A CB  1 
ATOM   341 C  CG1 . VAL A 1 54 ? -1.541  -5.373  -12.923 1.00 116.10 ? 54  VAL A CG1 1 
ATOM   342 C  CG2 . VAL A 1 54 ? -0.583  -6.079  -10.711 1.00 118.37 ? 54  VAL A CG2 1 
ATOM   343 N  N   . ILE A 1 55 ? 1.806   -3.789  -14.113 1.00 119.90 ? 55  ILE A N   1 
ATOM   344 C  CA  . ILE A 1 55 ? 2.036   -3.065  -15.371 1.00 122.40 ? 55  ILE A CA  1 
ATOM   345 C  C   . ILE A 1 55 ? 3.044   -3.824  -16.254 1.00 128.54 ? 55  ILE A C   1 
ATOM   346 O  O   . ILE A 1 55 ? 2.843   -3.910  -17.460 1.00 129.92 ? 55  ILE A O   1 
ATOM   347 C  CB  . ILE A 1 55 ? 2.411   -1.581  -15.095 1.00 125.73 ? 55  ILE A CB  1 
ATOM   348 C  CG1 . ILE A 1 55 ? 1.205   -0.779  -14.520 1.00 125.82 ? 55  ILE A CG1 1 
ATOM   349 C  CG2 . ILE A 1 55 ? 3.043   -0.888  -16.298 1.00 128.30 ? 55  ILE A CG2 1 
ATOM   350 C  CD1 . ILE A 1 55 ? -0.123  -0.644  -15.414 1.00 137.39 ? 55  ILE A CD1 1 
ATOM   351 N  N   . LEU A 1 56 ? 4.051   -4.406  -15.614 1.00 125.42 ? 56  LEU A N   1 
ATOM   352 C  CA  . LEU A 1 56 ? 5.068   -5.200  -16.284 1.00 126.54 ? 56  LEU A CA  1 
ATOM   353 C  C   . LEU A 1 56 ? 4.457   -6.443  -16.923 1.00 127.44 ? 56  LEU A C   1 
ATOM   354 O  O   . LEU A 1 56 ? 4.793   -6.806  -18.045 1.00 128.36 ? 56  LEU A O   1 
ATOM   355 C  CB  . LEU A 1 56 ? 6.121   -5.623  -15.265 1.00 126.72 ? 56  LEU A CB  1 
ATOM   356 C  CG  . LEU A 1 56 ? 7.383   -6.310  -15.774 1.00 134.28 ? 56  LEU A CG  1 
ATOM   357 C  CD1 . LEU A 1 56 ? 8.564   -5.935  -14.893 1.00 135.56 ? 56  LEU A CD1 1 
ATOM   358 C  CD2 . LEU A 1 56 ? 7.186   -7.816  -15.790 1.00 136.74 ? 56  LEU A CD2 1 
ATOM   359 N  N   . ASN A 1 57 ? 3.554   -7.092  -16.198 1.00 121.16 ? 57  ASN A N   1 
ATOM   360 C  CA  . ASN A 1 57 ? 2.882   -8.277  -16.687 1.00 121.89 ? 57  ASN A CA  1 
ATOM   361 C  C   . ASN A 1 57 ? 1.926   -7.899  -17.826 1.00 126.39 ? 57  ASN A C   1 
ATOM   362 O  O   . ASN A 1 57 ? 1.862   -8.612  -18.822 1.00 126.94 ? 57  ASN A O   1 
ATOM   363 C  CB  . ASN A 1 57 ? 2.162   -8.969  -15.540 1.00 122.52 ? 57  ASN A CB  1 
ATOM   364 C  CG  . ASN A 1 57 ? 1.163   -9.989  -15.981 1.00 145.14 ? 57  ASN A CG  1 
ATOM   365 O  OD1 . ASN A 1 57 ? 1.520   -11.021 -16.562 1.00 144.90 ? 57  ASN A OD1 1 
ATOM   366 N  ND2 . ASN A 1 57 ? -0.111  -9.697  -15.736 1.00 133.07 ? 57  ASN A ND2 1 
ATOM   367 N  N   . GLU A 1 58 ? 1.206   -6.771  -17.686 1.00 123.53 ? 58  GLU A N   1 
ATOM   368 C  CA  . GLU A 1 58 ? 0.283   -6.232  -18.700 1.00 125.22 ? 58  GLU A CA  1 
ATOM   369 C  C   . GLU A 1 58 ? 1.044   -5.987  -20.030 1.00 132.00 ? 58  GLU A C   1 
ATOM   370 O  O   . GLU A 1 58 ? 0.499   -6.238  -21.113 1.00 133.90 ? 58  GLU A O   1 
ATOM   371 C  CB  . GLU A 1 58 ? -0.370  -4.928  -18.182 1.00 125.75 ? 58  GLU A CB  1 
ATOM   372 N  N   . GLU A 1 59 ? 2.325   -5.537  -19.910 1.00 128.09 ? 59  GLU A N   1 
ATOM   373 C  CA  . GLU A 1 59 ? 3.295   -5.277  -20.972 1.00 129.55 ? 59  GLU A CA  1 
ATOM   374 C  C   . GLU A 1 59 ? 3.787   -6.582  -21.655 1.00 136.05 ? 59  GLU A C   1 
ATOM   375 O  O   . GLU A 1 59 ? 4.122   -6.544  -22.841 1.00 138.35 ? 59  GLU A O   1 
ATOM   376 C  CB  . GLU A 1 59 ? 4.471   -4.443  -20.440 1.00 130.53 ? 59  GLU A CB  1 
ATOM   377 N  N   . SER A 1 60 ? 3.817   -7.731  -20.924 1.00 131.81 ? 60  SER A N   1 
ATOM   378 C  CA  . SER A 1 60 ? 4.216   -9.042  -21.478 1.00 133.01 ? 60  SER A CA  1 
ATOM   379 C  C   . SER A 1 60 ? 3.130   -9.595  -22.364 1.00 136.44 ? 60  SER A C   1 
ATOM   380 O  O   . SER A 1 60 ? 3.428   -10.126 -23.430 1.00 139.01 ? 60  SER A O   1 
ATOM   381 C  CB  . SER A 1 60 ? 4.498   -10.052 -20.375 1.00 136.82 ? 60  SER A CB  1 
ATOM   382 O  OG  . SER A 1 60 ? 5.538   -9.575  -19.542 1.00 152.84 ? 60  SER A OG  1 
ATOM   383 N  N   . TRP A 1 61 ? 1.871   -9.489  -21.919 1.00 129.76 ? 61  TRP A N   1 
ATOM   384 C  CA  . TRP A 1 61 ? 0.714   -9.946  -22.675 1.00 130.02 ? 61  TRP A CA  1 
ATOM   385 C  C   . TRP A 1 61 ? 0.555   -9.156  -23.944 1.00 135.85 ? 61  TRP A C   1 
ATOM   386 O  O   . TRP A 1 61 ? 0.337   -9.745  -25.000 1.00 137.31 ? 61  TRP A O   1 
ATOM   387 C  CB  . TRP A 1 61 ? -0.551  -9.861  -21.834 1.00 126.84 ? 61  TRP A CB  1 
ATOM   388 C  CG  . TRP A 1 61 ? -0.738  -11.067 -20.979 1.00 126.97 ? 61  TRP A CG  1 
ATOM   389 C  CD1 . TRP A 1 61 ? -0.500  -11.170 -19.641 1.00 127.76 ? 61  TRP A CD1 1 
ATOM   390 C  CD2 . TRP A 1 61 ? -1.134  -12.366 -21.421 1.00 129.05 ? 61  TRP A CD2 1 
ATOM   391 N  NE1 . TRP A 1 61 ? -0.750  -12.448 -19.218 1.00 128.22 ? 61  TRP A NE1 1 
ATOM   392 C  CE2 . TRP A 1 61 ? -1.150  -13.205 -20.291 1.00 132.21 ? 61  TRP A CE2 1 
ATOM   393 C  CE3 . TRP A 1 61 ? -1.478  -12.906 -22.671 1.00 133.03 ? 61  TRP A CE3 1 
ATOM   394 C  CZ2 . TRP A 1 61 ? -1.526  -14.547 -20.365 1.00 133.78 ? 61  TRP A CZ2 1 
ATOM   395 C  CZ3 . TRP A 1 61 ? -1.835  -14.239 -22.745 1.00 136.60 ? 61  TRP A CZ3 1 
ATOM   396 C  CH2 . TRP A 1 61 ? -1.854  -15.044 -21.602 1.00 136.88 ? 61  TRP A CH2 1 
ATOM   397 N  N   . THR A 1 62 ? 0.731   -7.826  -23.863 1.00 132.44 ? 62  THR A N   1 
ATOM   398 C  CA  . THR A 1 62 ? 0.619   -6.993  -25.057 1.00 134.38 ? 62  THR A CA  1 
ATOM   399 C  C   . THR A 1 62 ? 1.793   -7.296  -26.028 1.00 137.52 ? 62  THR A C   1 
ATOM   400 O  O   . THR A 1 62 ? 1.586   -7.226  -27.233 1.00 139.14 ? 62  THR A O   1 
ATOM   401 C  CB  . THR A 1 62 ? 0.382   -5.517  -24.723 1.00 143.31 ? 62  THR A CB  1 
ATOM   402 O  OG1 . THR A 1 62 ? 0.294   -4.804  -25.946 1.00 149.59 ? 62  THR A OG1 1 
ATOM   403 C  CG2 . THR A 1 62 ? 1.447   -4.909  -23.864 1.00 139.47 ? 62  THR A CG2 1 
ATOM   404 N  N   . ARG A 1 63 ? 2.956   -7.740  -25.499 1.00 132.12 ? 63  ARG A N   1 
ATOM   405 C  CA  . ARG A 1 63 ? 4.140   -8.181  -26.250 1.00 133.58 ? 63  ARG A CA  1 
ATOM   406 C  C   . ARG A 1 63 ? 3.827   -9.507  -27.006 1.00 138.64 ? 63  ARG A C   1 
ATOM   407 O  O   . ARG A 1 63 ? 4.192   -9.640  -28.180 1.00 141.50 ? 63  ARG A O   1 
ATOM   408 C  CB  . ARG A 1 63 ? 5.335   -8.353  -25.282 1.00 132.50 ? 63  ARG A CB  1 
ATOM   409 C  CG  . ARG A 1 63 ? 6.653   -8.775  -25.910 1.00 143.50 ? 63  ARG A CG  1 
ATOM   410 N  N   . VAL A 1 64 ? 3.134   -10.465 -26.339 1.00 132.80 ? 64  VAL A N   1 
ATOM   411 C  CA  . VAL A 1 64 ? 2.729   -11.775 -26.896 1.00 133.60 ? 64  VAL A CA  1 
ATOM   412 C  C   . VAL A 1 64 ? 1.694   -11.595 -28.008 1.00 138.21 ? 64  VAL A C   1 
ATOM   413 O  O   . VAL A 1 64 ? 1.891   -12.097 -29.111 1.00 140.45 ? 64  VAL A O   1 
ATOM   414 C  CB  . VAL A 1 64 ? 2.248   -12.746 -25.785 1.00 136.07 ? 64  VAL A CB  1 
ATOM   415 C  CG1 . VAL A 1 64 ? 1.481   -13.935 -26.353 1.00 138.02 ? 64  VAL A CG1 1 
ATOM   416 C  CG2 . VAL A 1 64 ? 3.417   -13.223 -24.939 1.00 135.65 ? 64  VAL A CG2 1 
ATOM   417 N  N   . MET A 1 65 ? 0.617   -10.844 -27.721 1.00 133.46 ? 65  MET A N   1 
ATOM   418 C  CA  . MET A 1 65 ? -0.456  -10.533 -28.668 1.00 135.32 ? 65  MET A CA  1 
ATOM   419 C  C   . MET A 1 65 ? 0.078   -9.746  -29.876 1.00 142.63 ? 65  MET A C   1 
ATOM   420 O  O   . MET A 1 65 ? -0.465  -9.886  -30.974 1.00 144.19 ? 65  MET A O   1 
ATOM   421 C  CB  . MET A 1 65 ? -1.587  -9.748  -27.979 1.00 136.10 ? 65  MET A CB  1 
ATOM   422 C  CG  . MET A 1 65 ? -2.180  -10.441 -26.765 1.00 137.26 ? 65  MET A CG  1 
ATOM   423 S  SD  . MET A 1 65 ? -2.880  -12.075 -27.085 1.00 143.29 ? 65  MET A SD  1 
ATOM   424 C  CE  . MET A 1 65 ? -4.478  -11.614 -27.702 1.00 142.96 ? 65  MET A CE  1 
ATOM   425 N  N   . ASP A 1 66 ? 1.140   -8.917  -29.662 1.00 139.66 ? 66  ASP A N   1 
ATOM   426 C  CA  . ASP A 1 66 ? 1.800   -8.139  -30.706 1.00 142.10 ? 66  ASP A CA  1 
ATOM   427 C  C   . ASP A 1 66 ? 2.401   -9.125  -31.705 1.00 151.33 ? 66  ASP A C   1 
ATOM   428 O  O   . ASP A 1 66 ? 2.195   -8.965  -32.912 1.00 155.41 ? 66  ASP A O   1 
ATOM   429 C  CB  . ASP A 1 66 ? 2.870   -7.186  -30.130 1.00 142.09 ? 66  ASP A CB  1 
ATOM   430 N  N   . ALA A 1 67 ? 3.053   -10.196 -31.205 1.00 147.69 ? 67  ALA A N   1 
ATOM   431 C  CA  . ALA A 1 67 ? 3.650   -11.230 -32.060 1.00 150.76 ? 67  ALA A CA  1 
ATOM   432 C  C   . ALA A 1 67 ? 2.619   -12.113 -32.732 1.00 156.89 ? 67  ALA A C   1 
ATOM   433 O  O   . ALA A 1 67 ? 2.655   -12.257 -33.952 1.00 159.34 ? 67  ALA A O   1 
ATOM   434 C  CB  . ALA A 1 67 ? 4.591   -12.090 -31.257 1.00 150.79 ? 67  ALA A CB  1 
ATOM   435 N  N   . LEU A 1 68 ? 1.715   -12.709 -31.930 1.00 152.95 ? 68  LEU A N   1 
ATOM   436 C  CA  . LEU A 1 68 ? 0.649   -13.607 -32.370 1.00 155.31 ? 68  LEU A CA  1 
ATOM   437 C  C   . LEU A 1 68 ? -0.256  -13.011 -33.449 1.00 167.40 ? 68  LEU A C   1 
ATOM   438 O  O   . LEU A 1 68 ? -0.613  -13.720 -34.393 1.00 170.62 ? 68  LEU A O   1 
ATOM   439 C  CB  . LEU A 1 68 ? -0.186  -14.109 -31.183 1.00 152.48 ? 68  LEU A CB  1 
ATOM   440 N  N   . SER A 1 69 ? -0.590  -11.706 -33.340 1.00 166.61 ? 69  SER A N   1 
ATOM   441 C  CA  . SER A 1 69 ? -1.452  -11.021 -34.314 1.00 170.58 ? 69  SER A CA  1 
ATOM   442 C  C   . SER A 1 69 ? -0.820  -10.875 -35.698 1.00 178.41 ? 69  SER A C   1 
ATOM   443 O  O   . SER A 1 69 ? -1.543  -10.988 -36.691 1.00 181.91 ? 69  SER A O   1 
ATOM   444 C  CB  . SER A 1 69 ? -1.911  -9.664  -33.788 1.00 174.21 ? 69  SER A CB  1 
ATOM   445 O  OG  . SER A 1 69 ? -3.013  -9.169  -34.533 1.00 188.74 ? 69  SER A OG  1 
ATOM   446 N  N   . ASN A 1 70 ? 0.518   -10.648 -35.762 1.00 174.32 ? 70  ASN A N   1 
ATOM   447 C  CA  . ASN A 1 70 ? 1.270   -10.462 -37.012 1.00 201.62 ? 70  ASN A CA  1 
ATOM   448 C  C   . ASN A 1 70 ? 1.273   -11.699 -37.927 1.00 213.01 ? 70  ASN A C   1 
ATOM   449 O  O   . ASN A 1 70 ? 1.887   -12.719 -37.620 1.00 178.77 ? 70  ASN A O   1 
ATOM   450 C  CB  . ASN A 1 70 ? 2.695   -9.976  -36.734 1.00 200.86 ? 70  ASN A CB  1 
ATOM   451 C  CG  . ASN A 1 70 ? 3.256   -9.128  -37.849 1.00 216.67 ? 70  ASN A CG  1 
ATOM   452 O  OD1 . ASN A 1 70 ? 3.419   -9.571  -38.998 1.00 212.61 ? 70  ASN A OD1 1 
ATOM   453 N  ND2 . ASN A 1 70 ? 3.557   -7.880  -37.533 1.00 209.98 ? 70  ASN A ND2 1 
HETATM 454 NA NA  . NA  B 2 .  ? 3.067   -13.513 -19.362 1.00 127.03 1 101 NA  A NA  1 
HETATM 455 NA NA  . NA  C 2 .  ? 6.179   1.227   12.540  1.00 121.64 1 102 NA  A NA  1 
HETATM 456 NA NA  . NA  D 2 .  ? -10.202 -3.397  18.203  1.00 161.79 1 103 NA  A NA  1 
HETATM 457 NA NA  . NA  E 2 .  ? -12.336 2.073   23.457  1.00 138.53 1 104 NA  A NA  1 
# 
loop_
_atom_site_anisotrop.id 
_atom_site_anisotrop.type_symbol 
_atom_site_anisotrop.pdbx_label_atom_id 
_atom_site_anisotrop.pdbx_label_alt_id 
_atom_site_anisotrop.pdbx_label_comp_id 
_atom_site_anisotrop.pdbx_label_asym_id 
_atom_site_anisotrop.pdbx_label_seq_id 
_atom_site_anisotrop.pdbx_PDB_ins_code 
_atom_site_anisotrop.U[1][1] 
_atom_site_anisotrop.U[2][2] 
_atom_site_anisotrop.U[3][3] 
_atom_site_anisotrop.U[1][2] 
_atom_site_anisotrop.U[1][3] 
_atom_site_anisotrop.U[2][3] 
_atom_site_anisotrop.pdbx_auth_seq_id 
_atom_site_anisotrop.pdbx_auth_comp_id 
_atom_site_anisotrop.pdbx_auth_asym_id 
_atom_site_anisotrop.pdbx_auth_atom_id 
1   N N   . ILE A 9  ? 2.9391 2.2134 1.8535 0.4774  -0.0967 0.0462  9  ILE A N   
2   C CA  . ILE A 9  ? 2.9923 2.2991 1.8798 0.5645  -0.1240 0.0323  9  ILE A CA  
3   C C   . ILE A 9  ? 2.9766 2.3712 1.9421 0.5712  -0.1100 0.0266  9  ILE A C   
4   O O   . ILE A 9  ? 3.0371 2.3426 1.9295 0.5923  -0.1044 0.0322  9  ILE A O   
5   C CB  . ILE A 9  ? 3.0150 2.4291 1.9429 0.6078  -0.1552 0.0136  9  ILE A CB  
6   C CG1 . ILE A 9  ? 3.0746 2.4025 1.9301 0.5913  -0.1655 0.0207  9  ILE A CG1 
7   C CG2 . ILE A 9  ? 3.1040 2.5471 1.9877 0.7099  -0.1880 -0.0048 9  ILE A CG2 
8   C CD1 . ILE A 9  ? 3.0675 2.5290 2.0229 0.5714  -0.1758 0.0064  9  ILE A CD1 
9   N N   . ASP A 10 ? 2.8083 2.3667 1.9129 0.5482  -0.1015 0.0153  10 ASP A N   
10  C CA  . ASP A 10 ? 2.7330 2.3858 1.9174 0.5480  -0.0843 0.0089  10 ASP A CA  
11  C C   . ASP A 10 ? 2.6204 2.3283 1.9010 0.4674  -0.0527 0.0177  10 ASP A C   
12  O O   . ASP A 10 ? 2.5472 2.3604 1.9161 0.4380  -0.0482 0.0088  10 ASP A O   
13  C CB  . ASP A 10 ? 2.7474 2.5504 1.9970 0.6045  -0.1021 -0.0186 10 ASP A CB  
14  N N   . LEU A 11 ? 2.5190 2.1507 1.7746 0.4339  -0.0317 0.0334  11 LEU A N   
15  C CA  . LEU A 11 ? 2.3971 2.0627 1.7240 0.3681  -0.0045 0.0426  11 LEU A CA  
16  C C   . LEU A 11 ? 2.3358 2.1250 1.7556 0.3662  0.0108  0.0333  11 LEU A C   
17  O O   . LEU A 11 ? 2.3514 2.1706 1.7662 0.4095  0.0086  0.0245  11 LEU A O   
18  C CB  . LEU A 11 ? 2.4181 1.9785 1.6883 0.3412  0.0090  0.0565  11 LEU A CB  
19  N N   . ARG A 12 ? 2.1846 2.0407 1.6815 0.3162  0.0276  0.0337  12 ARG A N   
20  C CA  . ARG A 12 ? 2.1069 2.0670 1.6835 0.2986  0.0493  0.0255  12 ARG A CA  
21  C C   . ARG A 12 ? 2.0741 2.0069 1.6702 0.2475  0.0766  0.0415  12 ARG A C   
22  O O   . ARG A 12 ? 2.0552 1.9438 1.6460 0.2128  0.0787  0.0513  12 ARG A O   
23  C CB  . ARG A 12 ? 2.0676 2.1320 1.7078 0.2865  0.0456  0.0067  12 ARG A CB  
24  N N   . LEU A 13 ? 1.9784 1.9370 1.5913 0.2481  0.0969  0.0428  13 LEU A N   
25  C CA  . LEU A 13 ? 1.9252 1.8607 1.5478 0.2115  0.1219  0.0563  13 LEU A CA  
26  C C   . LEU A 13 ? 1.9685 1.9665 1.6198 0.2152  0.1453  0.0499  13 LEU A C   
27  O O   . LEU A 13 ? 1.9979 1.9932 1.6255 0.2511  0.1428  0.0469  13 LEU A O   
28  C CB  . LEU A 13 ? 1.9308 1.7725 1.4975 0.2138  0.1163  0.0706  13 LEU A CB  
29  C CG  . LEU A 13 ? 1.9438 1.7565 1.5141 0.1803  0.1322  0.0829  13 LEU A CG  
30  N N   . THR A 14 ? 1.8874 1.9357 1.5822 0.1758  0.1705  0.0463  14 THR A N   
31  C CA  . THR A 14 ? 1.8838 1.9904 1.6030 0.1652  0.2008  0.0387  14 THR A CA  
32  C C   . THR A 14 ? 1.9630 2.0080 1.6394 0.1753  0.2128  0.0545  14 THR A C   
33  O O   . THR A 14 ? 1.9613 1.9258 1.6008 0.1722  0.2045  0.0714  14 THR A O   
34  C CB  . THR A 14 ? 1.9283 2.0576 1.6764 0.1084  0.2296  0.0366  14 THR A CB  
35  O OG1 . THR A 14 ? 1.8825 2.0254 1.6525 0.0900  0.2147  0.0299  14 THR A OG1 
36  C CG2 . THR A 14 ? 1.9188 2.1383 1.7034 0.0885  0.2617  0.0174  14 THR A CG2 
37  N N   . ASP A 15 ? 1.9524 2.0418 1.6349 0.1854  0.2337  0.0466  15 ASP A N   
38  C CA  . ASP A 15 ? 1.9868 2.0204 1.6250 0.1943  0.2473  0.0603  15 ASP A CA  
39  C C   . ASP A 15 ? 2.0362 2.0130 1.6536 0.1540  0.2692  0.0773  15 ASP A C   
40  O O   . ASP A 15 ? 2.0567 1.9643 1.6276 0.1632  0.2682  0.0926  15 ASP A O   
41  C CB  . ASP A 15 ? 2.0443 2.1442 1.6941 0.2107  0.2696  0.0460  15 ASP A CB  
42  C CG  . ASP A 15 ? 2.2923 2.4287 1.9411 0.2670  0.2468  0.0308  15 ASP A CG  
43  O OD1 . ASP A 15 ? 2.3166 2.4890 1.9879 0.2851  0.2222  0.0187  15 ASP A OD1 
44  O OD2 . ASP A 15 ? 2.3986 2.5229 2.0170 0.2966  0.2534  0.0302  15 ASP A OD2 
45  N N   . ASP A 16 ? 1.9727 1.9758 1.6180 0.1120  0.2872  0.0728  16 ASP A N   
46  C CA  . ASP A 16 ? 1.9898 1.9302 1.6048 0.0748  0.3101  0.0871  16 ASP A CA  
47  C C   . ASP A 16 ? 1.9672 1.8437 1.5659 0.0751  0.2861  0.0997  16 ASP A C   
48  O O   . ASP A 16 ? 1.9852 1.7942 1.5450 0.0611  0.2973  0.1134  16 ASP A O   
49  C CB  . ASP A 16 ? 2.0457 2.0365 1.6887 0.0249  0.3443  0.0731  16 ASP A CB  
50  C CG  . ASP A 16 ? 2.2802 2.3654 1.9556 0.0221  0.3679  0.0520  16 ASP A CG  
51  O OD1 . ASP A 16 ? 2.3305 2.3907 1.9689 0.0201  0.3959  0.0582  16 ASP A OD1 
52  O OD2 . ASP A 16 ? 2.3566 2.5446 2.0925 0.0252  0.3578  0.0275  16 ASP A OD2 
53  N N   . ASP A 17 ? 1.8599 1.7546 1.4814 0.0941  0.2540  0.0940  17 ASP A N   
54  C CA  . ASP A 17 ? 1.8265 1.6732 1.4369 0.0951  0.2307  0.1017  17 ASP A CA  
55  C C   . ASP A 17 ? 1.8088 1.6127 1.3854 0.1259  0.2106  0.1086  17 ASP A C   
56  O O   . ASP A 17 ? 1.7852 1.5452 1.3422 0.1249  0.1999  0.1154  17 ASP A O   
57  C CB  . ASP A 17 ? 1.8345 1.7209 1.4800 0.0919  0.2110  0.0897  17 ASP A CB  
58  C CG  . ASP A 17 ? 2.0841 1.9915 1.7557 0.0535  0.2238  0.0835  17 ASP A CG  
59  O OD1 . ASP A 17 ? 2.1288 1.9824 1.7780 0.0324  0.2351  0.0938  17 ASP A OD1 
60  O OD2 . ASP A 17 ? 2.1691 2.1460 1.8793 0.0470  0.2206  0.0664  17 ASP A OD2 
61  N N   . LYS A 18 ? 1.7458 1.5667 1.3146 0.1530  0.2063  0.1036  18 LYS A N   
62  C CA  . LYS A 18 ? 1.7389 1.5182 1.2690 0.1786  0.1904  0.1067  18 LYS A CA  
63  C C   . LYS A 18 ? 1.8029 1.5457 1.3014 0.1772  0.2032  0.1173  18 LYS A C   
64  O O   . LYS A 18 ? 1.8017 1.5081 1.2729 0.1854  0.1884  0.1196  18 LYS A O   
65  C CB  . LYS A 18 ? 1.7666 1.5685 1.2889 0.2099  0.1870  0.0977  18 LYS A CB  
66  C CG  . LYS A 18 ? 1.7766 1.5878 1.3018 0.2281  0.1646  0.0875  18 LYS A CG  
67  N N   . SER A 19 ? 1.7831 1.5358 1.2813 0.1648  0.2312  0.1218  19 SER A N   
68  C CA  . SER A 19 ? 1.8304 1.5369 1.2840 0.1664  0.2464  0.1334  19 SER A CA  
69  C C   . SER A 19 ? 1.8837 1.5481 1.3220 0.1589  0.2383  0.1408  19 SER A C   
70  O O   . SER A 19 ? 1.9076 1.5375 1.3104 0.1785  0.2260  0.1449  19 SER A O   
71  C CB  . SER A 19 ? 1.9365 1.6545 1.3840 0.1478  0.2837  0.1350  19 SER A CB  
72  O OG  . SER A 19 ? 2.0997 1.8642 1.5593 0.1613  0.2923  0.1256  19 SER A OG  
73  N N   . MET A 20 ? 1.8146 1.4876 1.2797 0.1336  0.2431  0.1395  20 MET A N   
74  C CA  . MET A 20 ? 1.8167 1.4530 1.2690 0.1285  0.2364  0.1442  20 MET A CA  
75  C C   . MET A 20 ? 1.7981 1.4349 1.2523 0.1480  0.2056  0.1391  20 MET A C   
76  O O   . MET A 20 ? 1.8128 1.4207 1.2381 0.1631  0.1987  0.1418  20 MET A O   
77  C CB  . MET A 20 ? 1.8342 1.4903 1.3226 0.0983  0.2416  0.1391  20 MET A CB  
78  C CG  . MET A 20 ? 1.9389 1.5787 1.4139 0.0682  0.2748  0.1419  20 MET A CG  
79  S SD  . MET A 20 ? 1.9890 1.6488 1.5025 0.0328  0.2744  0.1325  20 MET A SD  
80  C CE  . MET A 20 ? 2.0235 1.6582 1.5088 -0.0125 0.3209  0.1320  20 MET A CE  
81  N N   . ILE A 21 ? 1.6920 1.3606 1.1748 0.1474  0.1880  0.1295  21 ILE A N   
82  C CA  . ILE A 21 ? 1.6587 1.3277 1.1402 0.1538  0.1639  0.1207  21 ILE A CA  
83  C C   . ILE A 21 ? 1.7483 1.4044 1.1955 0.1759  0.1562  0.1190  21 ILE A C   
84  O O   . ILE A 21 ? 1.7633 1.4207 1.2025 0.1818  0.1428  0.1120  21 ILE A O   
85  C CB  . ILE A 21 ? 1.6603 1.3434 1.1591 0.1457  0.1513  0.1120  21 ILE A CB  
86  C CG1 . ILE A 21 ? 1.6396 1.3413 1.1698 0.1284  0.1570  0.1124  21 ILE A CG1 
87  C CG2 . ILE A 21 ? 1.6491 1.3239 1.1390 0.1389  0.1332  0.1011  21 ILE A CG2 
88  C CD1 . ILE A 21 ? 1.7111 1.4202 1.2470 0.1286  0.1438  0.1050  21 ILE A CD1 
89  N N   . GLU A 22 ? 1.7175 1.3678 1.1451 0.1891  0.1650  0.1229  22 GLU A N   
90  C CA  . GLU A 22 ? 1.7484 1.3837 1.1376 0.2108  0.1583  0.1210  22 GLU A CA  
91  C C   . GLU A 22 ? 1.8275 1.4412 1.1868 0.2261  0.1609  0.1278  22 GLU A C   
92  O O   . GLU A 22 ? 1.8392 1.4565 1.1801 0.2427  0.1424  0.1189  22 GLU A O   
93  C CB  . GLU A 22 ? 1.7926 1.4236 1.1639 0.2226  0.1724  0.1250  22 GLU A CB  
94  C CG  . GLU A 22 ? 1.9438 1.5864 1.3254 0.2235  0.1649  0.1161  22 GLU A CG  
95  C CD  . GLU A 22 ? 2.3258 1.9719 1.6910 0.2414  0.1793  0.1171  22 GLU A CD  
96  O OE1 . GLU A 22 ? 2.3470 2.0154 1.7284 0.2369  0.2026  0.1226  22 GLU A OE1 
97  O OE2 . GLU A 22 ? 2.3096 1.9373 1.6438 0.2574  0.1689  0.1098  22 GLU A OE2 
98  N N   . GLU A 23 ? 1.7949 1.3847 1.1443 0.2202  0.1838  0.1411  23 GLU A N   
99  C CA  . GLU A 23 ? 1.8406 1.3856 1.1430 0.2366  0.1911  0.1507  23 GLU A CA  
100 C C   . GLU A 23 ? 1.8270 1.3811 1.1393 0.2458  0.1706  0.1425  23 GLU A C   
101 O O   . GLU A 23 ? 1.8493 1.3919 1.1253 0.2781  0.1562  0.1391  23 GLU A O   
102 C CB  . GLU A 23 ? 1.9008 1.4111 1.1889 0.2143  0.2252  0.1639  23 GLU A CB  
103 C CG  . GLU A 23 ? 2.2447 1.6786 1.4523 0.2317  0.2428  0.1779  23 GLU A CG  
104 C CD  . GLU A 23 ? 2.7590 2.1425 1.9367 0.2005  0.2815  0.1888  23 GLU A CD  
105 O OE1 . GLU A 23 ? 2.9001 2.1992 1.9943 0.2141  0.2974  0.2012  23 GLU A OE1 
106 O OE2 . GLU A 23 ? 2.6500 2.0754 1.8813 0.1621  0.2962  0.1832  23 GLU A OE2 
107 N N   . ALA A 24 ? 1.7168 1.2961 1.0765 0.2207  0.1687  0.1371  24 ALA A N   
108 C CA  . ALA A 24 ? 1.6844 1.2798 1.0601 0.2248  0.1535  0.1271  24 ALA A CA  
109 C C   . ALA A 24 ? 1.7042 1.3499 1.0989 0.2336  0.1271  0.1069  24 ALA A C   
110 O O   . ALA A 24 ? 1.7050 1.3705 1.0966 0.2537  0.1129  0.0953  24 ALA A O   
111 C CB  . ALA A 24 ? 1.6500 1.2563 1.0668 0.1924  0.1609  0.1266  24 ALA A CB  
112 N N   . ALA A 25 ? 1.6369 1.3042 1.0473 0.2186  0.1212  0.0999  25 ALA A N   
113 C CA  . ALA A 25 ? 1.6250 1.3335 1.0449 0.2165  0.1002  0.0776  25 ALA A CA  
114 C C   . ALA A 25 ? 1.7292 1.4429 1.1128 0.2532  0.0876  0.0719  25 ALA A C   
115 O O   . ALA A 25 ? 1.7441 1.5051 1.1364 0.2638  0.0689  0.0506  25 ALA A O   
116 C CB  . ALA A 25 ? 1.6204 1.3254 1.0438 0.1942  0.0999  0.0733  25 ALA A CB  
117 N N   . ALA A 26 ? 1.7067 1.3756 1.0475 0.2742  0.0987  0.0895  26 ALA A N   
118 C CA  . ALA A 26 ? 1.7500 1.4089 1.0412 0.3143  0.0878  0.0877  26 ALA A CA  
119 C C   . ALA A 26 ? 1.8186 1.4772 1.0903 0.3486  0.0781  0.0851  26 ALA A C   
120 O O   . ALA A 26 ? 1.8373 1.5412 1.1031 0.3767  0.0529  0.0643  26 ALA A O   
121 C CB  . ALA A 26 ? 1.8056 1.4045 1.0484 0.3248  0.1089  0.1098  26 ALA A CB  
122 N N   . ILE A 27 ? 1.7725 1.3846 1.0341 0.3465  0.0969  0.1025  27 ILE A N   
123 C CA  . ILE A 27 ? 1.8071 1.3996 1.0395 0.3809  0.0914  0.1022  27 ILE A CA  
124 C C   . ILE A 27 ? 1.8737 1.5536 1.1573 0.3865  0.0657  0.0724  27 ILE A C   
125 O O   . ILE A 27 ? 1.9114 1.6153 1.1708 0.4342  0.0449  0.0580  27 ILE A O   
126 C CB  . ILE A 27 ? 1.8432 1.3702 1.0638 0.3599  0.1199  0.1227  27 ILE A CB  
127 C CG1 . ILE A 27 ? 1.9103 1.3520 1.0672 0.3573  0.1481  0.1474  27 ILE A CG1 
128 C CG2 . ILE A 27 ? 1.8774 1.3853 1.0746 0.3902  0.1137  0.1187  27 ILE A CG2 
129 C CD1 . ILE A 27 ? 2.0346 1.4405 1.2031 0.3136  0.1790  0.1609  27 ILE A CD1 
130 N N   . SER A 28 ? 1.7935 1.5225 1.1439 0.3386  0.0679  0.0614  28 SER A N   
131 C CA  . SER A 28 ? 1.7620 1.5752 1.1656 0.3259  0.0521  0.0317  28 SER A CA  
132 C C   . SER A 28 ? 1.8411 1.7294 1.2603 0.3260  0.0298  0.0022  28 SER A C   
133 O O   . SER A 28 ? 1.8159 1.7857 1.2768 0.3143  0.0176  -0.0286 28 SER A O   
134 C CB  . SER A 28 ? 1.7640 1.5806 1.2141 0.2714  0.0666  0.0338  28 SER A CB  
135 O OG  . SER A 28 ? 1.9275 1.6824 1.3661 0.2661  0.0865  0.0576  28 SER A OG  
136 N N   . ASN A 29 ? 1.8512 1.7146 1.2360 0.3357  0.0263  0.0086  29 ASN A N   
137 C CA  . ASN A 29 ? 1.8664 1.7875 1.2540 0.3335  0.0063  -0.0184 29 ASN A CA  
138 C C   . ASN A 29 ? 1.8699 1.8375 1.3050 0.2725  0.0084  -0.0413 29 ASN A C   
139 O O   . ASN A 29 ? 1.8712 1.9207 1.3308 0.2597  -0.0075 -0.0776 29 ASN A O   
140 C CB  . ASN A 29 ? 1.9561 1.9421 1.3311 0.3867  -0.0219 -0.0437 29 ASN A CB  
141 C CG  . ASN A 29 ? 2.4879 2.4037 1.7886 0.4501  -0.0248 -0.0200 29 ASN A CG  
142 O OD1 . ASN A 29 ? 2.4896 2.3431 1.7419 0.4574  -0.0178 -0.0006 29 ASN A OD1 
143 N ND2 . ASN A 29 ? 2.4394 2.3555 1.7198 0.4989  -0.0333 -0.0215 29 ASN A ND2 
144 N N   . GLN A 30 ? 1.7874 1.6991 1.2285 0.2350  0.0293  -0.0210 30 GLN A N   
145 C CA  . GLN A 30 ? 1.7548 1.6701 1.2164 0.1793  0.0367  -0.0333 30 GLN A CA  
146 C C   . GLN A 30 ? 1.8111 1.6534 1.2410 0.1676  0.0482  -0.0127 30 GLN A C   
147 O O   . GLN A 30 ? 1.8193 1.6173 1.2271 0.1959  0.0557  0.0128  30 GLN A O   
148 C CB  . GLN A 30 ? 1.7334 1.6444 1.2261 0.1561  0.0498  -0.0269 30 GLN A CB  
149 C CG  . GLN A 30 ? 1.8673 1.8381 1.3897 0.1728  0.0435  -0.0418 30 GLN A CG  
150 C CD  . GLN A 30 ? 2.1720 2.1348 1.7200 0.1382  0.0578  -0.0394 30 GLN A CD  
151 O OE1 . GLN A 30 ? 2.1226 2.0347 1.6674 0.1443  0.0695  -0.0137 30 GLN A OE1 
152 N NE2 . GLN A 30 ? 2.1227 2.1340 1.6924 0.0964  0.0588  -0.0681 30 GLN A NE2 
153 N N   . SER A 31 ? 1.7648 1.5901 1.1874 0.1259  0.0520  -0.0244 31 SER A N   
154 C CA  . SER A 31 ? 1.7839 1.5385 1.1717 0.1221  0.0614  -0.0073 31 SER A CA  
155 C C   . SER A 31 ? 1.8294 1.5498 1.2320 0.1209  0.0754  0.0167  31 SER A C   
156 O O   . SER A 31 ? 1.8087 1.5525 1.2425 0.1094  0.0779  0.0154  31 SER A O   
157 C CB  . SER A 31 ? 1.8633 1.5940 1.2201 0.0821  0.0605  -0.0286 31 SER A CB  
158 O OG  . SER A 31 ? 1.9600 1.6974 1.3302 0.0404  0.0665  -0.0418 31 SER A OG  
159 N N   . VAL A 32 ? 1.7957 1.4689 1.1777 0.1344  0.0839  0.0357  32 VAL A N   
160 C CA  . VAL A 32 ? 1.7672 1.4214 1.1658 0.1350  0.0948  0.0539  32 VAL A CA  
161 C C   . VAL A 32 ? 1.8534 1.4919 1.2512 0.1031  0.0940  0.0451  32 VAL A C   
162 O O   . VAL A 32 ? 1.8410 1.4878 1.2654 0.0964  0.0985  0.0522  32 VAL A O   
163 C CB  . VAL A 32 ? 1.8200 1.4444 1.1994 0.1574  0.1028  0.0683  32 VAL A CB  
164 C CG1 . VAL A 32 ? 1.7922 1.4156 1.1946 0.1571  0.1111  0.0802  32 VAL A CG1 
165 C CG2 . VAL A 32 ? 1.8274 1.4619 1.2013 0.1842  0.1089  0.0777  32 VAL A CG2 
166 N N   . SER A 33 ? 1.8520 1.4616 1.2116 0.0804  0.0897  0.0283  33 SER A N   
167 C CA  . SER A 33 ? 1.8677 1.4431 1.2050 0.0451  0.0924  0.0188  33 SER A CA  
168 C C   . SER A 33 ? 1.8521 1.4798 1.2267 0.0165  0.0937  0.0038  33 SER A C   
169 O O   . SER A 33 ? 1.8344 1.4504 1.2148 0.0001  0.0992  0.0070  33 SER A O   
170 C CB  . SER A 33 ? 2.0015 1.5170 1.2722 0.0243  0.0917  0.0037  33 SER A CB  
171 N N   . GLN A 34 ? 1.7747 1.4653 1.1742 0.0157  0.0876  -0.0137 34 GLN A N   
172 C CA  . GLN A 34 ? 1.7430 1.5000 1.1827 -0.0034 0.0878  -0.0325 34 GLN A CA  
173 C C   . GLN A 34 ? 1.7381 1.5160 1.2174 0.0220  0.0900  -0.0146 34 GLN A C   
174 O O   . GLN A 34 ? 1.7240 1.5228 1.2241 0.0021  0.0955  -0.0223 34 GLN A O   
175 C CB  . GLN A 34 ? 1.7651 1.5966 1.2216 -0.0023 0.0767  -0.0604 34 GLN A CB  
176 C CG  . GLN A 34 ? 1.9875 1.8996 1.4816 -0.0312 0.0780  -0.0918 34 GLN A CG  
177 C CD  . GLN A 34 ? 2.2571 2.1398 1.7301 -0.0919 0.0943  -0.1065 34 GLN A CD  
178 O OE1 . GLN A 34 ? 2.1825 2.0799 1.6772 -0.1064 0.1038  -0.1075 34 GLN A OE1 
179 N NE2 . GLN A 34 ? 2.2221 2.0522 1.6422 -0.1294 0.0997  -0.1181 34 GLN A NE2 
180 N N   . PHE A 35 ? 1.6663 1.4327 1.1495 0.0619  0.0885  0.0079  35 PHE A N   
181 C CA  . PHE A 35 ? 1.6315 1.4015 1.1393 0.0817  0.0940  0.0253  35 PHE A CA  
182 C C   . PHE A 35 ? 1.7083 1.4451 1.2188 0.0617  0.1023  0.0357  35 PHE A C   
183 O O   . PHE A 35 ? 1.6981 1.4494 1.2305 0.0554  0.1063  0.0353  35 PHE A O   
184 C CB  . PHE A 35 ? 1.6526 1.4019 1.1493 0.1170  0.0966  0.0461  35 PHE A CB  
185 C CG  . PHE A 35 ? 1.6534 1.3919 1.1627 0.1299  0.1066  0.0629  35 PHE A CG  
186 C CD1 . PHE A 35 ? 1.6962 1.4518 1.2081 0.1508  0.1044  0.0599  35 PHE A CD1 
187 C CD2 . PHE A 35 ? 1.6633 1.3734 1.1760 0.1227  0.1180  0.0792  35 PHE A CD2 
188 C CE1 . PHE A 35 ? 1.7158 1.4433 1.2244 0.1595  0.1162  0.0750  35 PHE A CE1 
189 C CE2 . PHE A 35 ? 1.6941 1.3920 1.2141 0.1260  0.1296  0.0913  35 PHE A CE2 
190 C CZ  . PHE A 35 ? 1.6885 1.3865 1.2017 0.1421  0.1301  0.0902  35 PHE A CZ  
191 N N   . MET A 36 ? 1.7024 1.3940 1.1852 0.0564  0.1034  0.0433  36 MET A N   
192 C CA  . MET A 36 ? 1.7146 1.3712 1.1885 0.0460  0.1066  0.0518  36 MET A CA  
193 C C   . MET A 36 ? 1.7281 1.3776 1.1940 0.0116  0.1089  0.0384  36 MET A C   
194 O O   . MET A 36 ? 1.7160 1.3591 1.1917 0.0059  0.1117  0.0443  36 MET A O   
195 C CB  . MET A 36 ? 1.7968 1.4069 1.2308 0.0570  0.1037  0.0575  36 MET A CB  
196 C CG  . MET A 36 ? 1.8609 1.4815 1.3089 0.0888  0.1061  0.0725  36 MET A CG  
197 S SD  . MET A 36 ? 1.9910 1.5682 1.3980 0.1103  0.1014  0.0765  36 MET A SD  
198 C CE  . MET A 36 ? 1.9748 1.5148 1.3592 0.0912  0.0958  0.0736  36 MET A CE  
199 N N   . LEU A 37 ? 1.6714 1.3233 1.1171 -0.0150 0.1094  0.0180  37 LEU A N   
200 C CA  . LEU A 37 ? 1.6632 1.3107 1.0964 -0.0563 0.1173  0.0011  37 LEU A CA  
201 C C   . LEU A 37 ? 1.6551 1.3700 1.1412 -0.0561 0.1200  -0.0065 37 LEU A C   
202 O O   . LEU A 37 ? 1.6387 1.3432 1.1301 -0.0646 0.1254  -0.0016 37 LEU A O   
203 C CB  . LEU A 37 ? 1.7039 1.3452 1.1028 -0.0928 0.1211  -0.0237 37 LEU A CB  
204 C CG  . LEU A 37 ? 1.8224 1.3816 1.1520 -0.0957 0.1199  -0.0201 37 LEU A CG  
205 C CD1 . LEU A 37 ? 1.8717 1.4294 1.1685 -0.1412 0.1267  -0.0493 37 LEU A CD1 
206 C CD2 . LEU A 37 ? 1.9115 1.3805 1.1828 -0.0986 0.1235  -0.0062 37 LEU A CD2 
207 N N   . ASN A 38 ? 1.5998 1.3795 1.1193 -0.0389 0.1144  -0.0179 38 ASN A N   
208 C CA  . ASN A 38 ? 1.5746 1.4183 1.1372 -0.0250 0.1143  -0.0271 38 ASN A CA  
209 C C   . ASN A 38 ? 1.6192 1.4389 1.1938 -0.0067 0.1180  -0.0056 38 ASN A C   
210 O O   . ASN A 38 ? 1.6154 1.4538 1.2051 -0.0186 0.1244  -0.0139 38 ASN A O   
211 C CB  . ASN A 38 ? 1.5739 1.4727 1.1546 0.0097  0.1025  -0.0362 38 ASN A CB  
212 C CG  . ASN A 38 ? 1.9871 1.9473 1.5732 -0.0120 0.0978  -0.0703 38 ASN A CG  
213 O OD1 . ASN A 38 ? 1.9552 1.9749 1.5575 0.0174  0.0851  -0.0842 38 ASN A OD1 
214 N ND2 . ASN A 38 ? 1.9229 1.8692 1.4898 -0.0652 0.1083  -0.0868 38 ASN A ND2 
215 N N   . SER A 39 ? 1.5685 1.3490 1.1348 0.0177  0.1161  0.0191  39 SER A N   
216 C CA  . SER A 39 ? 1.5522 1.3104 1.1273 0.0273  0.1213  0.0364  39 SER A CA  
217 C C   . SER A 39 ? 1.5942 1.3233 1.1595 -0.0005 0.1253  0.0377  39 SER A C   
218 O O   . SER A 39 ? 1.5787 1.3127 1.1558 -0.0071 0.1302  0.0359  39 SER A O   
219 C CB  . SER A 39 ? 1.5959 1.3301 1.1652 0.0514  0.1222  0.0566  39 SER A CB  
220 O OG  . SER A 39 ? 1.7173 1.4312 1.2681 0.0510  0.1187  0.0614  39 SER A OG  
221 N N   . ALA A 40 ? 1.5633 1.2570 1.0978 -0.0147 0.1226  0.0387  40 ALA A N   
222 C CA  . ALA A 40 ? 1.5820 1.2360 1.0894 -0.0355 0.1241  0.0394  40 ALA A CA  
223 C C   . ALA A 40 ? 1.6528 1.3211 1.1596 -0.0669 0.1333  0.0216  40 ALA A C   
224 O O   . ALA A 40 ? 1.6510 1.3030 1.1515 -0.0781 0.1369  0.0233  40 ALA A O   
225 C CB  . ALA A 40 ? 1.6357 1.2362 1.0921 -0.0387 0.1195  0.0416  40 ALA A CB  
226 N N   . SER A 41 ? 1.6292 1.3363 1.1443 -0.0813 0.1374  0.0019  41 SER A N   
227 C CA  . SER A 41 ? 1.6394 1.3821 1.1610 -0.1141 0.1490  -0.0224 41 SER A CA  
228 C C   . SER A 41 ? 1.6593 1.4481 1.2220 -0.0989 0.1519  -0.0255 41 SER A C   
229 O O   . SER A 41 ? 1.6729 1.4584 1.2292 -0.1222 0.1624  -0.0337 41 SER A O   
230 C CB  . SER A 41 ? 1.6988 1.4928 1.2291 -0.1291 0.1501  -0.0472 41 SER A CB  
231 O OG  . SER A 41 ? 1.8521 1.7092 1.4036 -0.1590 0.1623  -0.0772 41 SER A OG  
232 N N   . GLN A 42 ? 1.5902 1.4112 1.1839 -0.0591 0.1439  -0.0192 42 GLN A N   
233 C CA  . GLN A 42 ? 1.5739 1.4230 1.1924 -0.0381 0.1465  -0.0219 42 GLN A CA  
234 C C   . GLN A 42 ? 1.6190 1.4148 1.2269 -0.0350 0.1486  -0.0011 42 GLN A C   
235 O O   . GLN A 42 ? 1.6338 1.4355 1.2477 -0.0364 0.1552  -0.0070 42 GLN A O   
236 C CB  . GLN A 42 ? 1.5856 1.4743 1.2223 0.0057  0.1381  -0.0249 42 GLN A CB  
237 C CG  . GLN A 42 ? 1.7837 1.6315 1.4064 0.0332  0.1311  -0.0007 42 GLN A CG  
238 C CD  . GLN A 42 ? 2.0442 1.9244 1.6695 0.0759  0.1226  -0.0066 42 GLN A CD  
239 O OE1 . GLN A 42 ? 2.0541 1.9215 1.6708 0.1083  0.1236  -0.0018 42 GLN A OE1 
240 N NE2 . GLN A 42 ? 1.8306 1.7457 1.4579 0.0788  0.1135  -0.0181 42 GLN A NE2 
241 N N   . ARG A 43 ? 1.5454 1.2961 1.1382 -0.0318 0.1432  0.0194  43 ARG A N   
242 C CA  . ARG A 43 ? 1.5298 1.2442 1.1168 -0.0328 0.1438  0.0339  43 ARG A CA  
243 C C   . ARG A 43 ? 1.5912 1.2819 1.1562 -0.0612 0.1459  0.0289  43 ARG A C   
244 O O   . ARG A 43 ? 1.5950 1.2707 1.1584 -0.0652 0.1475  0.0319  43 ARG A O   
245 C CB  . ARG A 43 ? 1.5192 1.2134 1.1034 -0.0196 0.1378  0.0511  43 ARG A CB  
246 C CG  . ARG A 43 ? 1.7183 1.3915 1.3000 -0.0259 0.1360  0.0595  43 ARG A CG  
247 C CD  . ARG A 43 ? 1.9674 1.6382 1.5619 -0.0217 0.1438  0.0641  43 ARG A CD  
248 N NE  . ARG A 43 ? 2.2048 1.8662 1.7986 -0.0369 0.1414  0.0641  43 ARG A NE  
249 C CZ  . ARG A 43 ? 2.4118 2.0799 2.0073 -0.0377 0.1326  0.0670  43 ARG A CZ  
250 N NH1 . ARG A 43 ? 2.1121 1.7897 1.7079 -0.0234 0.1272  0.0718  43 ARG A NH1 
251 N NH2 . ARG A 43 ? 2.3282 1.9981 1.9243 -0.0496 0.1278  0.0626  43 ARG A NH2 
252 N N   . ALA A 44 ? 1.5565 1.2361 1.0954 -0.0828 0.1474  0.0201  44 ALA A N   
253 C CA  . ALA A 44 ? 1.5784 1.2198 1.0776 -0.1118 0.1528  0.0149  44 ALA A CA  
254 C C   . ALA A 44 ? 1.6066 1.2770 1.1206 -0.1264 0.1656  -0.0001 44 ALA A C   
255 O O   . ALA A 44 ? 1.6130 1.2548 1.1083 -0.1353 0.1675  0.0026  44 ALA A O   
256 C CB  . ALA A 44 ? 1.6295 1.2443 1.0873 -0.1367 0.1576  0.0059  44 ALA A CB  
257 N N   . ALA A 45 ? 1.5483 1.2811 1.0972 -0.1228 0.1722  -0.0173 45 ALA A N   
258 C CA  . ALA A 45 ? 1.5486 1.3265 1.1186 -0.1268 0.1841  -0.0363 45 ALA A CA  
259 C C   . ALA A 45 ? 1.6025 1.3625 1.1800 -0.1039 0.1817  -0.0252 45 ALA A C   
260 O O   . ALA A 45 ? 1.6006 1.3500 1.1660 -0.1184 0.1907  -0.0317 45 ALA A O   
261 C CB  . ALA A 45 ? 1.5395 1.3965 1.1479 -0.1107 0.1844  -0.0567 45 ALA A CB  
262 N N   . GLU A 46 ? 1.5730 1.3231 1.1631 -0.0724 0.1717  -0.0092 46 GLU A N   
263 C CA  . GLU A 46 ? 1.5909 1.3128 1.1797 -0.0558 0.1715  0.0011  46 GLU A CA  
264 C C   . GLU A 46 ? 1.6476 1.3268 1.2143 -0.0785 0.1703  0.0085  46 GLU A C   
265 O O   . GLU A 46 ? 1.6861 1.3515 1.2458 -0.0807 0.1757  0.0045  46 GLU A O   
266 C CB  . GLU A 46 ? 1.6107 1.3157 1.2038 -0.0312 0.1649  0.0182  46 GLU A CB  
267 C CG  . GLU A 46 ? 1.8296 1.5633 1.4325 0.0010  0.1635  0.0138  46 GLU A CG  
268 C CD  . GLU A 46 ? 2.3475 2.0576 1.9441 0.0193  0.1596  0.0315  46 GLU A CD  
269 O OE1 . GLU A 46 ? 2.3909 2.0640 1.9792 0.0089  0.1618  0.0456  46 GLU A OE1 
270 O OE2 . GLU A 46 ? 2.3710 2.1048 1.9705 0.0427  0.1548  0.0287  46 GLU A OE2 
271 N N   . VAL A 47 ? 1.5682 1.2248 1.1185 -0.0904 0.1614  0.0179  47 VAL A N   
272 C CA  . VAL A 47 ? 1.5724 1.1919 1.0957 -0.1027 0.1535  0.0244  47 VAL A CA  
273 C C   . VAL A 47 ? 1.6695 1.2697 1.1605 -0.1264 0.1616  0.0136  47 VAL A C   
274 O O   . VAL A 47 ? 1.6807 1.2571 1.1538 -0.1322 0.1585  0.0142  47 VAL A O   
275 C CB  . VAL A 47 ? 1.6174 1.2208 1.1258 -0.0963 0.1403  0.0351  47 VAL A CB  
276 C CG1 . VAL A 47 ? 1.6566 1.2214 1.1238 -0.1020 0.1291  0.0378  47 VAL A CG1 
277 C CG2 . VAL A 47 ? 1.5847 1.2077 1.1238 -0.0761 0.1345  0.0451  47 VAL A CG2 
278 N N   . ILE A 48 ? 1.6631 1.2748 1.1438 -0.1435 0.1735  0.0015  48 ILE A N   
279 C CA  . ILE A 48 ? 1.7094 1.3055 1.1553 -0.1739 0.1886  -0.0122 48 ILE A CA  
280 C C   . ILE A 48 ? 1.8039 1.4248 1.2699 -0.1703 0.1984  -0.0230 48 ILE A C   
281 O O   . ILE A 48 ? 1.8354 1.4220 1.2688 -0.1832 0.2014  -0.0239 48 ILE A O   
282 C CB  . ILE A 48 ? 1.7534 1.3768 1.1964 -0.1989 0.2041  -0.0292 48 ILE A CB  
283 C CG1 . ILE A 48 ? 1.7744 1.3537 1.1786 -0.2076 0.1974  -0.0207 48 ILE A CG1 
284 C CG2 . ILE A 48 ? 1.8056 1.4322 1.2234 -0.2354 0.2275  -0.0496 48 ILE A CG2 
285 C CD1 . ILE A 48 ? 1.8644 1.3565 1.1967 -0.2125 0.1894  -0.0067 48 ILE A CD1 
286 N N   . GLU A 49 ? 1.7618 1.4364 1.2732 -0.1484 0.2024  -0.0315 49 GLU A N   
287 C CA  . GLU A 49 ? 1.7722 1.4663 1.2966 -0.1351 0.2115  -0.0431 49 GLU A CA  
288 C C   . GLU A 49 ? 1.8500 1.4956 1.3597 -0.1264 0.2032  -0.0299 49 GLU A C   
289 O O   . GLU A 49 ? 1.8818 1.5120 1.3737 -0.1335 0.2112  -0.0382 49 GLU A O   
290 C CB  . GLU A 49 ? 1.7703 1.5233 1.3332 -0.1025 0.2134  -0.0548 49 GLU A CB  
291 C CG  . GLU A 49 ? 1.9650 1.7431 1.5335 -0.0830 0.2246  -0.0731 49 GLU A CG  
292 C CD  . GLU A 49 ? 2.4130 2.2209 1.9746 -0.1097 0.2437  -0.0966 49 GLU A CD  
293 O OE1 . GLU A 49 ? 2.4523 2.2911 2.0151 -0.1438 0.2533  -0.1088 49 GLU A OE1 
294 O OE2 . GLU A 49 ? 2.3900 2.1859 1.9393 -0.0990 0.2515  -0.1044 49 GLU A OE2 
295 N N   . GLN A 50 ? 1.7983 1.4230 1.3142 -0.1151 0.1890  -0.0122 50 GLN A N   
296 C CA  . GLN A 50 ? 1.8162 1.4049 1.3217 -0.1153 0.1820  -0.0037 50 GLN A CA  
297 C C   . GLN A 50 ? 1.8804 1.4404 1.3520 -0.1381 0.1773  -0.0059 50 GLN A C   
298 O O   . GLN A 50 ? 1.9083 1.4485 1.3637 -0.1439 0.1816  -0.0127 50 GLN A O   
299 C CB  . GLN A 50 ? 1.8239 1.4111 1.3455 -0.1063 0.1704  0.0113  50 GLN A CB  
300 C CG  . GLN A 50 ? 2.2156 1.7842 1.7301 -0.1181 0.1594  0.0162  50 GLN A CG  
301 C CD  . GLN A 50 ? 2.6288 2.1725 2.1337 -0.1254 0.1665  0.0104  50 GLN A CD  
302 O OE1 . GLN A 50 ? 2.6032 2.1307 2.1017 -0.1142 0.1800  0.0066  50 GLN A OE1 
303 N NE2 . GLN A 50 ? 2.5701 2.1087 2.0684 -0.1426 0.1563  0.0077  50 GLN A NE2 
304 N N   . HIS A 51 ? 1.8213 1.3711 1.2722 -0.1481 0.1693  -0.0010 51 HIS A N   
305 C CA  . HIS A 51 ? 1.8568 1.3677 1.2594 -0.1631 0.1626  -0.0013 51 HIS A CA  
306 C C   . HIS A 51 ? 1.9246 1.4229 1.2980 -0.1823 0.1815  -0.0151 51 HIS A C   
307 O O   . HIS A 51 ? 1.9666 1.4317 1.3027 -0.1912 0.1784  -0.0178 51 HIS A O   
308 C CB  . HIS A 51 ? 1.8899 1.3789 1.2631 -0.1624 0.1521  0.0073  51 HIS A CB  
309 C CG  . HIS A 51 ? 2.0002 1.4345 1.3061 -0.1696 0.1429  0.0087  51 HIS A CG  
310 N ND1 . HIS A 51 ? 2.0793 1.4703 1.3274 -0.1922 0.1585  0.0038  51 HIS A ND1 
311 C CD2 . HIS A 51 ? 2.0510 1.4680 1.3343 -0.1559 0.1198  0.0125  51 HIS A CD2 
312 C CE1 . HIS A 51 ? 2.1386 1.4724 1.3203 -0.1880 0.1441  0.0082  51 HIS A CE1 
313 N NE2 . HIS A 51 ? 2.1251 1.4786 1.3286 -0.1628 0.1180  0.0126  51 HIS A NE2 
314 N N   . ARG A 52 ? 1.8519 1.3838 1.2427 -0.1887 0.2011  -0.0267 52 ARG A N   
315 C CA  . ARG A 52 ? 1.8698 1.4083 1.2420 -0.2082 0.2238  -0.0449 52 ARG A CA  
316 C C   . ARG A 52 ? 1.9029 1.4383 1.2809 -0.1960 0.2255  -0.0508 52 ARG A C   
317 O O   . ARG A 52 ? 1.9323 1.4361 1.2703 -0.2110 0.2318  -0.0568 52 ARG A O   
318 C CB  . ARG A 52 ? 1.8548 1.4585 1.2634 -0.2118 0.2422  -0.0623 52 ARG A CB  
319 C CG  . ARG A 52 ? 2.0362 1.6670 1.4343 -0.2335 0.2691  -0.0870 52 ARG A CG  
320 C CD  . ARG A 52 ? 2.1624 1.8854 1.6140 -0.2248 0.2831  -0.1107 52 ARG A CD  
321 N NE  . ARG A 52 ? 2.2858 2.0441 1.7674 -0.1872 0.2844  -0.1215 52 ARG A NE  
322 C CZ  . ARG A 52 ? 2.5137 2.2962 1.9897 -0.1896 0.3036  -0.1431 52 ARG A CZ  
323 N NH1 . ARG A 52 ? 2.3408 2.1183 1.7837 -0.2333 0.3256  -0.1563 52 ARG A NH1 
324 N NH2 . ARG A 52 ? 2.3922 2.1957 1.8864 -0.1475 0.3027  -0.1521 52 ARG A NH2 
325 N N   . ARG A 53 ? 1.8296 1.3850 1.2460 -0.1691 0.2202  -0.0480 53 ARG A N   
326 C CA  . ARG A 53 ? 1.8437 1.3815 1.2569 -0.1555 0.2225  -0.0528 53 ARG A CA  
327 C C   . ARG A 53 ? 1.9220 1.4102 1.3032 -0.1691 0.2089  -0.0460 53 ARG A C   
328 O O   . ARG A 53 ? 1.9616 1.4254 1.3164 -0.1742 0.2159  -0.0562 53 ARG A O   
329 C CB  . ARG A 53 ? 1.8161 1.3662 1.2595 -0.1248 0.2205  -0.0486 53 ARG A CB  
330 C CG  . ARG A 53 ? 1.9575 1.5589 1.4243 -0.0992 0.2337  -0.0640 53 ARG A CG  
331 C CD  . ARG A 53 ? 2.2206 1.8129 1.6955 -0.0610 0.2304  -0.0591 53 ARG A CD  
332 N NE  . ARG A 53 ? 2.4402 2.0574 1.9417 -0.0518 0.2206  -0.0474 53 ARG A NE  
333 C CZ  . ARG A 53 ? 2.6668 2.2516 2.1672 -0.0553 0.2103  -0.0281 53 ARG A CZ  
334 N NH1 . ARG A 53 ? 2.5596 2.0926 2.0380 -0.0708 0.2081  -0.0204 53 ARG A NH1 
335 N NH2 . ARG A 53 ? 2.4511 2.0609 1.9735 -0.0454 0.2031  -0.0195 53 ARG A NH2 
336 N N   . VAL A 54 ? 1.8485 1.3284 1.2316 -0.1733 0.1888  -0.0323 54 VAL A N   
337 C CA  . VAL A 54 ? 1.8624 1.3152 1.2220 -0.1834 0.1717  -0.0309 54 VAL A CA  
338 C C   . VAL A 54 ? 1.9673 1.3893 1.2734 -0.1979 0.1702  -0.0362 54 VAL A C   
339 O O   . VAL A 54 ? 1.9973 1.3953 1.2756 -0.2058 0.1642  -0.0435 54 VAL A O   
340 C CB  . VAL A 54 ? 1.8804 1.3492 1.2613 -0.1789 0.1499  -0.0206 54 VAL A CB  
341 C CG1 . VAL A 54 ? 1.8306 1.3257 1.2550 -0.1655 0.1552  -0.0124 54 VAL A CG1 
342 C CG2 . VAL A 54 ? 1.8939 1.3562 1.2476 -0.1767 0.1323  -0.0143 54 VAL A CG2 
343 N N   . ILE A 55 ? 1.9518 1.3682 1.2356 -0.2042 0.1777  -0.0339 55 ILE A N   
344 C CA  . ILE A 55 ? 2.0210 1.3925 1.2373 -0.2207 0.1819  -0.0377 55 ILE A CA  
345 C C   . ILE A 55 ? 2.1045 1.4727 1.3068 -0.2329 0.2063  -0.0538 55 ILE A C   
346 O O   . ILE A 55 ? 2.1517 1.4807 1.3039 -0.2418 0.2039  -0.0587 55 ILE A O   
347 C CB  . ILE A 55 ? 2.0801 1.4322 1.2647 -0.2299 0.1876  -0.0311 55 ILE A CB  
348 C CG1 . ILE A 55 ? 2.0916 1.4260 1.2631 -0.2113 0.1585  -0.0158 55 ILE A CG1 
349 C CG2 . ILE A 55 ? 2.1548 1.4560 1.2641 -0.2563 0.2075  -0.0384 55 ILE A CG2 
350 C CD1 . ILE A 55 ? 2.2672 1.5646 1.3882 -0.1971 0.1285  -0.0128 55 ILE A CD1 
351 N N   . LEU A 56 ? 2.0352 1.4487 1.2814 -0.2284 0.2277  -0.0638 56 LEU A N   
352 C CA  . LEU A 56 ? 2.0437 1.4736 1.2908 -0.2293 0.2521  -0.0828 56 LEU A CA  
353 C C   . LEU A 56 ? 2.0696 1.4689 1.3035 -0.2198 0.2445  -0.0865 56 LEU A C   
354 O O   . LEU A 56 ? 2.0985 1.4794 1.2990 -0.2268 0.2587  -0.1001 56 LEU A O   
355 C CB  . LEU A 56 ? 2.0047 1.4992 1.3108 -0.2094 0.2648  -0.0917 56 LEU A CB  
356 C CG  . LEU A 56 ? 2.0824 1.6241 1.3954 -0.2125 0.2939  -0.1167 56 LEU A CG  
357 C CD1 . LEU A 56 ? 2.0780 1.6669 1.4057 -0.2351 0.3080  -0.1244 56 LEU A CD1 
358 C CD2 . LEU A 56 ? 2.0886 1.6678 1.4391 -0.1724 0.2979  -0.1283 56 LEU A CD2 
359 N N   . ASN A 57 ? 1.9843 1.3778 1.2416 -0.2076 0.2249  -0.0763 57 ASN A N   
360 C CA  . ASN A 57 ? 2.0095 1.3699 1.2516 -0.2067 0.2183  -0.0813 57 ASN A CA  
361 C C   . ASN A 57 ? 2.0929 1.4196 1.2897 -0.2252 0.1998  -0.0814 57 ASN A C   
362 O O   . ASN A 57 ? 2.1225 1.4172 1.2833 -0.2327 0.2030  -0.0932 57 ASN A O   
363 C CB  . ASN A 57 ? 2.0039 1.3697 1.2816 -0.1954 0.2093  -0.0732 57 ASN A CB  
364 C CG  . ASN A 57 ? 2.3094 1.6381 1.5670 -0.2078 0.2005  -0.0787 57 ASN A CG  
365 O OD1 . ASN A 57 ? 2.3285 1.6203 1.5568 -0.2066 0.2132  -0.0908 57 ASN A OD1 
366 N ND2 . ASN A 57 ? 2.1482 1.4891 1.4187 -0.2209 0.1791  -0.0728 57 ASN A ND2 
367 N N   . GLU A 58 ? 2.0564 1.3883 1.2490 -0.2278 0.1793  -0.0697 58 GLU A N   
368 C CA  . GLU A 58 ? 2.1034 1.4075 1.2469 -0.2348 0.1561  -0.0700 58 GLU A CA  
369 C C   . GLU A 58 ? 2.2260 1.4866 1.3026 -0.2466 0.1712  -0.0782 58 GLU A C   
370 O O   . GLU A 58 ? 2.2760 1.5054 1.3060 -0.2519 0.1584  -0.0859 58 GLU A O   
371 C CB  . GLU A 58 ? 2.1076 1.4208 1.2496 -0.2243 0.1347  -0.0561 58 GLU A CB  
372 N N   . GLU A 59 ? 2.1759 1.4408 1.2499 -0.2527 0.2003  -0.0795 59 GLU A N   
373 C CA  . GLU A 59 ? 2.2227 1.4583 1.2415 -0.2698 0.2260  -0.0899 59 GLU A CA  
374 C C   . GLU A 59 ? 2.3061 1.5402 1.3229 -0.2695 0.2425  -0.1077 59 GLU A C   
375 O O   . GLU A 59 ? 2.3671 1.5652 1.3245 -0.2828 0.2555  -0.1173 59 GLU A O   
376 C CB  . GLU A 59 ? 2.2223 1.4838 1.2536 -0.2819 0.2539  -0.0914 59 GLU A CB  
377 N N   . SER A 60 ? 2.2251 1.4876 1.2956 -0.2528 0.2432  -0.1122 60 SER A N   
378 C CA  . SER A 60 ? 2.2493 1.4964 1.3083 -0.2461 0.2575  -0.1290 60 SER A CA  
379 C C   . SER A 60 ? 2.3227 1.5220 1.3393 -0.2558 0.2368  -0.1324 60 SER A C   
380 O O   . SER A 60 ? 2.3820 1.5478 1.3521 -0.2613 0.2477  -0.1464 60 SER A O   
381 C CB  . SER A 60 ? 2.2725 1.5440 1.3822 -0.2217 0.2635  -0.1308 60 SER A CB  
382 O OG  . SER A 60 ? 2.4444 1.7706 1.5924 -0.2083 0.2827  -0.1342 60 SER A OG  
383 N N   . TRP A 61 ? 2.2308 1.4341 1.2656 -0.2584 0.2073  -0.1227 61 TRP A N   
384 C CA  . TRP A 61 ? 2.2529 1.4303 1.2572 -0.2707 0.1832  -0.1304 61 TRP A CA  
385 C C   . TRP A 61 ? 2.3590 1.5061 1.2965 -0.2781 0.1723  -0.1328 61 TRP A C   
386 O O   . TRP A 61 ? 2.4051 1.5172 1.2951 -0.2873 0.1697  -0.1472 61 TRP A O   
387 C CB  . TRP A 61 ? 2.1868 1.3977 1.2348 -0.2724 0.1561  -0.1235 61 TRP A CB  
388 C CG  . TRP A 61 ? 2.1764 1.3879 1.2598 -0.2755 0.1656  -0.1277 61 TRP A CG  
389 C CD1 . TRP A 61 ? 2.1645 1.3958 1.2942 -0.2622 0.1783  -0.1171 61 TRP A CD1 
390 C CD2 . TRP A 61 ? 2.2223 1.3986 1.2825 -0.2935 0.1668  -0.1446 61 TRP A CD2 
391 N NE1 . TRP A 61 ? 2.1795 1.3824 1.3098 -0.2691 0.1873  -0.1243 61 TRP A NE1 
392 C CE2 . TRP A 61 ? 2.2566 1.4231 1.3438 -0.2911 0.1818  -0.1417 61 TRP A CE2 
393 C CE3 . TRP A 61 ? 2.2992 1.4448 1.3105 -0.3127 0.1567  -0.1629 61 TRP A CE3 
394 C CZ2 . TRP A 61 ? 2.3016 1.4192 1.3623 -0.3113 0.1895  -0.1559 61 TRP A CZ2 
395 C CZ3 . TRP A 61 ? 2.3627 1.4706 1.3567 -0.3341 0.1630  -0.1790 61 TRP A CZ3 
396 C CH2 . TRP A 61 ? 2.3656 1.4546 1.3808 -0.3348 0.1809  -0.1752 61 TRP A CH2 
397 N N   . THR A 62 ? 2.3206 1.4695 1.2422 -0.2739 0.1685  -0.1194 62 THR A N   
398 C CA  . THR A 62 ? 2.3890 1.4899 1.2270 -0.2778 0.1602  -0.1188 62 THR A CA  
399 C C   . THR A 62 ? 2.4580 1.5219 1.2453 -0.2910 0.1953  -0.1306 62 THR A C   
400 O O   . THR A 62 ? 2.5207 1.5351 1.2311 -0.2967 0.1892  -0.1367 62 THR A O   
401 C CB  . THR A 62 ? 2.5120 1.6044 1.3287 -0.2687 0.1475  -0.1012 62 THR A CB  
402 O OG1 . THR A 62 ? 2.6471 1.6736 1.3631 -0.2693 0.1395  -0.1007 62 THR A OG1 
403 C CG2 . THR A 62 ? 2.4493 1.5566 1.2935 -0.2750 0.1783  -0.0927 62 THR A CG2 
404 N N   . ARG A 63 ? 2.3650 1.4588 1.1960 -0.2920 0.2299  -0.1367 63 ARG A N   
405 C CA  . ARG A 63 ? 2.3974 1.4794 1.1988 -0.3001 0.2665  -0.1533 63 ARG A CA  
406 C C   . ARG A 63 ? 2.4784 1.5319 1.2575 -0.2967 0.2626  -0.1695 63 ARG A C   
407 O O   . ARG A 63 ? 2.5484 1.5638 1.2642 -0.3057 0.2777  -0.1819 63 ARG A O   
408 C CB  . ARG A 63 ? 2.3416 1.4842 1.2086 -0.2926 0.2975  -0.1588 63 ARG A CB  
409 C CG  . ARG A 63 ? 2.4825 1.6376 1.3323 -0.2962 0.3374  -0.1807 63 ARG A CG  
410 N N   . VAL A 64 ? 2.3857 1.4508 1.2092 -0.2875 0.2448  -0.1705 64 VAL A N   
411 C CA  . VAL A 64 ? 2.4166 1.4451 1.2146 -0.2896 0.2409  -0.1869 64 VAL A CA  
412 C C   . VAL A 64 ? 2.5065 1.4994 1.2454 -0.3049 0.2118  -0.1920 64 VAL A C   
413 O O   . VAL A 64 ? 2.5695 1.5187 1.2483 -0.3115 0.2189  -0.2074 64 VAL A O   
414 C CB  . VAL A 64 ? 2.4269 1.4662 1.2772 -0.2821 0.2357  -0.1867 64 VAL A CB  
415 C CG1 . VAL A 64 ? 2.4785 1.4716 1.2939 -0.2975 0.2228  -0.2025 64 VAL A CG1 
416 C CG2 . VAL A 64 ? 2.4069 1.4605 1.2865 -0.2573 0.2671  -0.1902 64 VAL A CG2 
417 N N   . MET A 65 ? 2.4344 1.4495 1.1870 -0.3064 0.1779  -0.1807 65 MET A N   
418 C CA  . MET A 65 ? 2.4814 1.4787 1.1815 -0.3121 0.1425  -0.1867 65 MET A CA  
419 C C   . MET A 65 ? 2.6215 1.5664 1.2318 -0.3118 0.1514  -0.1862 65 MET A C   
420 O O   . MET A 65 ? 2.6741 1.5848 1.2195 -0.3156 0.1320  -0.1983 65 MET A O   
421 C CB  . MET A 65 ? 2.4644 1.5071 1.1997 -0.3027 0.1065  -0.1749 65 MET A CB  
422 C CG  . MET A 65 ? 2.4331 1.5292 1.2530 -0.3073 0.0996  -0.1755 65 MET A CG  
423 S SD  . MET A 65 ? 2.5108 1.5993 1.3342 -0.3345 0.0952  -0.2026 65 MET A SD  
424 C CE  . MET A 65 ? 2.4970 1.6290 1.3056 -0.3390 0.0428  -0.2180 65 MET A CE  
425 N N   . ASP A 66 ? 2.5886 1.5267 1.1912 -0.3104 0.1821  -0.1741 66 ASP A N   
426 C CA  . ASP A 66 ? 2.6681 1.5504 1.1805 -0.3179 0.2014  -0.1732 66 ASP A CA  
427 C C   . ASP A 66 ? 2.8098 1.6600 1.2799 -0.3272 0.2252  -0.1938 66 ASP A C   
428 O O   . ASP A 66 ? 2.9101 1.7041 1.2906 -0.3318 0.2173  -0.1998 66 ASP A O   
429 C CB  . ASP A 66 ? 2.6603 1.5535 1.1850 -0.3250 0.2354  -0.1614 66 ASP A CB  
430 N N   . ALA A 67 ? 2.7345 1.6154 1.2615 -0.3251 0.2511  -0.2055 67 ALA A N   
431 C CA  . ALA A 67 ? 2.7973 1.6468 1.2841 -0.3276 0.2747  -0.2270 67 ALA A CA  
432 C C   . ALA A 67 ? 2.8970 1.7120 1.3522 -0.3311 0.2442  -0.2402 67 ALA A C   
433 O O   . ALA A 67 ? 2.9714 1.7358 1.3468 -0.3382 0.2452  -0.2526 67 ALA A O   
434 C CB  . ALA A 67 ? 2.7642 1.6524 1.3128 -0.3142 0.3075  -0.2364 67 ALA A CB  
435 N N   . LEU A 68 ? 2.8182 1.6606 1.3327 -0.3299 0.2193  -0.2396 68 LEU A N   
436 C CA  . LEU A 68 ? 2.8611 1.6830 1.3569 -0.3425 0.1910  -0.2561 68 LEU A CA  
437 C C   . LEU A 68 ? 3.0442 1.8453 1.4709 -0.3489 0.1560  -0.2611 68 LEU A C   
438 O O   . LEU A 68 ? 3.1187 1.8784 1.4858 -0.3594 0.1501  -0.2814 68 LEU A O   
439 C CB  . LEU A 68 ? 2.7855 1.6502 1.3580 -0.3472 0.1723  -0.2526 68 LEU A CB  
440 N N   . SER A 69 ? 3.0283 1.8504 1.4520 -0.3386 0.1334  -0.2436 69 SER A N   
441 C CA  . SER A 69 ? 3.1107 1.9108 1.4596 -0.3325 0.0955  -0.2465 69 SER A CA  
442 C C   . SER A 69 ? 3.2716 1.9962 1.5110 -0.3341 0.1128  -0.2523 69 SER A C   
443 O O   . SER A 69 ? 3.3481 2.0453 1.5185 -0.3328 0.0823  -0.2662 69 SER A O   
444 C CB  . SER A 69 ? 3.1453 1.9701 1.5035 -0.3125 0.0716  -0.2249 69 SER A CB  
445 O OG  . SER A 69 ? 3.3543 2.1690 1.6479 -0.2967 0.0249  -0.2310 69 SER A OG  
446 N N   . ASN A 70 ? 3.2342 1.9316 1.4575 -0.3381 0.1617  -0.2448 70 ASN A N   
447 C CA  . ASN A 70 ? 3.5438 2.3089 1.8079 -0.3073 0.1695  -0.2463 70 ASN A CA  
448 C C   . ASN A 70 ? 3.5681 2.5106 2.0146 -0.2581 0.1456  -0.2651 70 ASN A C   
449 O O   . ASN A 70 ? 3.3484 1.9624 1.4817 -0.3563 0.2190  -0.2893 70 ASN A O   
450 C CB  . ASN A 70 ? 3.5302 2.2985 1.8030 -0.3131 0.2191  -0.2357 70 ASN A CB  
451 C CG  . ASN A 70 ? 3.5627 2.5979 2.0719 -0.2324 0.1860  -0.2198 70 ASN A CG  
452 O OD1 . ASN A 70 ? 3.5327 2.5488 1.9967 -0.2319 0.1912  -0.2349 70 ASN A OD1 
453 N ND2 . ASN A 70 ? 3.5410 2.4883 1.9490 -0.2570 0.2074  -0.2033 70 ASN A ND2 
# 
